data_1PZ4
# 
_entry.id   1PZ4 
# 
_audit_conform.dict_name       mmcif_pdbx.dic 
_audit_conform.dict_version    5.386 
_audit_conform.dict_location   http://mmcif.pdb.org/dictionaries/ascii/mmcif_pdbx.dic 
# 
loop_
_database_2.database_id 
_database_2.database_code 
_database_2.pdbx_database_accession 
_database_2.pdbx_DOI 
PDB   1PZ4         pdb_00001pz4 10.2210/pdb1pz4/pdb 
RCSB  RCSB019715   ?            ?                   
WWPDB D_1000019715 ?            ?                   
# 
loop_
_pdbx_audit_revision_history.ordinal 
_pdbx_audit_revision_history.data_content_type 
_pdbx_audit_revision_history.major_revision 
_pdbx_audit_revision_history.minor_revision 
_pdbx_audit_revision_history.revision_date 
1 'Structure model' 1 0 2003-09-30 
2 'Structure model' 1 1 2008-04-29 
3 'Structure model' 1 2 2011-07-13 
4 'Structure model' 1 3 2024-02-14 
# 
_pdbx_audit_revision_details.ordinal             1 
_pdbx_audit_revision_details.revision_ordinal    1 
_pdbx_audit_revision_details.data_content_type   'Structure model' 
_pdbx_audit_revision_details.provider            repository 
_pdbx_audit_revision_details.type                'Initial release' 
_pdbx_audit_revision_details.description         ? 
_pdbx_audit_revision_details.details             ? 
# 
loop_
_pdbx_audit_revision_group.ordinal 
_pdbx_audit_revision_group.revision_ordinal 
_pdbx_audit_revision_group.data_content_type 
_pdbx_audit_revision_group.group 
1 2 'Structure model' 'Version format compliance' 
2 3 'Structure model' 'Version format compliance' 
3 4 'Structure model' 'Data collection'           
4 4 'Structure model' 'Database references'       
5 4 'Structure model' 'Derived calculations'      
# 
loop_
_pdbx_audit_revision_category.ordinal 
_pdbx_audit_revision_category.revision_ordinal 
_pdbx_audit_revision_category.data_content_type 
_pdbx_audit_revision_category.category 
1 4 'Structure model' chem_comp_atom     
2 4 'Structure model' chem_comp_bond     
3 4 'Structure model' database_2         
4 4 'Structure model' struct_ref_seq_dif 
5 4 'Structure model' struct_site        
# 
loop_
_pdbx_audit_revision_item.ordinal 
_pdbx_audit_revision_item.revision_ordinal 
_pdbx_audit_revision_item.data_content_type 
_pdbx_audit_revision_item.item 
1 4 'Structure model' '_database_2.pdbx_DOI'                
2 4 'Structure model' '_database_2.pdbx_database_accession' 
3 4 'Structure model' '_struct_ref_seq_dif.details'         
4 4 'Structure model' '_struct_site.pdbx_auth_asym_id'      
5 4 'Structure model' '_struct_site.pdbx_auth_comp_id'      
6 4 'Structure model' '_struct_site.pdbx_auth_seq_id'       
# 
_pdbx_database_status.status_code                     REL 
_pdbx_database_status.entry_id                        1PZ4 
_pdbx_database_status.recvd_initial_deposition_date   2003-07-09 
_pdbx_database_status.deposit_site                    RCSB 
_pdbx_database_status.process_site                    RCSB 
_pdbx_database_status.status_code_sf                  REL 
_pdbx_database_status.SG_entry                        . 
_pdbx_database_status.status_code_mr                  ? 
_pdbx_database_status.pdb_format_compatible           Y 
_pdbx_database_status.status_code_cs                  ? 
_pdbx_database_status.status_code_nmr_data            ? 
_pdbx_database_status.methods_development_category    ? 
# 
loop_
_audit_author.name 
_audit_author.pdbx_ordinal 
'Dyer, D.H.'   1 
'Lovell, S.'   2 
'Thoden, J.B.' 3 
'Holden, H.M.' 4 
'Rayment, I.'  5 
'Lan, Q.'      6 
# 
_citation.id                        primary 
_citation.title                     
'The Structural Determination of an Insect Sterol Carrier Protein-2 with a Ligand-bound C16 Fatty Acid at 1.35A Resolution' 
_citation.journal_abbrev            J.Biol.Chem. 
_citation.journal_volume            278 
_citation.page_first                39085 
_citation.page_last                 39091 
_citation.year                      2003 
_citation.journal_id_ASTM           JBCHA3 
_citation.country                   US 
_citation.journal_id_ISSN           0021-9258 
_citation.journal_id_CSD            0071 
_citation.book_publisher            ? 
_citation.pdbx_database_id_PubMed   12855689 
_citation.pdbx_database_id_DOI      10.1074/jbc.M306214200 
# 
loop_
_citation_author.citation_id 
_citation_author.name 
_citation_author.ordinal 
_citation_author.identifier_ORCID 
primary 'Dyer, D.H.'   1 ? 
primary 'Lovell, S.'   2 ? 
primary 'Thoden, J.B.' 3 ? 
primary 'Holden, H.M.' 4 ? 
primary 'Rayment, I.'  5 ? 
primary 'Lan, Q.'      6 ? 
# 
loop_
_entity.id 
_entity.type 
_entity.src_method 
_entity.pdbx_description 
_entity.formula_weight 
_entity.pdbx_number_of_molecules 
_entity.pdbx_ec 
_entity.pdbx_mutation 
_entity.pdbx_fragment 
_entity.details 
1 polymer     man 'sterol carrier protein 2' 12855.876 1  ? ? ? ? 
2 non-polymer syn 'PALMITIC ACID'            256.424   1  ? ? ? ? 
3 water       nat water                      18.015    88 ? ? ? ? 
# 
_entity_poly.entity_id                      1 
_entity_poly.type                           'polypeptide(L)' 
_entity_poly.nstd_linkage                   no 
_entity_poly.nstd_monomer                   no 
_entity_poly.pdbx_seq_one_letter_code       
;GSPGIRMSLKSDEVFAKIAKRLESIDPANRQVEHVYKFRITQGGKVVKNWVMDLKNVKLVESDDAAEATLTMEDDIMFAI
GTGALPAKEAMAQDKMEVDGQVELIFLLEPFIASLK
;
_entity_poly.pdbx_seq_one_letter_code_can   
;GSPGIRMSLKSDEVFAKIAKRLESIDPANRQVEHVYKFRITQGGKVVKNWVMDLKNVKLVESDDAAEATLTMEDDIMFAI
GTGALPAKEAMAQDKMEVDGQVELIFLLEPFIASLK
;
_entity_poly.pdbx_strand_id                 A 
_entity_poly.pdbx_target_identifier         ? 
# 
loop_
_pdbx_entity_nonpoly.entity_id 
_pdbx_entity_nonpoly.name 
_pdbx_entity_nonpoly.comp_id 
2 'PALMITIC ACID' PLM 
3 water           HOH 
# 
loop_
_entity_poly_seq.entity_id 
_entity_poly_seq.num 
_entity_poly_seq.mon_id 
_entity_poly_seq.hetero 
1 1   GLY n 
1 2   SER n 
1 3   PRO n 
1 4   GLY n 
1 5   ILE n 
1 6   ARG n 
1 7   MET n 
1 8   SER n 
1 9   LEU n 
1 10  LYS n 
1 11  SER n 
1 12  ASP n 
1 13  GLU n 
1 14  VAL n 
1 15  PHE n 
1 16  ALA n 
1 17  LYS n 
1 18  ILE n 
1 19  ALA n 
1 20  LYS n 
1 21  ARG n 
1 22  LEU n 
1 23  GLU n 
1 24  SER n 
1 25  ILE n 
1 26  ASP n 
1 27  PRO n 
1 28  ALA n 
1 29  ASN n 
1 30  ARG n 
1 31  GLN n 
1 32  VAL n 
1 33  GLU n 
1 34  HIS n 
1 35  VAL n 
1 36  TYR n 
1 37  LYS n 
1 38  PHE n 
1 39  ARG n 
1 40  ILE n 
1 41  THR n 
1 42  GLN n 
1 43  GLY n 
1 44  GLY n 
1 45  LYS n 
1 46  VAL n 
1 47  VAL n 
1 48  LYS n 
1 49  ASN n 
1 50  TRP n 
1 51  VAL n 
1 52  MET n 
1 53  ASP n 
1 54  LEU n 
1 55  LYS n 
1 56  ASN n 
1 57  VAL n 
1 58  LYS n 
1 59  LEU n 
1 60  VAL n 
1 61  GLU n 
1 62  SER n 
1 63  ASP n 
1 64  ASP n 
1 65  ALA n 
1 66  ALA n 
1 67  GLU n 
1 68  ALA n 
1 69  THR n 
1 70  LEU n 
1 71  THR n 
1 72  MET n 
1 73  GLU n 
1 74  ASP n 
1 75  ASP n 
1 76  ILE n 
1 77  MET n 
1 78  PHE n 
1 79  ALA n 
1 80  ILE n 
1 81  GLY n 
1 82  THR n 
1 83  GLY n 
1 84  ALA n 
1 85  LEU n 
1 86  PRO n 
1 87  ALA n 
1 88  LYS n 
1 89  GLU n 
1 90  ALA n 
1 91  MET n 
1 92  ALA n 
1 93  GLN n 
1 94  ASP n 
1 95  LYS n 
1 96  MET n 
1 97  GLU n 
1 98  VAL n 
1 99  ASP n 
1 100 GLY n 
1 101 GLN n 
1 102 VAL n 
1 103 GLU n 
1 104 LEU n 
1 105 ILE n 
1 106 PHE n 
1 107 LEU n 
1 108 LEU n 
1 109 GLU n 
1 110 PRO n 
1 111 PHE n 
1 112 ILE n 
1 113 ALA n 
1 114 SER n 
1 115 LEU n 
1 116 LYS n 
# 
_entity_src_gen.entity_id                          1 
_entity_src_gen.pdbx_src_id                        1 
_entity_src_gen.pdbx_alt_source_flag               sample 
_entity_src_gen.pdbx_seq_type                      ? 
_entity_src_gen.pdbx_beg_seq_num                   ? 
_entity_src_gen.pdbx_end_seq_num                   ? 
_entity_src_gen.gene_src_common_name               'yellow fever mosquito' 
_entity_src_gen.gene_src_genus                     Aedes 
_entity_src_gen.pdbx_gene_src_gene                 ? 
_entity_src_gen.gene_src_species                   ? 
_entity_src_gen.gene_src_strain                    ? 
_entity_src_gen.gene_src_tissue                    ? 
_entity_src_gen.gene_src_tissue_fraction           ? 
_entity_src_gen.gene_src_details                   ? 
_entity_src_gen.pdbx_gene_src_fragment             ? 
_entity_src_gen.pdbx_gene_src_scientific_name      'Aedes aegypti' 
_entity_src_gen.pdbx_gene_src_ncbi_taxonomy_id     7159 
_entity_src_gen.pdbx_gene_src_variant              ? 
_entity_src_gen.pdbx_gene_src_cell_line            ? 
_entity_src_gen.pdbx_gene_src_atcc                 ? 
_entity_src_gen.pdbx_gene_src_organ                ? 
_entity_src_gen.pdbx_gene_src_organelle            ? 
_entity_src_gen.pdbx_gene_src_cell                 ? 
_entity_src_gen.pdbx_gene_src_cellular_location    ? 
_entity_src_gen.host_org_common_name               ? 
_entity_src_gen.pdbx_host_org_scientific_name      'Escherichia coli BL21' 
_entity_src_gen.pdbx_host_org_ncbi_taxonomy_id     511693 
_entity_src_gen.host_org_genus                     Escherichia 
_entity_src_gen.pdbx_host_org_gene                 ? 
_entity_src_gen.pdbx_host_org_organ                ? 
_entity_src_gen.host_org_species                   'Escherichia coli' 
_entity_src_gen.pdbx_host_org_tissue               ? 
_entity_src_gen.pdbx_host_org_tissue_fraction      ? 
_entity_src_gen.pdbx_host_org_strain               BL21 
_entity_src_gen.pdbx_host_org_variant              ? 
_entity_src_gen.pdbx_host_org_cell_line            ? 
_entity_src_gen.pdbx_host_org_atcc                 ? 
_entity_src_gen.pdbx_host_org_culture_collection   ? 
_entity_src_gen.pdbx_host_org_cell                 ? 
_entity_src_gen.pdbx_host_org_organelle            ? 
_entity_src_gen.pdbx_host_org_cellular_location    ? 
_entity_src_gen.pdbx_host_org_vector_type          'pGEX-4T-2 GST' 
_entity_src_gen.pdbx_host_org_vector               ? 
_entity_src_gen.host_org_details                   ? 
_entity_src_gen.expression_system_id               ? 
_entity_src_gen.plasmid_name                       ? 
_entity_src_gen.plasmid_details                    ? 
_entity_src_gen.pdbx_description                   ? 
# 
loop_
_chem_comp.id 
_chem_comp.type 
_chem_comp.mon_nstd_flag 
_chem_comp.name 
_chem_comp.pdbx_synonyms 
_chem_comp.formula 
_chem_comp.formula_weight 
ALA 'L-peptide linking' y ALANINE         ? 'C3 H7 N O2'     89.093  
ARG 'L-peptide linking' y ARGININE        ? 'C6 H15 N4 O2 1' 175.209 
ASN 'L-peptide linking' y ASPARAGINE      ? 'C4 H8 N2 O3'    132.118 
ASP 'L-peptide linking' y 'ASPARTIC ACID' ? 'C4 H7 N O4'     133.103 
GLN 'L-peptide linking' y GLUTAMINE       ? 'C5 H10 N2 O3'   146.144 
GLU 'L-peptide linking' y 'GLUTAMIC ACID' ? 'C5 H9 N O4'     147.129 
GLY 'peptide linking'   y GLYCINE         ? 'C2 H5 N O2'     75.067  
HIS 'L-peptide linking' y HISTIDINE       ? 'C6 H10 N3 O2 1' 156.162 
HOH non-polymer         . WATER           ? 'H2 O'           18.015  
ILE 'L-peptide linking' y ISOLEUCINE      ? 'C6 H13 N O2'    131.173 
LEU 'L-peptide linking' y LEUCINE         ? 'C6 H13 N O2'    131.173 
LYS 'L-peptide linking' y LYSINE          ? 'C6 H15 N2 O2 1' 147.195 
MET 'L-peptide linking' y METHIONINE      ? 'C5 H11 N O2 S'  149.211 
PHE 'L-peptide linking' y PHENYLALANINE   ? 'C9 H11 N O2'    165.189 
PLM non-polymer         . 'PALMITIC ACID' ? 'C16 H32 O2'     256.424 
PRO 'L-peptide linking' y PROLINE         ? 'C5 H9 N O2'     115.130 
SER 'L-peptide linking' y SERINE          ? 'C3 H7 N O3'     105.093 
THR 'L-peptide linking' y THREONINE       ? 'C4 H9 N O3'     119.119 
TRP 'L-peptide linking' y TRYPTOPHAN      ? 'C11 H12 N2 O2'  204.225 
TYR 'L-peptide linking' y TYROSINE        ? 'C9 H11 N O3'    181.189 
VAL 'L-peptide linking' y VALINE          ? 'C5 H11 N O2'    117.146 
# 
loop_
_pdbx_poly_seq_scheme.asym_id 
_pdbx_poly_seq_scheme.entity_id 
_pdbx_poly_seq_scheme.seq_id 
_pdbx_poly_seq_scheme.mon_id 
_pdbx_poly_seq_scheme.ndb_seq_num 
_pdbx_poly_seq_scheme.pdb_seq_num 
_pdbx_poly_seq_scheme.auth_seq_num 
_pdbx_poly_seq_scheme.pdb_mon_id 
_pdbx_poly_seq_scheme.auth_mon_id 
_pdbx_poly_seq_scheme.pdb_strand_id 
_pdbx_poly_seq_scheme.pdb_ins_code 
_pdbx_poly_seq_scheme.hetero 
A 1 1   GLY 1   -5  ?   ?   ?   A . n 
A 1 2   SER 2   -4  ?   ?   ?   A . n 
A 1 3   PRO 3   -3  ?   ?   ?   A . n 
A 1 4   GLY 4   -2  0   GLY GLY A . n 
A 1 5   ILE 5   -1  0   ILE ILE A . n 
A 1 6   ARG 6   0   0   ARG ARG A . n 
A 1 7   MET 7   1   1   MET MET A . n 
A 1 8   SER 8   2   2   SER SER A . n 
A 1 9   LEU 9   3   3   LEU LEU A . n 
A 1 10  LYS 10  4   4   LYS LYS A . n 
A 1 11  SER 11  5   5   SER SER A . n 
A 1 12  ASP 12  6   6   ASP ASP A . n 
A 1 13  GLU 13  7   7   GLU GLU A . n 
A 1 14  VAL 14  8   8   VAL VAL A . n 
A 1 15  PHE 15  9   9   PHE PHE A . n 
A 1 16  ALA 16  10  10  ALA ALA A . n 
A 1 17  LYS 17  11  11  LYS LYS A . n 
A 1 18  ILE 18  12  12  ILE ILE A . n 
A 1 19  ALA 19  13  13  ALA ALA A . n 
A 1 20  LYS 20  14  14  LYS LYS A . n 
A 1 21  ARG 21  15  15  ARG ARG A . n 
A 1 22  LEU 22  16  16  LEU LEU A . n 
A 1 23  GLU 23  17  17  GLU GLU A . n 
A 1 24  SER 24  18  18  SER SER A . n 
A 1 25  ILE 25  19  19  ILE ILE A . n 
A 1 26  ASP 26  20  20  ASP ASP A . n 
A 1 27  PRO 27  21  21  PRO PRO A . n 
A 1 28  ALA 28  22  22  ALA ALA A . n 
A 1 29  ASN 29  23  23  ASN ASN A . n 
A 1 30  ARG 30  24  24  ARG ARG A . n 
A 1 31  GLN 31  25  25  GLN GLN A . n 
A 1 32  VAL 32  26  26  VAL VAL A . n 
A 1 33  GLU 33  27  27  GLU GLU A . n 
A 1 34  HIS 34  28  28  HIS HIS A . n 
A 1 35  VAL 35  29  29  VAL VAL A . n 
A 1 36  TYR 36  30  30  TYR TYR A . n 
A 1 37  LYS 37  31  31  LYS LYS A . n 
A 1 38  PHE 38  32  32  PHE PHE A . n 
A 1 39  ARG 39  33  33  ARG ARG A . n 
A 1 40  ILE 40  34  34  ILE ILE A . n 
A 1 41  THR 41  35  35  THR THR A . n 
A 1 42  GLN 42  36  36  GLN GLN A . n 
A 1 43  GLY 43  37  37  GLY GLY A . n 
A 1 44  GLY 44  38  38  GLY GLY A . n 
A 1 45  LYS 45  39  39  LYS LYS A . n 
A 1 46  VAL 46  40  40  VAL VAL A . n 
A 1 47  VAL 47  41  41  VAL VAL A . n 
A 1 48  LYS 48  42  42  LYS LYS A . n 
A 1 49  ASN 49  43  43  ASN ASN A . n 
A 1 50  TRP 50  44  44  TRP TRP A . n 
A 1 51  VAL 51  45  45  VAL VAL A . n 
A 1 52  MET 52  46  46  MET MET A . n 
A 1 53  ASP 53  47  47  ASP ASP A . n 
A 1 54  LEU 54  48  48  LEU LEU A . n 
A 1 55  LYS 55  49  49  LYS LYS A . n 
A 1 56  ASN 56  50  50  ASN ASN A . n 
A 1 57  VAL 57  51  51  VAL VAL A . n 
A 1 58  LYS 58  52  52  LYS LYS A . n 
A 1 59  LEU 59  53  53  LEU LEU A . n 
A 1 60  VAL 60  54  54  VAL VAL A . n 
A 1 61  GLU 61  55  55  GLU GLU A . n 
A 1 62  SER 62  56  56  SER SER A . n 
A 1 63  ASP 63  57  57  ASP ASP A . n 
A 1 64  ASP 64  58  58  ASP ASP A . n 
A 1 65  ALA 65  59  59  ALA ALA A . n 
A 1 66  ALA 66  60  60  ALA ALA A . n 
A 1 67  GLU 67  61  61  GLU GLU A . n 
A 1 68  ALA 68  62  62  ALA ALA A . n 
A 1 69  THR 69  63  63  THR THR A . n 
A 1 70  LEU 70  64  64  LEU LEU A . n 
A 1 71  THR 71  65  65  THR THR A . n 
A 1 72  MET 72  66  66  MET MET A . n 
A 1 73  GLU 73  67  67  GLU GLU A . n 
A 1 74  ASP 74  68  68  ASP ASP A . n 
A 1 75  ASP 75  69  69  ASP ASP A . n 
A 1 76  ILE 76  70  70  ILE ILE A . n 
A 1 77  MET 77  71  71  MET MET A . n 
A 1 78  PHE 78  72  72  PHE PHE A . n 
A 1 79  ALA 79  73  73  ALA ALA A . n 
A 1 80  ILE 80  74  74  ILE ILE A . n 
A 1 81  GLY 81  75  75  GLY GLY A . n 
A 1 82  THR 82  76  76  THR THR A . n 
A 1 83  GLY 83  77  77  GLY GLY A . n 
A 1 84  ALA 84  78  78  ALA ALA A . n 
A 1 85  LEU 85  79  79  LEU LEU A . n 
A 1 86  PRO 86  80  80  PRO PRO A . n 
A 1 87  ALA 87  81  81  ALA ALA A . n 
A 1 88  LYS 88  82  82  LYS LYS A . n 
A 1 89  GLU 89  83  83  GLU GLU A . n 
A 1 90  ALA 90  84  84  ALA ALA A . n 
A 1 91  MET 91  85  85  MET MET A . n 
A 1 92  ALA 92  86  86  ALA ALA A . n 
A 1 93  GLN 93  87  87  GLN GLN A . n 
A 1 94  ASP 94  88  88  ASP ASP A . n 
A 1 95  LYS 95  89  89  LYS LYS A . n 
A 1 96  MET 96  90  90  MET MET A . n 
A 1 97  GLU 97  91  91  GLU GLU A . n 
A 1 98  VAL 98  92  92  VAL VAL A . n 
A 1 99  ASP 99  93  93  ASP ASP A . n 
A 1 100 GLY 100 94  94  GLY GLY A . n 
A 1 101 GLN 101 95  95  GLN GLN A . n 
A 1 102 VAL 102 96  96  VAL VAL A . n 
A 1 103 GLU 103 97  97  GLU GLU A . n 
A 1 104 LEU 104 98  98  LEU LEU A . n 
A 1 105 ILE 105 99  99  ILE ILE A . n 
A 1 106 PHE 106 100 100 PHE PHE A . n 
A 1 107 LEU 107 101 101 LEU LEU A . n 
A 1 108 LEU 108 102 102 LEU LEU A . n 
A 1 109 GLU 109 103 103 GLU GLU A . n 
A 1 110 PRO 110 104 104 PRO PRO A . n 
A 1 111 PHE 111 105 105 PHE PHE A . n 
A 1 112 ILE 112 106 106 ILE ILE A . n 
A 1 113 ALA 113 107 107 ALA ALA A . n 
A 1 114 SER 114 108 108 SER SER A . n 
A 1 115 LEU 115 109 109 LEU LEU A . n 
A 1 116 LYS 116 110 110 LYS LYS A . n 
# 
loop_
_pdbx_nonpoly_scheme.asym_id 
_pdbx_nonpoly_scheme.entity_id 
_pdbx_nonpoly_scheme.mon_id 
_pdbx_nonpoly_scheme.ndb_seq_num 
_pdbx_nonpoly_scheme.pdb_seq_num 
_pdbx_nonpoly_scheme.auth_seq_num 
_pdbx_nonpoly_scheme.pdb_mon_id 
_pdbx_nonpoly_scheme.auth_mon_id 
_pdbx_nonpoly_scheme.pdb_strand_id 
_pdbx_nonpoly_scheme.pdb_ins_code 
B 2 PLM 1  200 200 PLM FAT A . 
C 3 HOH 1  400 400 HOH HOH A . 
C 3 HOH 2  401 401 HOH HOH A . 
C 3 HOH 3  402 402 HOH HOH A . 
C 3 HOH 4  403 403 HOH HOH A . 
C 3 HOH 5  404 404 HOH HOH A . 
C 3 HOH 6  405 405 HOH HOH A . 
C 3 HOH 7  406 406 HOH HOH A . 
C 3 HOH 8  407 407 HOH HOH A . 
C 3 HOH 9  408 408 HOH HOH A . 
C 3 HOH 10 409 409 HOH HOH A . 
C 3 HOH 11 410 410 HOH HOH A . 
C 3 HOH 12 411 411 HOH HOH A . 
C 3 HOH 13 412 412 HOH HOH A . 
C 3 HOH 14 413 413 HOH HOH A . 
C 3 HOH 15 414 414 HOH HOH A . 
C 3 HOH 16 415 415 HOH HOH A . 
C 3 HOH 17 416 416 HOH HOH A . 
C 3 HOH 18 418 418 HOH HOH A . 
C 3 HOH 19 419 419 HOH HOH A . 
C 3 HOH 20 420 420 HOH HOH A . 
C 3 HOH 21 421 421 HOH HOH A . 
C 3 HOH 22 422 422 HOH HOH A . 
C 3 HOH 23 423 423 HOH HOH A . 
C 3 HOH 24 424 424 HOH HOH A . 
C 3 HOH 25 425 425 HOH HOH A . 
C 3 HOH 26 426 426 HOH HOH A . 
C 3 HOH 27 429 429 HOH HOH A . 
C 3 HOH 28 430 430 HOH HOH A . 
C 3 HOH 29 431 431 HOH HOH A . 
C 3 HOH 30 432 432 HOH HOH A . 
C 3 HOH 31 434 434 HOH HOH A . 
C 3 HOH 32 438 438 HOH HOH A . 
C 3 HOH 33 440 440 HOH HOH A . 
C 3 HOH 34 442 442 HOH HOH A . 
C 3 HOH 35 443 443 HOH HOH A . 
C 3 HOH 36 446 446 HOH HOH A . 
C 3 HOH 37 448 448 HOH HOH A . 
C 3 HOH 38 449 449 HOH HOH A . 
C 3 HOH 39 450 450 HOH HOH A . 
C 3 HOH 40 452 452 HOH HOH A . 
C 3 HOH 41 459 459 HOH HOH A . 
C 3 HOH 42 460 460 HOH HOH A . 
C 3 HOH 43 462 462 HOH HOH A . 
C 3 HOH 44 464 464 HOH HOH A . 
C 3 HOH 45 465 465 HOH HOH A . 
C 3 HOH 46 466 466 HOH HOH A . 
C 3 HOH 47 467 467 HOH HOH A . 
C 3 HOH 48 468 468 HOH HOH A . 
C 3 HOH 49 470 470 HOH HOH A . 
C 3 HOH 50 472 472 HOH HOH A . 
C 3 HOH 51 473 473 HOH HOH A . 
C 3 HOH 52 474 474 HOH HOH A . 
C 3 HOH 53 478 478 HOH HOH A . 
C 3 HOH 54 483 483 HOH HOH A . 
C 3 HOH 55 484 484 HOH HOH A . 
C 3 HOH 56 486 486 HOH HOH A . 
C 3 HOH 57 488 488 HOH HOH A . 
C 3 HOH 58 489 489 HOH HOH A . 
C 3 HOH 59 490 490 HOH HOH A . 
C 3 HOH 60 501 501 HOH HOH A . 
C 3 HOH 61 503 503 HOH HOH A . 
C 3 HOH 62 504 504 HOH HOH A . 
C 3 HOH 63 507 507 HOH HOH A . 
C 3 HOH 64 508 508 HOH HOH A . 
C 3 HOH 65 513 513 HOH HOH A . 
C 3 HOH 66 701 701 HOH HOH A . 
C 3 HOH 67 702 702 HOH HOH A . 
C 3 HOH 68 704 704 HOH HOH A . 
C 3 HOH 69 708 708 HOH HOH A . 
C 3 HOH 70 709 709 HOH HOH A . 
C 3 HOH 71 711 711 HOH HOH A . 
C 3 HOH 72 712 712 HOH HOH A . 
C 3 HOH 73 900 900 HOH HOH A . 
C 3 HOH 74 901 901 HOH HOH A . 
C 3 HOH 75 902 902 HOH HOH A . 
C 3 HOH 76 903 903 HOH HOH A . 
C 3 HOH 77 904 904 HOH HOH A . 
C 3 HOH 78 911 911 HOH HOH A . 
C 3 HOH 79 912 912 HOH HOH A . 
C 3 HOH 80 913 913 HOH HOH A . 
C 3 HOH 81 914 914 HOH HOH A . 
C 3 HOH 82 915 915 HOH HOH A . 
C 3 HOH 83 916 916 HOH HOH A . 
C 3 HOH 84 917 917 HOH HOH A . 
C 3 HOH 85 918 918 HOH HOH A . 
C 3 HOH 86 919 919 HOH HOH A . 
C 3 HOH 87 920 920 HOH HOH A . 
C 3 HOH 88 921 921 HOH HOH A . 
# 
loop_
_software.name 
_software.classification 
_software.version 
_software.citation_id 
_software.pdbx_ordinal 
smart 'data collection' . ? 1 
SAINT 'data reduction'  . ? 2 
EPMR  phasing           . ? 3 
TNT   refinement        . ? 4 
SMART 'data reduction'  . ? 5 
SAINT 'data scaling'    . ? 6 
# 
_cell.entry_id           1PZ4 
_cell.length_a           29.300 
_cell.length_b           46.100 
_cell.length_c           70.400 
_cell.angle_alpha        90.00 
_cell.angle_beta         90.00 
_cell.angle_gamma        90.00 
_cell.Z_PDB              4 
_cell.pdbx_unique_axis   ? 
_cell.length_a_esd       ? 
_cell.length_b_esd       ? 
_cell.length_c_esd       ? 
_cell.angle_alpha_esd    ? 
_cell.angle_beta_esd     ? 
_cell.angle_gamma_esd    ? 
# 
_symmetry.entry_id                         1PZ4 
_symmetry.space_group_name_H-M             'P 21 21 21' 
_symmetry.pdbx_full_space_group_name_H-M   ? 
_symmetry.Int_Tables_number                19 
_symmetry.cell_setting                     ? 
_symmetry.space_group_name_Hall            ? 
# 
_exptl.entry_id          1PZ4 
_exptl.method            'X-RAY DIFFRACTION' 
_exptl.crystals_number   1 
# 
_exptl_crystal.id                    1 
_exptl_crystal.density_meas          ? 
_exptl_crystal.density_Matthews      1.85 
_exptl_crystal.density_percent_sol   33.46 
_exptl_crystal.description           ? 
_exptl_crystal.F_000                 ? 
_exptl_crystal.preparation           ? 
# 
_exptl_crystal_grow.crystal_id      1 
_exptl_crystal_grow.method          'VAPOR DIFFUSION, HANGING DROP' 
_exptl_crystal_grow.temp            293 
_exptl_crystal_grow.temp_details    ? 
_exptl_crystal_grow.pH              7.5 
_exptl_crystal_grow.pdbx_details    '2M sodium malonate, 100 mM Tris-HCl, pH 7.5, VAPOR DIFFUSION, HANGING DROP, temperature 293K' 
_exptl_crystal_grow.pdbx_pH_range   . 
# 
_diffrn.id                     1 
_diffrn.ambient_temp           293 
_diffrn.ambient_temp_details   ? 
_diffrn.crystal_id             1 
# 
_diffrn_detector.diffrn_id              1 
_diffrn_detector.detector               'AREA DETECTOR' 
_diffrn_detector.type                   'Bruker X1000' 
_diffrn_detector.pdbx_collection_date   ? 
_diffrn_detector.details                ? 
# 
_diffrn_radiation.diffrn_id                        1 
_diffrn_radiation.wavelength_id                    1 
_diffrn_radiation.pdbx_monochromatic_or_laue_m_l   M 
_diffrn_radiation.monochromator                    ? 
_diffrn_radiation.pdbx_diffrn_protocol             'SINGLE WAVELENGTH' 
_diffrn_radiation.pdbx_scattering_type             x-ray 
# 
_diffrn_radiation_wavelength.id           1 
_diffrn_radiation_wavelength.wavelength   1.54178 
_diffrn_radiation_wavelength.wt           1.0 
# 
_diffrn_source.diffrn_id                   1 
_diffrn_source.source                      'ROTATING ANODE' 
_diffrn_source.type                        'RIGAKU RU200' 
_diffrn_source.pdbx_synchrotron_site       ? 
_diffrn_source.pdbx_synchrotron_beamline   ? 
_diffrn_source.pdbx_wavelength             1.54178 
_diffrn_source.pdbx_wavelength_list        1.54178 
# 
_reflns.entry_id                     1PZ4 
_reflns.observed_criterion_sigma_F   ? 
_reflns.observed_criterion_sigma_I   ? 
_reflns.d_resolution_high            1.35 
_reflns.d_resolution_low             100 
_reflns.number_all                   21157 
_reflns.number_obs                   21157 
_reflns.percent_possible_obs         97 
_reflns.pdbx_Rmerge_I_obs            0.038 
_reflns.pdbx_Rsym_value              ? 
_reflns.pdbx_netI_over_sigmaI        ? 
_reflns.B_iso_Wilson_estimate        ? 
_reflns.pdbx_redundancy              3.7 
_reflns.R_free_details               ? 
_reflns.limit_h_max                  ? 
_reflns.limit_h_min                  ? 
_reflns.limit_k_max                  ? 
_reflns.limit_k_min                  ? 
_reflns.limit_l_max                  ? 
_reflns.limit_l_min                  ? 
_reflns.observed_criterion_F_max     ? 
_reflns.observed_criterion_F_min     ? 
_reflns.pdbx_chi_squared             ? 
_reflns.pdbx_scaling_rejects         ? 
_reflns.pdbx_diffrn_id               1 
_reflns.pdbx_ordinal                 1 
# 
_reflns_shell.d_res_high             1.35 
_reflns_shell.d_res_low              1.41 
_reflns_shell.percent_possible_all   92 
_reflns_shell.Rmerge_I_obs           0.252 
_reflns_shell.pdbx_Rsym_value        ? 
_reflns_shell.meanI_over_sigI_obs    3.3 
_reflns_shell.pdbx_redundancy        2.3 
_reflns_shell.percent_possible_obs   ? 
_reflns_shell.number_unique_all      2383 
_reflns_shell.number_measured_all    ? 
_reflns_shell.number_measured_obs    ? 
_reflns_shell.number_unique_obs      ? 
_reflns_shell.pdbx_chi_squared       ? 
_reflns_shell.pdbx_diffrn_id         ? 
_reflns_shell.pdbx_ordinal           1 
# 
_refine.entry_id                                 1PZ4 
_refine.ls_d_res_high                            1.35 
_refine.ls_d_res_low                             100 
_refine.pdbx_ls_sigma_F                          0 
_refine.pdbx_ls_sigma_I                          0 
_refine.ls_number_reflns_all                     21157 
_refine.ls_number_reflns_obs                     21157 
_refine.ls_number_reflns_R_free                  2107 
_refine.ls_percent_reflns_obs                    97 
_refine.ls_R_factor_all                          ? 
_refine.ls_R_factor_obs                          0.187 
_refine.ls_R_factor_R_work                       0.187 
_refine.ls_R_factor_R_free                       0.226 
_refine.ls_redundancy_reflns_obs                 ? 
_refine.pdbx_data_cutoff_high_absF               ? 
_refine.pdbx_data_cutoff_low_absF                ? 
_refine.ls_number_parameters                     ? 
_refine.ls_number_restraints                     ? 
_refine.ls_percent_reflns_R_free                 ? 
_refine.ls_R_factor_R_free_error                 ? 
_refine.ls_R_factor_R_free_error_details         ? 
_refine.pdbx_method_to_determine_struct          'MOLECULAR REPLACEMENT' 
_refine.pdbx_starting_model                      ? 
_refine.pdbx_ls_cross_valid_method               THROUGHOUT 
_refine.pdbx_R_Free_selection_details            random 
_refine.pdbx_stereochem_target_val_spec_case     ? 
_refine.pdbx_stereochemistry_target_values       'Engh & Huber' 
_refine.solvent_model_details                    ? 
_refine.solvent_model_param_bsol                 ? 
_refine.solvent_model_param_ksol                 ? 
_refine.occupancy_max                            ? 
_refine.occupancy_min                            ? 
_refine.pdbx_isotropic_thermal_model             ? 
_refine.B_iso_mean                               ? 
_refine.aniso_B[1][1]                            ? 
_refine.aniso_B[1][2]                            ? 
_refine.aniso_B[1][3]                            ? 
_refine.aniso_B[2][2]                            ? 
_refine.aniso_B[2][3]                            ? 
_refine.aniso_B[3][3]                            ? 
_refine.details                                  ? 
_refine.B_iso_min                                ? 
_refine.B_iso_max                                ? 
_refine.correlation_coeff_Fo_to_Fc               ? 
_refine.correlation_coeff_Fo_to_Fc_free          ? 
_refine.pdbx_solvent_vdw_probe_radii             ? 
_refine.pdbx_solvent_ion_probe_radii             ? 
_refine.pdbx_solvent_shrinkage_radii             ? 
_refine.overall_SU_R_Cruickshank_DPI             ? 
_refine.overall_SU_R_free                        ? 
_refine.overall_SU_B                             ? 
_refine.overall_SU_ML                            ? 
_refine.pdbx_overall_ESU_R                       ? 
_refine.pdbx_overall_ESU_R_Free                  ? 
_refine.pdbx_data_cutoff_high_rms_absF           ? 
_refine.pdbx_overall_phase_error                 ? 
_refine.ls_wR_factor_R_free                      ? 
_refine.ls_wR_factor_R_work                      ? 
_refine.overall_FOM_free_R_set                   ? 
_refine.overall_FOM_work_R_set                   ? 
_refine.pdbx_refine_id                           'X-RAY DIFFRACTION' 
_refine.pdbx_diffrn_id                           1 
_refine.pdbx_TLS_residual_ADP_flag               ? 
_refine.pdbx_overall_SU_R_free_Cruickshank_DPI   ? 
_refine.pdbx_overall_SU_R_Blow_DPI               ? 
_refine.pdbx_overall_SU_R_free_Blow_DPI          ? 
# 
_refine_hist.pdbx_refine_id                   'X-RAY DIFFRACTION' 
_refine_hist.cycle_id                         LAST 
_refine_hist.pdbx_number_atoms_protein        890 
_refine_hist.pdbx_number_atoms_nucleic_acid   0 
_refine_hist.pdbx_number_atoms_ligand         18 
_refine_hist.number_atoms_solvent             88 
_refine_hist.number_atoms_total               996 
_refine_hist.d_res_high                       1.35 
_refine_hist.d_res_low                        100 
# 
loop_
_refine_ls_restr.type 
_refine_ls_restr.dev_ideal 
_refine_ls_restr.dev_ideal_target 
_refine_ls_restr.weight 
_refine_ls_restr.number 
_refine_ls_restr.pdbx_refine_id 
_refine_ls_restr.pdbx_restraint_function 
t_bond_d           0.012 ? ? ? 'X-RAY DIFFRACTION' ? 
t_angle_deg        2.23  ? ? ? 'X-RAY DIFFRACTION' ? 
t_dihedral_angle_d 16.6  ? ? ? 'X-RAY DIFFRACTION' ? 
# 
_struct.entry_id                  1PZ4 
_struct.title                     
;The structural determination of an insect (mosquito) Sterol Carrier Protein-2 with a ligand bound C16 Fatty Acid at 1.35 A resolution
;
_struct.pdbx_model_details        ? 
_struct.pdbx_CASP_flag            ? 
_struct.pdbx_model_type_details   ? 
# 
_struct_keywords.entry_id        1PZ4 
_struct_keywords.pdbx_keywords   'LIPID BINDING PROTEIN' 
_struct_keywords.text            'alpha and beta, LIPID BINDING PROTEIN' 
# 
loop_
_struct_asym.id 
_struct_asym.pdbx_blank_PDB_chainid_flag 
_struct_asym.pdbx_modified 
_struct_asym.entity_id 
_struct_asym.details 
A N N 1 ? 
B N N 2 ? 
C N N 3 ? 
# 
_struct_ref.id                         1 
_struct_ref.db_name                    UNP 
_struct_ref.db_code                    Q86PR3_AEDAE 
_struct_ref.pdbx_db_accession          Q86PR3 
_struct_ref.entity_id                  1 
_struct_ref.pdbx_seq_one_letter_code   
;MSLKSDEVFAKIAKRLESIDPANRQVEHVYKFRITQGGKVVKNWVMDLKNVKLVESDDAAEATLTMEDDIMFAIGTGALP
AKEAMAQDKMEVDGQVELIFLLEPFIASLK
;
_struct_ref.pdbx_align_begin           1 
_struct_ref.pdbx_db_isoform            ? 
# 
_struct_ref_seq.align_id                      1 
_struct_ref_seq.ref_id                        1 
_struct_ref_seq.pdbx_PDB_id_code              1PZ4 
_struct_ref_seq.pdbx_strand_id                A 
_struct_ref_seq.seq_align_beg                 7 
_struct_ref_seq.pdbx_seq_align_beg_ins_code   ? 
_struct_ref_seq.seq_align_end                 116 
_struct_ref_seq.pdbx_seq_align_end_ins_code   ? 
_struct_ref_seq.pdbx_db_accession             Q86PR3 
_struct_ref_seq.db_align_beg                  1 
_struct_ref_seq.pdbx_db_align_beg_ins_code    ? 
_struct_ref_seq.db_align_end                  110 
_struct_ref_seq.pdbx_db_align_end_ins_code    ? 
_struct_ref_seq.pdbx_auth_seq_align_beg       1 
_struct_ref_seq.pdbx_auth_seq_align_end       110 
# 
loop_
_struct_ref_seq_dif.align_id 
_struct_ref_seq_dif.pdbx_pdb_id_code 
_struct_ref_seq_dif.mon_id 
_struct_ref_seq_dif.pdbx_pdb_strand_id 
_struct_ref_seq_dif.seq_num 
_struct_ref_seq_dif.pdbx_pdb_ins_code 
_struct_ref_seq_dif.pdbx_seq_db_name 
_struct_ref_seq_dif.pdbx_seq_db_accession_code 
_struct_ref_seq_dif.db_mon_id 
_struct_ref_seq_dif.pdbx_seq_db_seq_num 
_struct_ref_seq_dif.details 
_struct_ref_seq_dif.pdbx_auth_seq_num 
_struct_ref_seq_dif.pdbx_ordinal 
1 1PZ4 GLY A 1 ? UNP Q86PR3 ? ? 'cloning artifact' -5 1 
1 1PZ4 SER A 2 ? UNP Q86PR3 ? ? 'cloning artifact' -4 2 
1 1PZ4 PRO A 3 ? UNP Q86PR3 ? ? 'cloning artifact' -3 3 
1 1PZ4 GLY A 4 ? UNP Q86PR3 ? ? 'cloning artifact' -2 4 
1 1PZ4 ILE A 5 ? UNP Q86PR3 ? ? 'cloning artifact' -1 5 
1 1PZ4 ARG A 6 ? UNP Q86PR3 ? ? 'cloning artifact' 0  6 
# 
_pdbx_struct_assembly.id                   1 
_pdbx_struct_assembly.details              author_defined_assembly 
_pdbx_struct_assembly.method_details       ? 
_pdbx_struct_assembly.oligomeric_details   monomeric 
_pdbx_struct_assembly.oligomeric_count     1 
# 
_pdbx_struct_assembly_gen.assembly_id       1 
_pdbx_struct_assembly_gen.oper_expression   1 
_pdbx_struct_assembly_gen.asym_id_list      A,B,C 
# 
_pdbx_struct_oper_list.id                   1 
_pdbx_struct_oper_list.type                 'identity operation' 
_pdbx_struct_oper_list.name                 1_555 
_pdbx_struct_oper_list.symmetry_operation   x,y,z 
_pdbx_struct_oper_list.matrix[1][1]         1.0000000000 
_pdbx_struct_oper_list.matrix[1][2]         0.0000000000 
_pdbx_struct_oper_list.matrix[1][3]         0.0000000000 
_pdbx_struct_oper_list.vector[1]            0.0000000000 
_pdbx_struct_oper_list.matrix[2][1]         0.0000000000 
_pdbx_struct_oper_list.matrix[2][2]         1.0000000000 
_pdbx_struct_oper_list.matrix[2][3]         0.0000000000 
_pdbx_struct_oper_list.vector[2]            0.0000000000 
_pdbx_struct_oper_list.matrix[3][1]         0.0000000000 
_pdbx_struct_oper_list.matrix[3][2]         0.0000000000 
_pdbx_struct_oper_list.matrix[3][3]         1.0000000000 
_pdbx_struct_oper_list.vector[3]            0.0000000000 
# 
loop_
_struct_conf.conf_type_id 
_struct_conf.id 
_struct_conf.pdbx_PDB_helix_id 
_struct_conf.beg_label_comp_id 
_struct_conf.beg_label_asym_id 
_struct_conf.beg_label_seq_id 
_struct_conf.pdbx_beg_PDB_ins_code 
_struct_conf.end_label_comp_id 
_struct_conf.end_label_asym_id 
_struct_conf.end_label_seq_id 
_struct_conf.pdbx_end_PDB_ins_code 
_struct_conf.beg_auth_comp_id 
_struct_conf.beg_auth_asym_id 
_struct_conf.beg_auth_seq_id 
_struct_conf.end_auth_comp_id 
_struct_conf.end_auth_asym_id 
_struct_conf.end_auth_seq_id 
_struct_conf.pdbx_PDB_helix_class 
_struct_conf.details 
_struct_conf.pdbx_PDB_helix_length 
HELX_P HELX_P1 1 LYS A 10  ? GLU A 23  ? LYS A 4  GLU A 17  1 ? 14 
HELX_P HELX_P2 2 ASP A 74  ? THR A 82  ? ASP A 68 THR A 76  1 ? 9  
HELX_P HELX_P3 3 PRO A 86  ? GLN A 93  ? PRO A 80 GLN A 87  1 ? 8  
HELX_P HELX_P4 4 VAL A 102 ? LEU A 115 ? VAL A 96 LEU A 109 5 ? 14 
# 
_struct_conf_type.id          HELX_P 
_struct_conf_type.criteria    ? 
_struct_conf_type.reference   ? 
# 
_struct_sheet.id               A 
_struct_sheet.type             ? 
_struct_sheet.number_strands   5 
_struct_sheet.details          ? 
# 
loop_
_struct_sheet_order.sheet_id 
_struct_sheet_order.range_id_1 
_struct_sheet_order.range_id_2 
_struct_sheet_order.offset 
_struct_sheet_order.sense 
A 1 2 ? anti-parallel 
A 2 3 ? anti-parallel 
A 3 4 ? parallel      
A 4 5 ? anti-parallel 
# 
loop_
_struct_sheet_range.sheet_id 
_struct_sheet_range.id 
_struct_sheet_range.beg_label_comp_id 
_struct_sheet_range.beg_label_asym_id 
_struct_sheet_range.beg_label_seq_id 
_struct_sheet_range.pdbx_beg_PDB_ins_code 
_struct_sheet_range.end_label_comp_id 
_struct_sheet_range.end_label_asym_id 
_struct_sheet_range.end_label_seq_id 
_struct_sheet_range.pdbx_end_PDB_ins_code 
_struct_sheet_range.beg_auth_comp_id 
_struct_sheet_range.beg_auth_asym_id 
_struct_sheet_range.beg_auth_seq_id 
_struct_sheet_range.end_auth_comp_id 
_struct_sheet_range.end_auth_asym_id 
_struct_sheet_range.end_auth_seq_id 
A 1 LYS A 58 ? GLU A 61  ? LYS A 52 GLU A 55 
A 2 LYS A 45 ? ASP A 53  ? LYS A 39 ASP A 47 
A 3 VAL A 35 ? GLN A 42  ? VAL A 29 GLN A 36 
A 4 ALA A 68 ? GLU A 73  ? ALA A 62 GLU A 67 
A 5 MET A 96 ? GLY A 100 ? MET A 90 GLY A 94 
# 
loop_
_pdbx_struct_sheet_hbond.sheet_id 
_pdbx_struct_sheet_hbond.range_id_1 
_pdbx_struct_sheet_hbond.range_id_2 
_pdbx_struct_sheet_hbond.range_1_label_atom_id 
_pdbx_struct_sheet_hbond.range_1_label_comp_id 
_pdbx_struct_sheet_hbond.range_1_label_asym_id 
_pdbx_struct_sheet_hbond.range_1_label_seq_id 
_pdbx_struct_sheet_hbond.range_1_PDB_ins_code 
_pdbx_struct_sheet_hbond.range_1_auth_atom_id 
_pdbx_struct_sheet_hbond.range_1_auth_comp_id 
_pdbx_struct_sheet_hbond.range_1_auth_asym_id 
_pdbx_struct_sheet_hbond.range_1_auth_seq_id 
_pdbx_struct_sheet_hbond.range_2_label_atom_id 
_pdbx_struct_sheet_hbond.range_2_label_comp_id 
_pdbx_struct_sheet_hbond.range_2_label_asym_id 
_pdbx_struct_sheet_hbond.range_2_label_seq_id 
_pdbx_struct_sheet_hbond.range_2_PDB_ins_code 
_pdbx_struct_sheet_hbond.range_2_auth_atom_id 
_pdbx_struct_sheet_hbond.range_2_auth_comp_id 
_pdbx_struct_sheet_hbond.range_2_auth_asym_id 
_pdbx_struct_sheet_hbond.range_2_auth_seq_id 
A 1 2 O VAL A 60 ? O VAL A 54 N VAL A 51 ? N VAL A 45 
A 2 3 O MET A 52 ? O MET A 46 N TYR A 36 ? N TYR A 30 
A 3 4 N LYS A 37 ? N LYS A 31 O LEU A 70 ? O LEU A 64 
A 4 5 N THR A 71 ? N THR A 65 O GLU A 97 ? O GLU A 91 
# 
_struct_site.id                   AC1 
_struct_site.pdbx_evidence_code   Software 
_struct_site.pdbx_auth_asym_id    A 
_struct_site.pdbx_auth_comp_id    PLM 
_struct_site.pdbx_auth_seq_id     200 
_struct_site.pdbx_auth_ins_code   ? 
_struct_site.pdbx_num_residues    7 
_struct_site.details              'BINDING SITE FOR RESIDUE PLM A 200' 
# 
loop_
_struct_site_gen.id 
_struct_site_gen.site_id 
_struct_site_gen.pdbx_num_res 
_struct_site_gen.label_comp_id 
_struct_site_gen.label_asym_id 
_struct_site_gen.label_seq_id 
_struct_site_gen.pdbx_auth_ins_code 
_struct_site_gen.auth_comp_id 
_struct_site_gen.auth_asym_id 
_struct_site_gen.auth_seq_id 
_struct_site_gen.label_atom_id 
_struct_site_gen.label_alt_id 
_struct_site_gen.symmetry 
_struct_site_gen.details 
1 AC1 7 ARG A 30  ? ARG A 24  . ? 1_555 ? 
2 AC1 7 GLN A 31  ? GLN A 25  . ? 1_555 ? 
3 AC1 7 VAL A 32  ? VAL A 26  . ? 1_555 ? 
4 AC1 7 ILE A 105 ? ILE A 99  . ? 1_555 ? 
5 AC1 7 PHE A 111 ? PHE A 105 . ? 1_555 ? 
6 AC1 7 HOH C .   ? HOH A 412 . ? 1_555 ? 
7 AC1 7 HOH C .   ? HOH A 422 . ? 1_555 ? 
# 
loop_
_pdbx_validate_rmsd_bond.id 
_pdbx_validate_rmsd_bond.PDB_model_num 
_pdbx_validate_rmsd_bond.auth_atom_id_1 
_pdbx_validate_rmsd_bond.auth_asym_id_1 
_pdbx_validate_rmsd_bond.auth_comp_id_1 
_pdbx_validate_rmsd_bond.auth_seq_id_1 
_pdbx_validate_rmsd_bond.PDB_ins_code_1 
_pdbx_validate_rmsd_bond.label_alt_id_1 
_pdbx_validate_rmsd_bond.auth_atom_id_2 
_pdbx_validate_rmsd_bond.auth_asym_id_2 
_pdbx_validate_rmsd_bond.auth_comp_id_2 
_pdbx_validate_rmsd_bond.auth_seq_id_2 
_pdbx_validate_rmsd_bond.PDB_ins_code_2 
_pdbx_validate_rmsd_bond.label_alt_id_2 
_pdbx_validate_rmsd_bond.bond_value 
_pdbx_validate_rmsd_bond.bond_target_value 
_pdbx_validate_rmsd_bond.bond_deviation 
_pdbx_validate_rmsd_bond.bond_standard_deviation 
_pdbx_validate_rmsd_bond.linker_flag 
1 1 CD A GLU 83  ? ? OE2 A GLU 83  ? ? 1.330 1.252 0.078 0.011 N 
2 1 CD A GLU 91  ? ? OE2 A GLU 91  ? ? 1.319 1.252 0.067 0.011 N 
3 1 CD A GLU 103 ? ? OE2 A GLU 103 ? ? 1.321 1.252 0.069 0.011 N 
# 
loop_
_pdbx_validate_rmsd_angle.id 
_pdbx_validate_rmsd_angle.PDB_model_num 
_pdbx_validate_rmsd_angle.auth_atom_id_1 
_pdbx_validate_rmsd_angle.auth_asym_id_1 
_pdbx_validate_rmsd_angle.auth_comp_id_1 
_pdbx_validate_rmsd_angle.auth_seq_id_1 
_pdbx_validate_rmsd_angle.PDB_ins_code_1 
_pdbx_validate_rmsd_angle.label_alt_id_1 
_pdbx_validate_rmsd_angle.auth_atom_id_2 
_pdbx_validate_rmsd_angle.auth_asym_id_2 
_pdbx_validate_rmsd_angle.auth_comp_id_2 
_pdbx_validate_rmsd_angle.auth_seq_id_2 
_pdbx_validate_rmsd_angle.PDB_ins_code_2 
_pdbx_validate_rmsd_angle.label_alt_id_2 
_pdbx_validate_rmsd_angle.auth_atom_id_3 
_pdbx_validate_rmsd_angle.auth_asym_id_3 
_pdbx_validate_rmsd_angle.auth_comp_id_3 
_pdbx_validate_rmsd_angle.auth_seq_id_3 
_pdbx_validate_rmsd_angle.PDB_ins_code_3 
_pdbx_validate_rmsd_angle.label_alt_id_3 
_pdbx_validate_rmsd_angle.angle_value 
_pdbx_validate_rmsd_angle.angle_target_value 
_pdbx_validate_rmsd_angle.angle_deviation 
_pdbx_validate_rmsd_angle.angle_standard_deviation 
_pdbx_validate_rmsd_angle.linker_flag 
1  1 NE A ARG 15 ? ? CZ A ARG 15 ? ? NH1 A ARG 15 ? ? 124.16 120.30 3.86   0.50 N 
2  1 NE A ARG 15 ? ? CZ A ARG 15 ? ? NH2 A ARG 15 ? ? 116.49 120.30 -3.81  0.50 N 
3  1 CB A ASP 20 ? ? CG A ASP 20 ? ? OD1 A ASP 20 ? ? 125.01 118.30 6.71   0.90 N 
4  1 CB A ASP 20 ? ? CG A ASP 20 ? ? OD2 A ASP 20 ? ? 109.58 118.30 -8.72  0.90 N 
5  1 NE A ARG 33 ? ? CZ A ARG 33 ? ? NH1 A ARG 33 ? ? 124.51 120.30 4.21   0.50 N 
6  1 CB A ASN 43 ? A CA A ASN 43 ? ? C   A ASN 43 ? ? 98.07  110.40 -12.33 2.00 N 
7  1 CB A ASP 47 ? ? CG A ASP 47 ? ? OD1 A ASP 47 ? ? 127.20 118.30 8.90   0.90 N 
8  1 CB A ASP 47 ? ? CG A ASP 47 ? ? OD2 A ASP 47 ? ? 111.47 118.30 -6.83  0.90 N 
9  1 CB A ASP 57 ? ? CG A ASP 57 ? ? OD2 A ASP 57 ? ? 112.46 118.30 -5.84  0.90 N 
10 1 CB A ASP 58 ? ? CG A ASP 58 ? ? OD2 A ASP 58 ? ? 112.25 118.30 -6.05  0.90 N 
11 1 CB A ASP 68 ? ? CG A ASP 68 ? ? OD2 A ASP 68 ? ? 112.61 118.30 -5.69  0.90 N 
12 1 CB A ASP 88 ? ? CG A ASP 88 ? ? OD2 A ASP 88 ? ? 112.78 118.30 -5.52  0.90 N 
# 
loop_
_pdbx_validate_torsion.id 
_pdbx_validate_torsion.PDB_model_num 
_pdbx_validate_torsion.auth_comp_id 
_pdbx_validate_torsion.auth_asym_id 
_pdbx_validate_torsion.auth_seq_id 
_pdbx_validate_torsion.PDB_ins_code 
_pdbx_validate_torsion.label_alt_id 
_pdbx_validate_torsion.phi 
_pdbx_validate_torsion.psi 
1 1 GLU A 27 ? ? -118.27 71.66 
2 1 VAL A 51 ? ? 72.68   70.27 
# 
loop_
_pdbx_unobs_or_zero_occ_residues.id 
_pdbx_unobs_or_zero_occ_residues.PDB_model_num 
_pdbx_unobs_or_zero_occ_residues.polymer_flag 
_pdbx_unobs_or_zero_occ_residues.occupancy_flag 
_pdbx_unobs_or_zero_occ_residues.auth_asym_id 
_pdbx_unobs_or_zero_occ_residues.auth_comp_id 
_pdbx_unobs_or_zero_occ_residues.auth_seq_id 
_pdbx_unobs_or_zero_occ_residues.PDB_ins_code 
_pdbx_unobs_or_zero_occ_residues.label_asym_id 
_pdbx_unobs_or_zero_occ_residues.label_comp_id 
_pdbx_unobs_or_zero_occ_residues.label_seq_id 
1 1 Y 1 A GLY -5 ? A GLY 1 
2 1 Y 1 A SER -4 ? A SER 2 
3 1 Y 1 A PRO -3 ? A PRO 3 
# 
loop_
_chem_comp_atom.comp_id 
_chem_comp_atom.atom_id 
_chem_comp_atom.type_symbol 
_chem_comp_atom.pdbx_aromatic_flag 
_chem_comp_atom.pdbx_stereo_config 
_chem_comp_atom.pdbx_ordinal 
ALA N    N N N 1   
ALA CA   C N S 2   
ALA C    C N N 3   
ALA O    O N N 4   
ALA CB   C N N 5   
ALA OXT  O N N 6   
ALA H    H N N 7   
ALA H2   H N N 8   
ALA HA   H N N 9   
ALA HB1  H N N 10  
ALA HB2  H N N 11  
ALA HB3  H N N 12  
ALA HXT  H N N 13  
ARG N    N N N 14  
ARG CA   C N S 15  
ARG C    C N N 16  
ARG O    O N N 17  
ARG CB   C N N 18  
ARG CG   C N N 19  
ARG CD   C N N 20  
ARG NE   N N N 21  
ARG CZ   C N N 22  
ARG NH1  N N N 23  
ARG NH2  N N N 24  
ARG OXT  O N N 25  
ARG H    H N N 26  
ARG H2   H N N 27  
ARG HA   H N N 28  
ARG HB2  H N N 29  
ARG HB3  H N N 30  
ARG HG2  H N N 31  
ARG HG3  H N N 32  
ARG HD2  H N N 33  
ARG HD3  H N N 34  
ARG HE   H N N 35  
ARG HH11 H N N 36  
ARG HH12 H N N 37  
ARG HH21 H N N 38  
ARG HH22 H N N 39  
ARG HXT  H N N 40  
ASN N    N N N 41  
ASN CA   C N S 42  
ASN C    C N N 43  
ASN O    O N N 44  
ASN CB   C N N 45  
ASN CG   C N N 46  
ASN OD1  O N N 47  
ASN ND2  N N N 48  
ASN OXT  O N N 49  
ASN H    H N N 50  
ASN H2   H N N 51  
ASN HA   H N N 52  
ASN HB2  H N N 53  
ASN HB3  H N N 54  
ASN HD21 H N N 55  
ASN HD22 H N N 56  
ASN HXT  H N N 57  
ASP N    N N N 58  
ASP CA   C N S 59  
ASP C    C N N 60  
ASP O    O N N 61  
ASP CB   C N N 62  
ASP CG   C N N 63  
ASP OD1  O N N 64  
ASP OD2  O N N 65  
ASP OXT  O N N 66  
ASP H    H N N 67  
ASP H2   H N N 68  
ASP HA   H N N 69  
ASP HB2  H N N 70  
ASP HB3  H N N 71  
ASP HD2  H N N 72  
ASP HXT  H N N 73  
GLN N    N N N 74  
GLN CA   C N S 75  
GLN C    C N N 76  
GLN O    O N N 77  
GLN CB   C N N 78  
GLN CG   C N N 79  
GLN CD   C N N 80  
GLN OE1  O N N 81  
GLN NE2  N N N 82  
GLN OXT  O N N 83  
GLN H    H N N 84  
GLN H2   H N N 85  
GLN HA   H N N 86  
GLN HB2  H N N 87  
GLN HB3  H N N 88  
GLN HG2  H N N 89  
GLN HG3  H N N 90  
GLN HE21 H N N 91  
GLN HE22 H N N 92  
GLN HXT  H N N 93  
GLU N    N N N 94  
GLU CA   C N S 95  
GLU C    C N N 96  
GLU O    O N N 97  
GLU CB   C N N 98  
GLU CG   C N N 99  
GLU CD   C N N 100 
GLU OE1  O N N 101 
GLU OE2  O N N 102 
GLU OXT  O N N 103 
GLU H    H N N 104 
GLU H2   H N N 105 
GLU HA   H N N 106 
GLU HB2  H N N 107 
GLU HB3  H N N 108 
GLU HG2  H N N 109 
GLU HG3  H N N 110 
GLU HE2  H N N 111 
GLU HXT  H N N 112 
GLY N    N N N 113 
GLY CA   C N N 114 
GLY C    C N N 115 
GLY O    O N N 116 
GLY OXT  O N N 117 
GLY H    H N N 118 
GLY H2   H N N 119 
GLY HA2  H N N 120 
GLY HA3  H N N 121 
GLY HXT  H N N 122 
HIS N    N N N 123 
HIS CA   C N S 124 
HIS C    C N N 125 
HIS O    O N N 126 
HIS CB   C N N 127 
HIS CG   C Y N 128 
HIS ND1  N Y N 129 
HIS CD2  C Y N 130 
HIS CE1  C Y N 131 
HIS NE2  N Y N 132 
HIS OXT  O N N 133 
HIS H    H N N 134 
HIS H2   H N N 135 
HIS HA   H N N 136 
HIS HB2  H N N 137 
HIS HB3  H N N 138 
HIS HD1  H N N 139 
HIS HD2  H N N 140 
HIS HE1  H N N 141 
HIS HE2  H N N 142 
HIS HXT  H N N 143 
HOH O    O N N 144 
HOH H1   H N N 145 
HOH H2   H N N 146 
ILE N    N N N 147 
ILE CA   C N S 148 
ILE C    C N N 149 
ILE O    O N N 150 
ILE CB   C N S 151 
ILE CG1  C N N 152 
ILE CG2  C N N 153 
ILE CD1  C N N 154 
ILE OXT  O N N 155 
ILE H    H N N 156 
ILE H2   H N N 157 
ILE HA   H N N 158 
ILE HB   H N N 159 
ILE HG12 H N N 160 
ILE HG13 H N N 161 
ILE HG21 H N N 162 
ILE HG22 H N N 163 
ILE HG23 H N N 164 
ILE HD11 H N N 165 
ILE HD12 H N N 166 
ILE HD13 H N N 167 
ILE HXT  H N N 168 
LEU N    N N N 169 
LEU CA   C N S 170 
LEU C    C N N 171 
LEU O    O N N 172 
LEU CB   C N N 173 
LEU CG   C N N 174 
LEU CD1  C N N 175 
LEU CD2  C N N 176 
LEU OXT  O N N 177 
LEU H    H N N 178 
LEU H2   H N N 179 
LEU HA   H N N 180 
LEU HB2  H N N 181 
LEU HB3  H N N 182 
LEU HG   H N N 183 
LEU HD11 H N N 184 
LEU HD12 H N N 185 
LEU HD13 H N N 186 
LEU HD21 H N N 187 
LEU HD22 H N N 188 
LEU HD23 H N N 189 
LEU HXT  H N N 190 
LYS N    N N N 191 
LYS CA   C N S 192 
LYS C    C N N 193 
LYS O    O N N 194 
LYS CB   C N N 195 
LYS CG   C N N 196 
LYS CD   C N N 197 
LYS CE   C N N 198 
LYS NZ   N N N 199 
LYS OXT  O N N 200 
LYS H    H N N 201 
LYS H2   H N N 202 
LYS HA   H N N 203 
LYS HB2  H N N 204 
LYS HB3  H N N 205 
LYS HG2  H N N 206 
LYS HG3  H N N 207 
LYS HD2  H N N 208 
LYS HD3  H N N 209 
LYS HE2  H N N 210 
LYS HE3  H N N 211 
LYS HZ1  H N N 212 
LYS HZ2  H N N 213 
LYS HZ3  H N N 214 
LYS HXT  H N N 215 
MET N    N N N 216 
MET CA   C N S 217 
MET C    C N N 218 
MET O    O N N 219 
MET CB   C N N 220 
MET CG   C N N 221 
MET SD   S N N 222 
MET CE   C N N 223 
MET OXT  O N N 224 
MET H    H N N 225 
MET H2   H N N 226 
MET HA   H N N 227 
MET HB2  H N N 228 
MET HB3  H N N 229 
MET HG2  H N N 230 
MET HG3  H N N 231 
MET HE1  H N N 232 
MET HE2  H N N 233 
MET HE3  H N N 234 
MET HXT  H N N 235 
PHE N    N N N 236 
PHE CA   C N S 237 
PHE C    C N N 238 
PHE O    O N N 239 
PHE CB   C N N 240 
PHE CG   C Y N 241 
PHE CD1  C Y N 242 
PHE CD2  C Y N 243 
PHE CE1  C Y N 244 
PHE CE2  C Y N 245 
PHE CZ   C Y N 246 
PHE OXT  O N N 247 
PHE H    H N N 248 
PHE H2   H N N 249 
PHE HA   H N N 250 
PHE HB2  H N N 251 
PHE HB3  H N N 252 
PHE HD1  H N N 253 
PHE HD2  H N N 254 
PHE HE1  H N N 255 
PHE HE2  H N N 256 
PHE HZ   H N N 257 
PHE HXT  H N N 258 
PLM C1   C N N 259 
PLM O1   O N N 260 
PLM O2   O N N 261 
PLM C2   C N N 262 
PLM C3   C N N 263 
PLM C4   C N N 264 
PLM C5   C N N 265 
PLM C6   C N N 266 
PLM C7   C N N 267 
PLM C8   C N N 268 
PLM C9   C N N 269 
PLM CA   C N N 270 
PLM CB   C N N 271 
PLM CC   C N N 272 
PLM CD   C N N 273 
PLM CE   C N N 274 
PLM CF   C N N 275 
PLM CG   C N N 276 
PLM H    H N N 277 
PLM H21  H N N 278 
PLM H22  H N N 279 
PLM H31  H N N 280 
PLM H32  H N N 281 
PLM H41  H N N 282 
PLM H42  H N N 283 
PLM H51  H N N 284 
PLM H52  H N N 285 
PLM H61  H N N 286 
PLM H62  H N N 287 
PLM H71  H N N 288 
PLM H72  H N N 289 
PLM H81  H N N 290 
PLM H82  H N N 291 
PLM H91  H N N 292 
PLM H92  H N N 293 
PLM HA1  H N N 294 
PLM HA2  H N N 295 
PLM HB1  H N N 296 
PLM HB2  H N N 297 
PLM HC1  H N N 298 
PLM HC2  H N N 299 
PLM HD1  H N N 300 
PLM HD2  H N N 301 
PLM HE1  H N N 302 
PLM HE2  H N N 303 
PLM HF1  H N N 304 
PLM HF2  H N N 305 
PLM HG1  H N N 306 
PLM HG2  H N N 307 
PLM HG3  H N N 308 
PRO N    N N N 309 
PRO CA   C N S 310 
PRO C    C N N 311 
PRO O    O N N 312 
PRO CB   C N N 313 
PRO CG   C N N 314 
PRO CD   C N N 315 
PRO OXT  O N N 316 
PRO H    H N N 317 
PRO HA   H N N 318 
PRO HB2  H N N 319 
PRO HB3  H N N 320 
PRO HG2  H N N 321 
PRO HG3  H N N 322 
PRO HD2  H N N 323 
PRO HD3  H N N 324 
PRO HXT  H N N 325 
SER N    N N N 326 
SER CA   C N S 327 
SER C    C N N 328 
SER O    O N N 329 
SER CB   C N N 330 
SER OG   O N N 331 
SER OXT  O N N 332 
SER H    H N N 333 
SER H2   H N N 334 
SER HA   H N N 335 
SER HB2  H N N 336 
SER HB3  H N N 337 
SER HG   H N N 338 
SER HXT  H N N 339 
THR N    N N N 340 
THR CA   C N S 341 
THR C    C N N 342 
THR O    O N N 343 
THR CB   C N R 344 
THR OG1  O N N 345 
THR CG2  C N N 346 
THR OXT  O N N 347 
THR H    H N N 348 
THR H2   H N N 349 
THR HA   H N N 350 
THR HB   H N N 351 
THR HG1  H N N 352 
THR HG21 H N N 353 
THR HG22 H N N 354 
THR HG23 H N N 355 
THR HXT  H N N 356 
TRP N    N N N 357 
TRP CA   C N S 358 
TRP C    C N N 359 
TRP O    O N N 360 
TRP CB   C N N 361 
TRP CG   C Y N 362 
TRP CD1  C Y N 363 
TRP CD2  C Y N 364 
TRP NE1  N Y N 365 
TRP CE2  C Y N 366 
TRP CE3  C Y N 367 
TRP CZ2  C Y N 368 
TRP CZ3  C Y N 369 
TRP CH2  C Y N 370 
TRP OXT  O N N 371 
TRP H    H N N 372 
TRP H2   H N N 373 
TRP HA   H N N 374 
TRP HB2  H N N 375 
TRP HB3  H N N 376 
TRP HD1  H N N 377 
TRP HE1  H N N 378 
TRP HE3  H N N 379 
TRP HZ2  H N N 380 
TRP HZ3  H N N 381 
TRP HH2  H N N 382 
TRP HXT  H N N 383 
TYR N    N N N 384 
TYR CA   C N S 385 
TYR C    C N N 386 
TYR O    O N N 387 
TYR CB   C N N 388 
TYR CG   C Y N 389 
TYR CD1  C Y N 390 
TYR CD2  C Y N 391 
TYR CE1  C Y N 392 
TYR CE2  C Y N 393 
TYR CZ   C Y N 394 
TYR OH   O N N 395 
TYR OXT  O N N 396 
TYR H    H N N 397 
TYR H2   H N N 398 
TYR HA   H N N 399 
TYR HB2  H N N 400 
TYR HB3  H N N 401 
TYR HD1  H N N 402 
TYR HD2  H N N 403 
TYR HE1  H N N 404 
TYR HE2  H N N 405 
TYR HH   H N N 406 
TYR HXT  H N N 407 
VAL N    N N N 408 
VAL CA   C N S 409 
VAL C    C N N 410 
VAL O    O N N 411 
VAL CB   C N N 412 
VAL CG1  C N N 413 
VAL CG2  C N N 414 
VAL OXT  O N N 415 
VAL H    H N N 416 
VAL H2   H N N 417 
VAL HA   H N N 418 
VAL HB   H N N 419 
VAL HG11 H N N 420 
VAL HG12 H N N 421 
VAL HG13 H N N 422 
VAL HG21 H N N 423 
VAL HG22 H N N 424 
VAL HG23 H N N 425 
VAL HXT  H N N 426 
# 
loop_
_chem_comp_bond.comp_id 
_chem_comp_bond.atom_id_1 
_chem_comp_bond.atom_id_2 
_chem_comp_bond.value_order 
_chem_comp_bond.pdbx_aromatic_flag 
_chem_comp_bond.pdbx_stereo_config 
_chem_comp_bond.pdbx_ordinal 
ALA N   CA   sing N N 1   
ALA N   H    sing N N 2   
ALA N   H2   sing N N 3   
ALA CA  C    sing N N 4   
ALA CA  CB   sing N N 5   
ALA CA  HA   sing N N 6   
ALA C   O    doub N N 7   
ALA C   OXT  sing N N 8   
ALA CB  HB1  sing N N 9   
ALA CB  HB2  sing N N 10  
ALA CB  HB3  sing N N 11  
ALA OXT HXT  sing N N 12  
ARG N   CA   sing N N 13  
ARG N   H    sing N N 14  
ARG N   H2   sing N N 15  
ARG CA  C    sing N N 16  
ARG CA  CB   sing N N 17  
ARG CA  HA   sing N N 18  
ARG C   O    doub N N 19  
ARG C   OXT  sing N N 20  
ARG CB  CG   sing N N 21  
ARG CB  HB2  sing N N 22  
ARG CB  HB3  sing N N 23  
ARG CG  CD   sing N N 24  
ARG CG  HG2  sing N N 25  
ARG CG  HG3  sing N N 26  
ARG CD  NE   sing N N 27  
ARG CD  HD2  sing N N 28  
ARG CD  HD3  sing N N 29  
ARG NE  CZ   sing N N 30  
ARG NE  HE   sing N N 31  
ARG CZ  NH1  sing N N 32  
ARG CZ  NH2  doub N N 33  
ARG NH1 HH11 sing N N 34  
ARG NH1 HH12 sing N N 35  
ARG NH2 HH21 sing N N 36  
ARG NH2 HH22 sing N N 37  
ARG OXT HXT  sing N N 38  
ASN N   CA   sing N N 39  
ASN N   H    sing N N 40  
ASN N   H2   sing N N 41  
ASN CA  C    sing N N 42  
ASN CA  CB   sing N N 43  
ASN CA  HA   sing N N 44  
ASN C   O    doub N N 45  
ASN C   OXT  sing N N 46  
ASN CB  CG   sing N N 47  
ASN CB  HB2  sing N N 48  
ASN CB  HB3  sing N N 49  
ASN CG  OD1  doub N N 50  
ASN CG  ND2  sing N N 51  
ASN ND2 HD21 sing N N 52  
ASN ND2 HD22 sing N N 53  
ASN OXT HXT  sing N N 54  
ASP N   CA   sing N N 55  
ASP N   H    sing N N 56  
ASP N   H2   sing N N 57  
ASP CA  C    sing N N 58  
ASP CA  CB   sing N N 59  
ASP CA  HA   sing N N 60  
ASP C   O    doub N N 61  
ASP C   OXT  sing N N 62  
ASP CB  CG   sing N N 63  
ASP CB  HB2  sing N N 64  
ASP CB  HB3  sing N N 65  
ASP CG  OD1  doub N N 66  
ASP CG  OD2  sing N N 67  
ASP OD2 HD2  sing N N 68  
ASP OXT HXT  sing N N 69  
GLN N   CA   sing N N 70  
GLN N   H    sing N N 71  
GLN N   H2   sing N N 72  
GLN CA  C    sing N N 73  
GLN CA  CB   sing N N 74  
GLN CA  HA   sing N N 75  
GLN C   O    doub N N 76  
GLN C   OXT  sing N N 77  
GLN CB  CG   sing N N 78  
GLN CB  HB2  sing N N 79  
GLN CB  HB3  sing N N 80  
GLN CG  CD   sing N N 81  
GLN CG  HG2  sing N N 82  
GLN CG  HG3  sing N N 83  
GLN CD  OE1  doub N N 84  
GLN CD  NE2  sing N N 85  
GLN NE2 HE21 sing N N 86  
GLN NE2 HE22 sing N N 87  
GLN OXT HXT  sing N N 88  
GLU N   CA   sing N N 89  
GLU N   H    sing N N 90  
GLU N   H2   sing N N 91  
GLU CA  C    sing N N 92  
GLU CA  CB   sing N N 93  
GLU CA  HA   sing N N 94  
GLU C   O    doub N N 95  
GLU C   OXT  sing N N 96  
GLU CB  CG   sing N N 97  
GLU CB  HB2  sing N N 98  
GLU CB  HB3  sing N N 99  
GLU CG  CD   sing N N 100 
GLU CG  HG2  sing N N 101 
GLU CG  HG3  sing N N 102 
GLU CD  OE1  doub N N 103 
GLU CD  OE2  sing N N 104 
GLU OE2 HE2  sing N N 105 
GLU OXT HXT  sing N N 106 
GLY N   CA   sing N N 107 
GLY N   H    sing N N 108 
GLY N   H2   sing N N 109 
GLY CA  C    sing N N 110 
GLY CA  HA2  sing N N 111 
GLY CA  HA3  sing N N 112 
GLY C   O    doub N N 113 
GLY C   OXT  sing N N 114 
GLY OXT HXT  sing N N 115 
HIS N   CA   sing N N 116 
HIS N   H    sing N N 117 
HIS N   H2   sing N N 118 
HIS CA  C    sing N N 119 
HIS CA  CB   sing N N 120 
HIS CA  HA   sing N N 121 
HIS C   O    doub N N 122 
HIS C   OXT  sing N N 123 
HIS CB  CG   sing N N 124 
HIS CB  HB2  sing N N 125 
HIS CB  HB3  sing N N 126 
HIS CG  ND1  sing Y N 127 
HIS CG  CD2  doub Y N 128 
HIS ND1 CE1  doub Y N 129 
HIS ND1 HD1  sing N N 130 
HIS CD2 NE2  sing Y N 131 
HIS CD2 HD2  sing N N 132 
HIS CE1 NE2  sing Y N 133 
HIS CE1 HE1  sing N N 134 
HIS NE2 HE2  sing N N 135 
HIS OXT HXT  sing N N 136 
HOH O   H1   sing N N 137 
HOH O   H2   sing N N 138 
ILE N   CA   sing N N 139 
ILE N   H    sing N N 140 
ILE N   H2   sing N N 141 
ILE CA  C    sing N N 142 
ILE CA  CB   sing N N 143 
ILE CA  HA   sing N N 144 
ILE C   O    doub N N 145 
ILE C   OXT  sing N N 146 
ILE CB  CG1  sing N N 147 
ILE CB  CG2  sing N N 148 
ILE CB  HB   sing N N 149 
ILE CG1 CD1  sing N N 150 
ILE CG1 HG12 sing N N 151 
ILE CG1 HG13 sing N N 152 
ILE CG2 HG21 sing N N 153 
ILE CG2 HG22 sing N N 154 
ILE CG2 HG23 sing N N 155 
ILE CD1 HD11 sing N N 156 
ILE CD1 HD12 sing N N 157 
ILE CD1 HD13 sing N N 158 
ILE OXT HXT  sing N N 159 
LEU N   CA   sing N N 160 
LEU N   H    sing N N 161 
LEU N   H2   sing N N 162 
LEU CA  C    sing N N 163 
LEU CA  CB   sing N N 164 
LEU CA  HA   sing N N 165 
LEU C   O    doub N N 166 
LEU C   OXT  sing N N 167 
LEU CB  CG   sing N N 168 
LEU CB  HB2  sing N N 169 
LEU CB  HB3  sing N N 170 
LEU CG  CD1  sing N N 171 
LEU CG  CD2  sing N N 172 
LEU CG  HG   sing N N 173 
LEU CD1 HD11 sing N N 174 
LEU CD1 HD12 sing N N 175 
LEU CD1 HD13 sing N N 176 
LEU CD2 HD21 sing N N 177 
LEU CD2 HD22 sing N N 178 
LEU CD2 HD23 sing N N 179 
LEU OXT HXT  sing N N 180 
LYS N   CA   sing N N 181 
LYS N   H    sing N N 182 
LYS N   H2   sing N N 183 
LYS CA  C    sing N N 184 
LYS CA  CB   sing N N 185 
LYS CA  HA   sing N N 186 
LYS C   O    doub N N 187 
LYS C   OXT  sing N N 188 
LYS CB  CG   sing N N 189 
LYS CB  HB2  sing N N 190 
LYS CB  HB3  sing N N 191 
LYS CG  CD   sing N N 192 
LYS CG  HG2  sing N N 193 
LYS CG  HG3  sing N N 194 
LYS CD  CE   sing N N 195 
LYS CD  HD2  sing N N 196 
LYS CD  HD3  sing N N 197 
LYS CE  NZ   sing N N 198 
LYS CE  HE2  sing N N 199 
LYS CE  HE3  sing N N 200 
LYS NZ  HZ1  sing N N 201 
LYS NZ  HZ2  sing N N 202 
LYS NZ  HZ3  sing N N 203 
LYS OXT HXT  sing N N 204 
MET N   CA   sing N N 205 
MET N   H    sing N N 206 
MET N   H2   sing N N 207 
MET CA  C    sing N N 208 
MET CA  CB   sing N N 209 
MET CA  HA   sing N N 210 
MET C   O    doub N N 211 
MET C   OXT  sing N N 212 
MET CB  CG   sing N N 213 
MET CB  HB2  sing N N 214 
MET CB  HB3  sing N N 215 
MET CG  SD   sing N N 216 
MET CG  HG2  sing N N 217 
MET CG  HG3  sing N N 218 
MET SD  CE   sing N N 219 
MET CE  HE1  sing N N 220 
MET CE  HE2  sing N N 221 
MET CE  HE3  sing N N 222 
MET OXT HXT  sing N N 223 
PHE N   CA   sing N N 224 
PHE N   H    sing N N 225 
PHE N   H2   sing N N 226 
PHE CA  C    sing N N 227 
PHE CA  CB   sing N N 228 
PHE CA  HA   sing N N 229 
PHE C   O    doub N N 230 
PHE C   OXT  sing N N 231 
PHE CB  CG   sing N N 232 
PHE CB  HB2  sing N N 233 
PHE CB  HB3  sing N N 234 
PHE CG  CD1  doub Y N 235 
PHE CG  CD2  sing Y N 236 
PHE CD1 CE1  sing Y N 237 
PHE CD1 HD1  sing N N 238 
PHE CD2 CE2  doub Y N 239 
PHE CD2 HD2  sing N N 240 
PHE CE1 CZ   doub Y N 241 
PHE CE1 HE1  sing N N 242 
PHE CE2 CZ   sing Y N 243 
PHE CE2 HE2  sing N N 244 
PHE CZ  HZ   sing N N 245 
PHE OXT HXT  sing N N 246 
PLM C1  O1   sing N N 247 
PLM C1  O2   doub N N 248 
PLM C1  C2   sing N N 249 
PLM O1  H    sing N N 250 
PLM C2  C3   sing N N 251 
PLM C2  H21  sing N N 252 
PLM C2  H22  sing N N 253 
PLM C3  C4   sing N N 254 
PLM C3  H31  sing N N 255 
PLM C3  H32  sing N N 256 
PLM C4  C5   sing N N 257 
PLM C4  H41  sing N N 258 
PLM C4  H42  sing N N 259 
PLM C5  C6   sing N N 260 
PLM C5  H51  sing N N 261 
PLM C5  H52  sing N N 262 
PLM C6  C7   sing N N 263 
PLM C6  H61  sing N N 264 
PLM C6  H62  sing N N 265 
PLM C7  C8   sing N N 266 
PLM C7  H71  sing N N 267 
PLM C7  H72  sing N N 268 
PLM C8  C9   sing N N 269 
PLM C8  H81  sing N N 270 
PLM C8  H82  sing N N 271 
PLM C9  CA   sing N N 272 
PLM C9  H91  sing N N 273 
PLM C9  H92  sing N N 274 
PLM CA  CB   sing N N 275 
PLM CA  HA1  sing N N 276 
PLM CA  HA2  sing N N 277 
PLM CB  CC   sing N N 278 
PLM CB  HB1  sing N N 279 
PLM CB  HB2  sing N N 280 
PLM CC  CD   sing N N 281 
PLM CC  HC1  sing N N 282 
PLM CC  HC2  sing N N 283 
PLM CD  CE   sing N N 284 
PLM CD  HD1  sing N N 285 
PLM CD  HD2  sing N N 286 
PLM CE  CF   sing N N 287 
PLM CE  HE1  sing N N 288 
PLM CE  HE2  sing N N 289 
PLM CF  CG   sing N N 290 
PLM CF  HF1  sing N N 291 
PLM CF  HF2  sing N N 292 
PLM CG  HG1  sing N N 293 
PLM CG  HG2  sing N N 294 
PLM CG  HG3  sing N N 295 
PRO N   CA   sing N N 296 
PRO N   CD   sing N N 297 
PRO N   H    sing N N 298 
PRO CA  C    sing N N 299 
PRO CA  CB   sing N N 300 
PRO CA  HA   sing N N 301 
PRO C   O    doub N N 302 
PRO C   OXT  sing N N 303 
PRO CB  CG   sing N N 304 
PRO CB  HB2  sing N N 305 
PRO CB  HB3  sing N N 306 
PRO CG  CD   sing N N 307 
PRO CG  HG2  sing N N 308 
PRO CG  HG3  sing N N 309 
PRO CD  HD2  sing N N 310 
PRO CD  HD3  sing N N 311 
PRO OXT HXT  sing N N 312 
SER N   CA   sing N N 313 
SER N   H    sing N N 314 
SER N   H2   sing N N 315 
SER CA  C    sing N N 316 
SER CA  CB   sing N N 317 
SER CA  HA   sing N N 318 
SER C   O    doub N N 319 
SER C   OXT  sing N N 320 
SER CB  OG   sing N N 321 
SER CB  HB2  sing N N 322 
SER CB  HB3  sing N N 323 
SER OG  HG   sing N N 324 
SER OXT HXT  sing N N 325 
THR N   CA   sing N N 326 
THR N   H    sing N N 327 
THR N   H2   sing N N 328 
THR CA  C    sing N N 329 
THR CA  CB   sing N N 330 
THR CA  HA   sing N N 331 
THR C   O    doub N N 332 
THR C   OXT  sing N N 333 
THR CB  OG1  sing N N 334 
THR CB  CG2  sing N N 335 
THR CB  HB   sing N N 336 
THR OG1 HG1  sing N N 337 
THR CG2 HG21 sing N N 338 
THR CG2 HG22 sing N N 339 
THR CG2 HG23 sing N N 340 
THR OXT HXT  sing N N 341 
TRP N   CA   sing N N 342 
TRP N   H    sing N N 343 
TRP N   H2   sing N N 344 
TRP CA  C    sing N N 345 
TRP CA  CB   sing N N 346 
TRP CA  HA   sing N N 347 
TRP C   O    doub N N 348 
TRP C   OXT  sing N N 349 
TRP CB  CG   sing N N 350 
TRP CB  HB2  sing N N 351 
TRP CB  HB3  sing N N 352 
TRP CG  CD1  doub Y N 353 
TRP CG  CD2  sing Y N 354 
TRP CD1 NE1  sing Y N 355 
TRP CD1 HD1  sing N N 356 
TRP CD2 CE2  doub Y N 357 
TRP CD2 CE3  sing Y N 358 
TRP NE1 CE2  sing Y N 359 
TRP NE1 HE1  sing N N 360 
TRP CE2 CZ2  sing Y N 361 
TRP CE3 CZ3  doub Y N 362 
TRP CE3 HE3  sing N N 363 
TRP CZ2 CH2  doub Y N 364 
TRP CZ2 HZ2  sing N N 365 
TRP CZ3 CH2  sing Y N 366 
TRP CZ3 HZ3  sing N N 367 
TRP CH2 HH2  sing N N 368 
TRP OXT HXT  sing N N 369 
TYR N   CA   sing N N 370 
TYR N   H    sing N N 371 
TYR N   H2   sing N N 372 
TYR CA  C    sing N N 373 
TYR CA  CB   sing N N 374 
TYR CA  HA   sing N N 375 
TYR C   O    doub N N 376 
TYR C   OXT  sing N N 377 
TYR CB  CG   sing N N 378 
TYR CB  HB2  sing N N 379 
TYR CB  HB3  sing N N 380 
TYR CG  CD1  doub Y N 381 
TYR CG  CD2  sing Y N 382 
TYR CD1 CE1  sing Y N 383 
TYR CD1 HD1  sing N N 384 
TYR CD2 CE2  doub Y N 385 
TYR CD2 HD2  sing N N 386 
TYR CE1 CZ   doub Y N 387 
TYR CE1 HE1  sing N N 388 
TYR CE2 CZ   sing Y N 389 
TYR CE2 HE2  sing N N 390 
TYR CZ  OH   sing N N 391 
TYR OH  HH   sing N N 392 
TYR OXT HXT  sing N N 393 
VAL N   CA   sing N N 394 
VAL N   H    sing N N 395 
VAL N   H2   sing N N 396 
VAL CA  C    sing N N 397 
VAL CA  CB   sing N N 398 
VAL CA  HA   sing N N 399 
VAL C   O    doub N N 400 
VAL C   OXT  sing N N 401 
VAL CB  CG1  sing N N 402 
VAL CB  CG2  sing N N 403 
VAL CB  HB   sing N N 404 
VAL CG1 HG11 sing N N 405 
VAL CG1 HG12 sing N N 406 
VAL CG1 HG13 sing N N 407 
VAL CG2 HG21 sing N N 408 
VAL CG2 HG22 sing N N 409 
VAL CG2 HG23 sing N N 410 
VAL OXT HXT  sing N N 411 
# 
_atom_sites.entry_id                    1PZ4 
_atom_sites.fract_transf_matrix[1][1]   0.01062028 
_atom_sites.fract_transf_matrix[1][2]   -0.03221986 
_atom_sites.fract_transf_matrix[1][3]   0.00373456 
_atom_sites.fract_transf_matrix[2][1]   0.02020911 
_atom_sites.fract_transf_matrix[2][2]   0.00607978 
_atom_sites.fract_transf_matrix[2][3]   -0.00501709 
_atom_sites.fract_transf_matrix[3][1]   0.00266592 
_atom_sites.fract_transf_matrix[3][2]   0.00247041 
_atom_sites.fract_transf_matrix[3][3]   0.01373215 
_atom_sites.fract_transf_vector[1]      0.627255 
_atom_sites.fract_transf_vector[2]      0.611038 
_atom_sites.fract_transf_vector[3]      0.826818 
# 
loop_
_atom_type.symbol 
C 
N 
O 
S 
# 
loop_
_atom_site.group_PDB 
_atom_site.id 
_atom_site.type_symbol 
_atom_site.label_atom_id 
_atom_site.label_alt_id 
_atom_site.label_comp_id 
_atom_site.label_asym_id 
_atom_site.label_entity_id 
_atom_site.label_seq_id 
_atom_site.pdbx_PDB_ins_code 
_atom_site.Cartn_x 
_atom_site.Cartn_y 
_atom_site.Cartn_z 
_atom_site.occupancy 
_atom_site.B_iso_or_equiv 
_atom_site.pdbx_formal_charge 
_atom_site.auth_seq_id 
_atom_site.auth_comp_id 
_atom_site.auth_asym_id 
_atom_site.auth_atom_id 
_atom_site.pdbx_PDB_model_num 
ATOM   1   N N   . GLY A 1 4   ? 12.170  20.816  1.695   1.00 73.37  ? -2  GLY A N   1 
ATOM   2   C CA  . GLY A 1 4   ? 11.134  20.147  2.476   1.00 72.18  ? -2  GLY A CA  1 
ATOM   3   C C   . GLY A 1 4   ? 9.795   20.867  2.384   1.00 71.74  ? -2  GLY A C   1 
ATOM   4   O O   . GLY A 1 4   ? 8.858   20.581  3.145   1.00 69.68  ? -2  GLY A O   1 
ATOM   5   N N   . ILE A 1 5   ? 9.772   21.781  1.411   1.00 66.07  ? -1  ILE A N   1 
ATOM   6   C CA  . ILE A 1 5   ? 8.666   22.628  1.026   1.00 64.80  ? -1  ILE A CA  1 
ATOM   7   C C   . ILE A 1 5   ? 7.396   21.794  0.699   1.00 63.43  ? -1  ILE A C   1 
ATOM   8   O O   . ILE A 1 5   ? 6.269   22.192  1.031   1.00 65.02  ? -1  ILE A O   1 
ATOM   9   C CB  . ILE A 1 5   ? 9.198   23.679  0.030   1.00 69.09  ? -1  ILE A CB  1 
ATOM   10  C CG1 . ILE A 1 5   ? 9.310   25.084  0.622   1.00 70.32  ? -1  ILE A CG1 1 
ATOM   11  C CG2 . ILE A 1 5   ? 8.541   23.690  -1.342  1.00 72.32  ? -1  ILE A CG2 1 
ATOM   12  C CD1 . ILE A 1 5   ? 10.051  26.082  -0.274  1.00 81.31  ? -1  ILE A CD1 1 
ATOM   13  N N   . ARG A 1 6   ? 7.558   20.596  0.099   1.00 52.74  ? 0   ARG A N   1 
ATOM   14  C CA  . ARG A 1 6   ? 6.449   19.684  -0.189  1.00 49.64  ? 0   ARG A CA  1 
ATOM   15  C C   . ARG A 1 6   ? 6.234   18.728  0.999   1.00 51.92  ? 0   ARG A C   1 
ATOM   16  O O   . ARG A 1 6   ? 7.177   18.084  1.456   1.00 52.12  ? 0   ARG A O   1 
ATOM   17  C CB  . ARG A 1 6   ? 6.669   18.896  -1.467  1.00 46.92  ? 0   ARG A CB  1 
ATOM   18  C CG  . ARG A 1 6   ? 5.398   18.845  -2.281  1.00 61.36  ? 0   ARG A CG  1 
ATOM   19  C CD  . ARG A 1 6   ? 5.514   18.012  -3.552  1.00 72.24  ? 0   ARG A CD  1 
ATOM   20  N NE  . ARG A 1 6   ? 5.374   18.813  -4.772  1.00 81.59  ? 0   ARG A NE  1 
ATOM   21  C CZ  . ARG A 1 6   ? 4.765   18.402  -5.889  1.00 100.00 ? 0   ARG A CZ  1 
ATOM   22  N NH1 . ARG A 1 6   ? 4.209   17.192  -5.995  1.00 91.59  ? 0   ARG A NH1 1 
ATOM   23  N NH2 . ARG A 1 6   ? 4.716   19.225  -6.936  1.00 88.33  ? 0   ARG A NH2 1 
ATOM   24  N N   . MET A 1 7   ? 5.011   18.633  1.531   1.00 46.41  ? 1   MET A N   1 
ATOM   25  C CA  . MET A 1 7   ? 4.738   17.781  2.675   1.00 46.66  ? 1   MET A CA  1 
ATOM   26  C C   . MET A 1 7   ? 5.422   16.431  2.657   1.00 46.01  ? 1   MET A C   1 
ATOM   27  O O   . MET A 1 7   ? 5.294   15.667  1.720   1.00 44.96  ? 1   MET A O   1 
ATOM   28  C CB  . MET A 1 7   ? 3.251   17.627  2.979   1.00 50.75  ? 1   MET A CB  1 
ATOM   29  C CG  . MET A 1 7   ? 2.938   17.871  4.452   1.00 57.47  ? 1   MET A CG  1 
ATOM   30  S SD  . MET A 1 7   ? 1.492   16.904  4.915   1.00 65.95  ? 1   MET A SD  1 
ATOM   31  C CE  . MET A 1 7   ? 0.700   17.742  6.321   1.00 63.44  ? 1   MET A CE  1 
ATOM   32  N N   . SER A 1 8   ? 6.178   16.129  3.708   1.00 40.42  ? 2   SER A N   1 
ATOM   33  C CA  . SER A 1 8   ? 6.884   14.852  3.787   1.00 38.49  ? 2   SER A CA  1 
ATOM   34  C C   . SER A 1 8   ? 6.150   13.916  4.717   1.00 35.04  ? 2   SER A C   1 
ATOM   35  O O   . SER A 1 8   ? 5.705   14.321  5.788   1.00 35.04  ? 2   SER A O   1 
ATOM   36  C CB  . SER A 1 8   ? 8.358   14.957  4.187   1.00 45.11  ? 2   SER A CB  1 
ATOM   37  O OG  . SER A 1 8   ? 8.550   15.867  5.260   1.00 60.63  ? 2   SER A OG  1 
ATOM   38  N N   . LEU A 1 9   ? 6.047   12.664  4.291   1.00 24.63  ? 3   LEU A N   1 
ATOM   39  C CA  . LEU A 1 9   ? 5.367   11.655  5.057   1.00 19.34  ? 3   LEU A CA  1 
ATOM   40  C C   . LEU A 1 9   ? 6.306   10.496  5.238   1.00 19.91  ? 3   LEU A C   1 
ATOM   41  O O   . LEU A 1 9   ? 7.064   10.193  4.337   1.00 17.39  ? 3   LEU A O   1 
ATOM   42  C CB  . LEU A 1 9   ? 4.152   11.162  4.232   1.00 18.65  ? 3   LEU A CB  1 
ATOM   43  C CG  . LEU A 1 9   ? 3.070   12.238  4.090   1.00 23.92  ? 3   LEU A CG  1 
ATOM   44  C CD1 . LEU A 1 9   ? 2.121   11.845  2.956   1.00 23.26  ? 3   LEU A CD1 1 
ATOM   45  C CD2 . LEU A 1 9   ? 2.250   12.375  5.374   1.00 27.78  ? 3   LEU A CD2 1 
ATOM   46  N N   . LYS A 1 10  ? 6.261   9.851   6.398   1.00 17.90  ? 4   LYS A N   1 
ATOM   47  C CA  . LYS A 1 10  ? 7.131   8.679   6.594   1.00 16.65  ? 4   LYS A CA  1 
ATOM   48  C C   . LYS A 1 10  ? 6.822   7.627   5.523   1.00 19.27  ? 4   LYS A C   1 
ATOM   49  O O   . LYS A 1 10  ? 7.683   6.943   4.970   1.00 19.08  ? 4   LYS A O   1 
ATOM   50  C CB  . LYS A 1 10  ? 6.796   7.988   7.909   1.00 19.00  ? 4   LYS A CB  1 
ATOM   51  C CG  . LYS A 1 10  ? 7.204   8.744   9.147   1.00 32.50  ? 4   LYS A CG  1 
ATOM   52  C CD  . LYS A 1 10  ? 7.114   7.815   10.337  1.00 34.41  ? 4   LYS A CD  1 
ATOM   53  C CE  . LYS A 1 10  ? 6.956   8.598   11.615  1.00 52.21  ? 4   LYS A CE  1 
ATOM   54  N NZ  . LYS A 1 10  ? 5.619   9.170   11.751  1.00 57.70  ? 4   LYS A NZ  1 
ATOM   55  N N   . SER A 1 11  ? 5.538   7.484   5.213   1.00 12.42  ? 5   SER A N   1 
ATOM   56  C CA  . SER A 1 11  ? 5.182   6.476   4.255   1.00 11.78  ? 5   SER A CA  1 
ATOM   57  C C   . SER A 1 11  ? 5.692   6.684   2.820   1.00 15.62  ? 5   SER A C   1 
ATOM   58  O O   . SER A 1 11  ? 5.650   5.757   1.983   1.00 14.16  ? 5   SER A O   1 
ATOM   59  C CB  . SER A 1 11  ? 3.698   6.127   4.365   1.00 15.03  ? 5   SER A CB  1 
ATOM   60  O OG  . SER A 1 11  ? 2.925   7.242   3.938   1.00 16.52  ? 5   SER A OG  1 
ATOM   61  N N   . ASP A 1 12  ? 6.153   7.905   2.501   1.00 14.23  ? 6   ASP A N   1 
ATOM   62  C CA  . ASP A 1 12  ? 6.685   8.119   1.148   1.00 13.74  ? 6   ASP A CA  1 
ATOM   63  C C   . ASP A 1 12  ? 7.830   7.135   0.872   1.00 14.29  ? 6   ASP A C   1 
ATOM   64  O O   . ASP A 1 12  ? 7.986   6.662   -0.271  1.00 14.54  ? 6   ASP A O   1 
ATOM   65  C CB  . ASP A 1 12  ? 7.166   9.583   0.936   1.00 15.69  ? 6   ASP A CB  1 
ATOM   66  C CG  . ASP A 1 12  ? 6.026   10.561  0.725   1.00 24.84  ? 6   ASP A CG  1 
ATOM   67  O OD1 . ASP A 1 12  ? 4.886   10.189  0.505   1.00 22.53  ? 6   ASP A OD1 1 
ATOM   68  O OD2 . ASP A 1 12  ? 6.357   11.842  0.809   1.00 31.26  ? 6   ASP A OD2 1 
ATOM   69  N N   . GLU A 1 13  ? 8.564   6.842   1.937   1.00 13.81  ? 7   GLU A N   1 
ATOM   70  C CA  . GLU A 1 13  ? 9.688   5.944   1.884   1.00 17.16  ? 7   GLU A CA  1 
ATOM   71  C C   . GLU A 1 13  ? 9.263   4.536   1.449   1.00 18.50  ? 7   GLU A C   1 
ATOM   72  O O   . GLU A 1 13  ? 9.900   3.860   0.608   1.00 17.04  ? 7   GLU A O   1 
ATOM   73  C CB  . GLU A 1 13  ? 10.377  5.990   3.269   1.00 20.11  ? 7   GLU A CB  1 
ATOM   74  C CG  . GLU A 1 13  ? 11.534  4.974   3.476   1.00 49.72  ? 7   GLU A CG  1 
ATOM   75  C CD  . GLU A 1 13  ? 12.360  5.104   4.759   1.00 94.41  ? 7   GLU A CD  1 
ATOM   76  O OE1 . GLU A 1 13  ? 12.603  4.163   5.505   1.00 93.64  ? 7   GLU A OE1 1 
ATOM   77  O OE2 . GLU A 1 13  ? 12.880  6.296   4.947   1.00 96.74  ? 7   GLU A OE2 1 
ATOM   78  N N   . VAL A 1 14  ? 8.154   4.094   2.027   1.00 12.83  ? 8   VAL A N   1 
ATOM   79  C CA  . VAL A 1 14  ? 7.630   2.783   1.690   1.00 11.87  ? 8   VAL A CA  1 
ATOM   80  C C   . VAL A 1 14  ? 7.207   2.701   0.224   1.00 12.86  ? 8   VAL A C   1 
ATOM   81  O O   . VAL A 1 14  ? 7.454   1.690   -0.437  1.00 12.77  ? 8   VAL A O   1 
ATOM   82  C CB  . VAL A 1 14  ? 6.445   2.437   2.608   1.00 14.15  ? 8   VAL A CB  1 
ATOM   83  C CG1 . VAL A 1 14  ? 5.843   1.084   2.212   1.00 13.69  ? 8   VAL A CG1 1 
ATOM   84  C CG2 . VAL A 1 14  ? 6.929   2.416   4.044   1.00 14.48  ? 8   VAL A CG2 1 
ATOM   85  N N   . PHE A 1 15  ? 6.533   3.757   -0.278  1.00 8.89   ? 9   PHE A N   1 
ATOM   86  C CA  . PHE A 1 15  ? 6.097   3.745   -1.673  1.00 8.76   ? 9   PHE A CA  1 
ATOM   87  C C   . PHE A 1 15  ? 7.288   3.773   -2.619  1.00 12.99  ? 9   PHE A C   1 
ATOM   88  O O   . PHE A 1 15  ? 7.211   3.176   -3.698  1.00 12.01  ? 9   PHE A O   1 
ATOM   89  C CB  . PHE A 1 15  ? 5.039   4.839   -2.031  1.00 10.89  ? 9   PHE A CB  1 
ATOM   90  C CG  . PHE A 1 15  ? 3.732   4.477   -1.322  1.00 12.21  ? 9   PHE A CG  1 
ATOM   91  C CD1 . PHE A 1 15  ? 3.324   5.138   -0.161  1.00 12.49  ? 9   PHE A CD1 1 
ATOM   92  C CD2 . PHE A 1 15  ? 2.953   3.407   -1.785  1.00 13.36  ? 9   PHE A CD2 1 
ATOM   93  C CE1 . PHE A 1 15  ? 2.147   4.745   0.482   1.00 15.38  ? 9   PHE A CE1 1 
ATOM   94  C CE2 . PHE A 1 15  ? 1.772   3.006   -1.155  1.00 15.14  ? 9   PHE A CE2 1 
ATOM   95  C CZ  . PHE A 1 15  ? 1.383   3.668   0.014   1.00 14.40  ? 9   PHE A CZ  1 
ATOM   96  N N   . ALA A 1 16  ? 8.375   4.469   -2.253  1.00 10.46  ? 10  ALA A N   1 
ATOM   97  C CA  . ALA A 1 16  ? 9.566   4.452   -3.113  1.00 10.56  ? 10  ALA A CA  1 
ATOM   98  C C   . ALA A 1 16  ? 10.125  3.002   -3.148  1.00 13.01  ? 10  ALA A C   1 
ATOM   99  O O   . ALA A 1 16  ? 10.489  2.475   -4.228  1.00 13.28  ? 10  ALA A O   1 
ATOM   100 C CB  . ALA A 1 16  ? 10.600  5.356   -2.498  1.00 11.78  ? 10  ALA A CB  1 
ATOM   101 N N   . LYS A 1 17  ? 10.153  2.318   -2.018  1.00 9.14   ? 11  LYS A N   1 
ATOM   102 C CA  . LYS A 1 17  ? 10.598  0.927   -1.980  1.00 8.63   ? 11  LYS A CA  1 
ATOM   103 C C   . LYS A 1 17  ? 9.661   0.005   -2.777  1.00 12.56  ? 11  LYS A C   1 
ATOM   104 O O   . LYS A 1 17  ? 10.118  -0.938  -3.411  1.00 11.42  ? 11  LYS A O   1 
ATOM   105 C CB  . LYS A 1 17  ? 10.749  0.402   -0.562  1.00 10.67  ? 11  LYS A CB  1 
ATOM   106 C CG  . LYS A 1 17  ? 11.861  1.104   0.195   1.00 16.97  ? 11  LYS A CG  1 
ATOM   107 C CD  . LYS A 1 17  ? 12.028  0.521   1.589   1.00 28.69  ? 11  LYS A CD  1 
ATOM   108 C CE  . LYS A 1 17  ? 13.153  1.140   2.406   1.00 35.07  ? 11  LYS A CE  1 
ATOM   109 N NZ  . LYS A 1 17  ? 13.210  0.511   3.732   1.00 58.96  ? 11  LYS A NZ  1 
ATOM   110 N N   . ILE A 1 18  ? 8.339   0.228   -2.735  1.00 9.51   ? 12  ILE A N   1 
ATOM   111 C CA  . ILE A 1 18  ? 7.429   -0.610  -3.517  1.00 9.63   ? 12  ILE A CA  1 
ATOM   112 C C   . ILE A 1 18  ? 7.703   -0.414  -4.999  1.00 13.07  ? 12  ILE A C   1 
ATOM   113 O O   . ILE A 1 18  ? 7.807   -1.410  -5.704  1.00 11.69  ? 12  ILE A O   1 
ATOM   114 C CB  . ILE A 1 18  ? 5.946   -0.310  -3.181  1.00 11.08  ? 12  ILE A CB  1 
ATOM   115 C CG1 . ILE A 1 18  ? 5.653   -0.744  -1.720  1.00 13.17  ? 12  ILE A CG1 1 
ATOM   116 C CG2 . ILE A 1 18  ? 5.017   -0.988  -4.207  1.00 11.29  ? 12  ILE A CG2 1 
ATOM   117 C CD1 . ILE A 1 18  ? 4.310   -0.213  -1.206  1.00 16.30  ? 12  ILE A CD1 1 
ATOM   118 N N   . ALA A 1 19  ? 7.877   0.855   -5.471  1.00 9.62   ? 13  ALA A N   1 
ATOM   119 C CA  . ALA A 1 19  ? 8.137   1.042   -6.886  1.00 9.56   ? 13  ALA A CA  1 
ATOM   120 C C   . ALA A 1 19  ? 9.431   0.282   -7.269  1.00 12.82  ? 13  ALA A C   1 
ATOM   121 O O   . ALA A 1 19  ? 9.533   -0.283  -8.366  1.00 11.77  ? 13  ALA A O   1 
ATOM   122 C CB  . ALA A 1 19  ? 8.255   2.540   -7.188  1.00 10.40  ? 13  ALA A CB  1 
ATOM   123 N N   . LYS A 1 20  ? 10.429  0.263   -6.367  1.00 10.07  ? 14  LYS A N   1 
ATOM   124 C CA  . LYS A 1 20  ? 11.698  -0.445  -6.657  1.00 10.16  ? 14  LYS A CA  1 
ATOM   125 C C   . LYS A 1 20  ? 11.470  -1.966  -6.773  1.00 12.57  ? 14  LYS A C   1 
ATOM   126 O O   . LYS A 1 20  ? 12.004  -2.649  -7.660  1.00 11.78  ? 14  LYS A O   1 
ATOM   127 C CB  . LYS A 1 20  ? 12.818  -0.096  -5.663  1.00 9.55   ? 14  LYS A CB  1 
ATOM   128 C CG  . LYS A 1 20  ? 13.988  -1.025  -5.913  1.00 16.34  ? 14  LYS A CG  1 
ATOM   129 C CD  . LYS A 1 20  ? 15.259  -0.604  -5.254  1.00 25.35  ? 14  LYS A CD  1 
ATOM   130 C CE  . LYS A 1 20  ? 16.358  -1.553  -5.723  1.00 30.73  ? 14  LYS A CE  1 
ATOM   131 N NZ  . LYS A 1 20  ? 17.623  -1.267  -5.022  1.00 36.25  ? 14  LYS A NZ  1 
ATOM   132 N N   . ARG A 1 21  ? 10.587  -2.460  -5.906  1.00 9.38   ? 15  ARG A N   1 
ATOM   133 C CA  . ARG A 1 21  ? 10.252  -3.879  -5.907  1.00 10.25  ? 15  ARG A CA  1 
ATOM   134 C C   . ARG A 1 21  ? 9.611   -4.293  -7.238  1.00 11.90  ? 15  ARG A C   1 
ATOM   135 O O   . ARG A 1 21  ? 9.809   -5.412  -7.722  1.00 11.69  ? 15  ARG A O   1 
ATOM   136 C CB  . ARG A 1 21  ? 9.390   -4.244  -4.672  1.00 9.47   ? 15  ARG A CB  1 
ATOM   137 C CG  . ARG A 1 21  ? 8.862   -5.676  -4.707  1.00 9.24   ? 15  ARG A CG  1 
ATOM   138 C CD  . ARG A 1 21  ? 9.971   -6.735  -4.632  1.00 9.62   ? 15  ARG A CD  1 
ATOM   139 N NE  . ARG A 1 21  ? 9.433   -8.091  -4.549  1.00 11.32  ? 15  ARG A NE  1 
ATOM   140 C CZ  . ARG A 1 21  ? 9.000   -8.782  -5.600  1.00 14.95  ? 15  ARG A CZ  1 
ATOM   141 N NH1 . ARG A 1 21  ? 9.050   -8.335  -6.879  1.00 14.07  ? 15  ARG A NH1 1 
ATOM   142 N NH2 . ARG A 1 21  ? 8.501   -10.006 -5.350  1.00 14.97  ? 15  ARG A NH2 1 
ATOM   143 N N   . LEU A 1 22  ? 8.820   -3.376  -7.835  1.00 10.39  ? 16  LEU A N   1 
ATOM   144 C CA  . LEU A 1 22  ? 8.139   -3.648  -9.100  1.00 11.70  ? 16  LEU A CA  1 
ATOM   145 C C   . LEU A 1 22  ? 9.094   -3.896  -10.235 1.00 11.35  ? 16  LEU A C   1 
ATOM   146 O O   . LEU A 1 22  ? 8.748   -4.531  -11.212 1.00 12.86  ? 16  LEU A O   1 
ATOM   147 C CB  . LEU A 1 22  ? 7.078   -2.615  -9.517  1.00 11.99  ? 16  LEU A CB  1 
ATOM   148 C CG  . LEU A 1 22  ? 6.007   -2.346  -8.466  1.00 18.88  ? 16  LEU A CG  1 
ATOM   149 C CD1 . LEU A 1 22  ? 4.948   -1.452  -9.075  1.00 21.74  ? 16  LEU A CD1 1 
ATOM   150 C CD2 . LEU A 1 22  ? 5.317   -3.619  -8.019  1.00 20.38  ? 16  LEU A CD2 1 
ATOM   151 N N   . GLU A 1 23  ? 10.289  -3.350  -10.099 1.00 10.33  ? 17  GLU A N   1 
ATOM   152 C CA  . GLU A 1 23  ? 11.282  -3.510  -11.143 1.00 11.35  ? 17  GLU A CA  1 
ATOM   153 C C   . GLU A 1 23  ? 11.689  -4.967  -11.327 1.00 15.84  ? 17  GLU A C   1 
ATOM   154 O O   . GLU A 1 23  ? 12.117  -5.374  -12.400 1.00 15.62  ? 17  GLU A O   1 
ATOM   155 C CB  . GLU A 1 23  ? 12.551  -2.710  -10.766 1.00 11.68  ? 17  GLU A CB  1 
ATOM   156 C CG  . GLU A 1 23  ? 12.308  -1.184  -10.756 1.00 13.83  ? 17  GLU A CG  1 
ATOM   157 C CD  . GLU A 1 23  ? 13.500  -0.423  -10.220 1.00 16.64  ? 17  GLU A CD  1 
ATOM   158 O OE1 . GLU A 1 23  ? 13.447  0.676   -9.740  1.00 16.44  ? 17  GLU A OE1 1 
ATOM   159 O OE2 . GLU A 1 23  ? 14.613  -1.095  -10.262 1.00 18.77  ? 17  GLU A OE2 1 
ATOM   160 N N   . SER A 1 24  ? 11.575  -5.769  -10.269 1.00 13.22  ? 18  SER A N   1 
ATOM   161 C CA  . SER A 1 24  ? 12.011  -7.170  -10.288 1.00 12.72  ? 18  SER A CA  1 
ATOM   162 C C   . SER A 1 24  ? 10.903  -8.243  -10.453 1.00 18.02  ? 18  SER A C   1 
ATOM   163 O O   . SER A 1 24  ? 11.089  -9.419  -10.126 1.00 19.76  ? 18  SER A O   1 
ATOM   164 C CB  A SER A 1 24  ? 13.041  -7.484  -9.207  0.50 12.90  ? 18  SER A CB  1 
ATOM   165 C CB  B SER A 1 24  ? 12.684  -7.449  -8.946  0.50 12.90  ? 18  SER A CB  1 
ATOM   166 O OG  A SER A 1 24  ? 12.485  -7.131  -7.965  0.50 13.01  ? 18  SER A OG  1 
ATOM   167 O OG  B SER A 1 24  ? 13.959  -6.873  -8.922  0.50 14.03  ? 18  SER A OG  1 
ATOM   168 N N   . ILE A 1 25  ? 9.733   -7.863  -10.933 1.00 14.53  ? 19  ILE A N   1 
ATOM   169 C CA  . ILE A 1 25  ? 8.676   -8.826  -11.124 1.00 14.94  ? 19  ILE A CA  1 
ATOM   170 C C   . ILE A 1 25  ? 9.013   -9.756  -12.278 1.00 19.67  ? 19  ILE A C   1 
ATOM   171 O O   . ILE A 1 25  ? 9.656   -9.337  -13.243 1.00 18.84  ? 19  ILE A O   1 
ATOM   172 C CB  . ILE A 1 25  ? 7.436   -8.004  -11.416 1.00 17.86  ? 19  ILE A CB  1 
ATOM   173 C CG1 . ILE A 1 25  ? 6.834   -7.614  -10.073 1.00 16.64  ? 19  ILE A CG1 1 
ATOM   174 C CG2 . ILE A 1 25  ? 6.480   -8.711  -12.376 1.00 22.73  ? 19  ILE A CG2 1 
ATOM   175 C CD1 . ILE A 1 25  ? 5.690   -6.642  -10.249 1.00 27.39  ? 19  ILE A CD1 1 
ATOM   176 N N   . ASP A 1 26  ? 8.631   -11.033 -12.157 1.00 16.71  ? 20  ASP A N   1 
ATOM   177 C CA  . ASP A 1 26  ? 8.882   -11.998 -13.213 1.00 15.40  ? 20  ASP A CA  1 
ATOM   178 C C   . ASP A 1 26  ? 7.644   -12.088 -14.070 1.00 21.56  ? 20  ASP A C   1 
ATOM   179 O O   . ASP A 1 26  ? 6.619   -12.605 -13.689 1.00 18.02  ? 20  ASP A O   1 
ATOM   180 C CB  . ASP A 1 26  ? 9.197   -13.375 -12.682 1.00 16.44  ? 20  ASP A CB  1 
ATOM   181 C CG  . ASP A 1 26  ? 9.440   -14.367 -13.787 1.00 23.69  ? 20  ASP A CG  1 
ATOM   182 O OD1 . ASP A 1 26  ? 9.320   -14.128 -14.990 1.00 21.69  ? 20  ASP A OD1 1 
ATOM   183 O OD2 . ASP A 1 26  ? 9.744   -15.531 -13.272 1.00 25.94  ? 20  ASP A OD2 1 
ATOM   184 N N   . PRO A 1 27  ? 7.749   -11.515 -15.246 1.00 20.88  ? 21  PRO A N   1 
ATOM   185 C CA  . PRO A 1 27  ? 6.640   -11.451 -16.182 1.00 22.84  ? 21  PRO A CA  1 
ATOM   186 C C   . PRO A 1 27  ? 6.098   -12.805 -16.606 1.00 30.76  ? 21  PRO A C   1 
ATOM   187 O O   . PRO A 1 27  ? 4.962   -12.881 -17.076 1.00 31.76  ? 21  PRO A O   1 
ATOM   188 C CB  . PRO A 1 27  ? 7.159   -10.706 -17.405 1.00 24.19  ? 21  PRO A CB  1 
ATOM   189 C CG  . PRO A 1 27  ? 8.639   -10.474 -17.157 1.00 26.60  ? 21  PRO A CG  1 
ATOM   190 C CD  . PRO A 1 27  ? 9.022   -10.967 -15.771 1.00 20.83  ? 21  PRO A CD  1 
ATOM   191 N N   . ALA A 1 28  ? 6.932   -13.828 -16.426 1.00 26.90  ? 22  ALA A N   1 
ATOM   192 C CA  . ALA A 1 28  ? 6.573   -15.170 -16.794 1.00 28.35  ? 22  ALA A CA  1 
ATOM   193 C C   . ALA A 1 28  ? 5.876   -15.876 -15.662 1.00 30.92  ? 22  ALA A C   1 
ATOM   194 O O   . ALA A 1 28  ? 5.375   -16.989 -15.827 1.00 33.78  ? 22  ALA A O   1 
ATOM   195 C CB  . ALA A 1 28  ? 7.862   -15.951 -17.049 1.00 29.55  ? 22  ALA A CB  1 
ATOM   196 N N   . ASN A 1 29  ? 5.890   -15.279 -14.494 1.00 20.90  ? 23  ASN A N   1 
ATOM   197 C CA  . ASN A 1 29  ? 5.281   -15.951 -13.401 1.00 21.39  ? 23  ASN A CA  1 
ATOM   198 C C   . ASN A 1 29  ? 4.629   -14.945 -12.479 1.00 22.51  ? 23  ASN A C   1 
ATOM   199 O O   . ASN A 1 29  ? 5.096   -14.676 -11.365 1.00 22.55  ? 23  ASN A O   1 
ATOM   200 C CB  . ASN A 1 29  ? 6.261   -16.832 -12.592 1.00 28.90  ? 23  ASN A CB  1 
ATOM   201 C CG  . ASN A 1 29  ? 5.507   -17.596 -11.502 1.00 84.77  ? 23  ASN A CG  1 
ATOM   202 O OD1 . ASN A 1 29  ? 4.446   -18.179 -11.776 1.00 96.22  ? 23  ASN A OD1 1 
ATOM   203 N ND2 . ASN A 1 29  ? 5.991   -17.586 -10.254 1.00 78.43  ? 23  ASN A ND2 1 
ATOM   204 N N   . ARG A 1 30  ? 3.535   -14.401 -12.981 1.00 17.62  ? 24  ARG A N   1 
ATOM   205 C CA  . ARG A 1 30  ? 2.811   -13.426 -12.196 1.00 16.21  ? 24  ARG A CA  1 
ATOM   206 C C   . ARG A 1 30  ? 2.098   -14.096 -11.028 1.00 21.89  ? 24  ARG A C   1 
ATOM   207 O O   . ARG A 1 30  ? 1.599   -15.237 -11.143 1.00 22.24  ? 24  ARG A O   1 
ATOM   208 C CB  . ARG A 1 30  ? 1.908   -12.600 -13.102 1.00 12.96  ? 24  ARG A CB  1 
ATOM   209 C CG  . ARG A 1 30  ? 2.673   -11.725 -14.103 1.00 14.76  ? 24  ARG A CG  1 
ATOM   210 C CD  . ARG A 1 30  ? 3.681   -10.759 -13.448 1.00 15.28  ? 24  ARG A CD  1 
ATOM   211 N NE  . ARG A 1 30  ? 3.126   -10.124 -12.223 1.00 14.04  ? 24  ARG A NE  1 
ATOM   212 C CZ  . ARG A 1 30  ? 2.210   -9.125  -12.224 1.00 17.17  ? 24  ARG A CZ  1 
ATOM   213 N NH1 . ARG A 1 30  ? 1.768   -8.567  -13.365 1.00 17.54  ? 24  ARG A NH1 1 
ATOM   214 N NH2 . ARG A 1 30  ? 1.744   -8.646  -11.076 1.00 12.94  ? 24  ARG A NH2 1 
ATOM   215 N N   . GLN A 1 31  ? 2.047   -13.393 -9.897  1.00 17.07  ? 25  GLN A N   1 
ATOM   216 C CA  . GLN A 1 31  ? 1.416   -13.951 -8.714  1.00 19.01  ? 25  GLN A CA  1 
ATOM   217 C C   . GLN A 1 31  ? 0.197   -13.197 -8.226  1.00 20.02  ? 25  GLN A C   1 
ATOM   218 O O   . GLN A 1 31  ? -0.749  -13.829 -7.769  1.00 20.49  ? 25  GLN A O   1 
ATOM   219 C CB  . GLN A 1 31  ? 2.448   -13.953 -7.569  1.00 21.61  ? 25  GLN A CB  1 
ATOM   220 C CG  . GLN A 1 31  ? 3.724   -14.749 -7.931  1.00 31.14  ? 25  GLN A CG  1 
ATOM   221 C CD  . GLN A 1 31  ? 3.796   -15.925 -7.017  1.00 52.51  ? 25  GLN A CD  1 
ATOM   222 O OE1 . GLN A 1 31  ? 4.413   -15.838 -5.939  1.00 52.17  ? 25  GLN A OE1 1 
ATOM   223 N NE2 . GLN A 1 31  ? 3.064   -16.960 -7.417  1.00 42.19  ? 25  GLN A NE2 1 
ATOM   224 N N   . VAL A 1 32  ? 0.237   -11.863 -8.281  1.00 13.36  ? 26  VAL A N   1 
ATOM   225 C CA  . VAL A 1 32  ? -0.888  -11.027 -7.806  1.00 11.71  ? 26  VAL A CA  1 
ATOM   226 C C   . VAL A 1 32  ? -1.190  -9.982  -8.886  1.00 15.69  ? 26  VAL A C   1 
ATOM   227 O O   . VAL A 1 32  ? -0.348  -9.119  -9.145  1.00 14.03  ? 26  VAL A O   1 
ATOM   228 C CB  . VAL A 1 32  ? -0.563  -10.360 -6.464  1.00 14.40  ? 26  VAL A CB  1 
ATOM   229 C CG1 . VAL A 1 32  ? -1.756  -9.529  -5.957  1.00 12.70  ? 26  VAL A CG1 1 
ATOM   230 C CG2 . VAL A 1 32  ? -0.076  -11.394 -5.426  1.00 15.36  ? 26  VAL A CG2 1 
ATOM   231 N N   . GLU A 1 33  ? -2.357  -10.107 -9.547  1.00 12.06  ? 27  GLU A N   1 
ATOM   232 C CA  . GLU A 1 33  ? -2.759  -9.210  -10.620 1.00 10.06  ? 27  GLU A CA  1 
ATOM   233 C C   . GLU A 1 33  ? -4.040  -8.473  -10.245 1.00 11.67  ? 27  GLU A C   1 
ATOM   234 O O   . GLU A 1 33  ? -5.127  -8.763  -10.745 1.00 12.66  ? 27  GLU A O   1 
ATOM   235 C CB  . GLU A 1 33  ? -2.912  -10.015 -11.916 1.00 11.67  ? 27  GLU A CB  1 
ATOM   236 C CG  . GLU A 1 33  ? -1.545  -10.662 -12.240 1.00 14.54  ? 27  GLU A CG  1 
ATOM   237 C CD  . GLU A 1 33  ? -1.634  -11.588 -13.420 1.00 29.16  ? 27  GLU A CD  1 
ATOM   238 O OE1 . GLU A 1 33  ? -2.028  -12.721 -13.356 1.00 27.39  ? 27  GLU A OE1 1 
ATOM   239 O OE2 . GLU A 1 33  ? -1.250  -11.039 -14.523 1.00 26.77  ? 27  GLU A OE2 1 
ATOM   240 N N   . HIS A 1 34  ? -3.891  -7.540  -9.300  1.00 10.49  ? 28  HIS A N   1 
ATOM   241 C CA  . HIS A 1 34  ? -5.003  -6.761  -8.807  1.00 9.05   ? 28  HIS A CA  1 
ATOM   242 C C   . HIS A 1 34  ? -4.621  -5.306  -8.663  1.00 10.12  ? 28  HIS A C   1 
ATOM   243 O O   . HIS A 1 34  ? -3.448  -5.031  -8.705  1.00 10.56  ? 28  HIS A O   1 
ATOM   244 C CB  . HIS A 1 34  ? -5.530  -7.319  -7.477  1.00 10.15  ? 28  HIS A CB  1 
ATOM   245 C CG  . HIS A 1 34  ? -6.126  -8.682  -7.698  1.00 13.20  ? 28  HIS A CG  1 
ATOM   246 N ND1 . HIS A 1 34  ? -7.311  -8.840  -8.395  1.00 14.87  ? 28  HIS A ND1 1 
ATOM   247 C CD2 . HIS A 1 34  ? -5.655  -9.918  -7.348  1.00 15.63  ? 28  HIS A CD2 1 
ATOM   248 C CE1 . HIS A 1 34  ? -7.536  -10.150 -8.428  1.00 15.35  ? 28  HIS A CE1 1 
ATOM   249 N NE2 . HIS A 1 34  ? -6.571  -10.815 -7.818  1.00 15.80  ? 28  HIS A NE2 1 
ATOM   250 N N   . VAL A 1 35  ? -5.625  -4.429  -8.555  1.00 10.69  ? 29  VAL A N   1 
ATOM   251 C CA  . VAL A 1 35  ? -5.413  -2.971  -8.434  1.00 9.83   ? 29  VAL A CA  1 
ATOM   252 C C   . VAL A 1 35  ? -5.801  -2.510  -7.028  1.00 11.64  ? 29  VAL A C   1 
ATOM   253 O O   . VAL A 1 35  ? -6.939  -2.732  -6.613  1.00 11.36  ? 29  VAL A O   1 
ATOM   254 C CB  . VAL A 1 35  ? -6.180  -2.168  -9.482  1.00 12.07  ? 29  VAL A CB  1 
ATOM   255 C CG1 . VAL A 1 35  ? -5.806  -0.679  -9.342  1.00 12.52  ? 29  VAL A CG1 1 
ATOM   256 C CG2 . VAL A 1 35  ? -5.895  -2.695  -10.890 1.00 11.93  ? 29  VAL A CG2 1 
ATOM   257 N N   . TYR A 1 36  ? -4.894  -1.864  -6.308  1.00 8.63   ? 30  TYR A N   1 
ATOM   258 C CA  . TYR A 1 36  ? -5.128  -1.452  -4.957  1.00 9.07   ? 30  TYR A CA  1 
ATOM   259 C C   . TYR A 1 36  ? -4.921  0.037   -4.819  1.00 12.30  ? 30  TYR A C   1 
ATOM   260 O O   . TYR A 1 36  ? -4.023  0.592   -5.451  1.00 10.97  ? 30  TYR A O   1 
ATOM   261 C CB  . TYR A 1 36  ? -4.051  -2.094  -4.053  1.00 9.38   ? 30  TYR A CB  1 
ATOM   262 C CG  . TYR A 1 36  ? -4.049  -3.598  -4.068  1.00 9.89   ? 30  TYR A CG  1 
ATOM   263 C CD1 . TYR A 1 36  ? -3.316  -4.315  -5.020  1.00 12.13  ? 30  TYR A CD1 1 
ATOM   264 C CD2 . TYR A 1 36  ? -4.784  -4.320  -3.123  1.00 10.40  ? 30  TYR A CD2 1 
ATOM   265 C CE1 . TYR A 1 36  ? -3.328  -5.714  -5.029  1.00 10.64  ? 30  TYR A CE1 1 
ATOM   266 C CE2 . TYR A 1 36  ? -4.799  -5.722  -3.118  1.00 10.09  ? 30  TYR A CE2 1 
ATOM   267 C CZ  . TYR A 1 36  ? -4.072  -6.421  -4.082  1.00 12.35  ? 30  TYR A CZ  1 
ATOM   268 O OH  . TYR A 1 36  ? -4.040  -7.793  -4.056  1.00 12.14  ? 30  TYR A OH  1 
ATOM   269 N N   . LYS A 1 37  ? -5.693  0.666   -3.922  1.00 9.73   ? 31  LYS A N   1 
ATOM   270 C CA  . LYS A 1 37  ? -5.540  2.099   -3.657  1.00 9.14   ? 31  LYS A CA  1 
ATOM   271 C C   . LYS A 1 37  ? -5.250  2.289   -2.184  1.00 10.48  ? 31  LYS A C   1 
ATOM   272 O O   . LYS A 1 37  ? -5.860  1.620   -1.358  1.00 10.63  ? 31  LYS A O   1 
ATOM   273 C CB  . LYS A 1 37  ? -6.799  2.862   -4.047  1.00 10.19  ? 31  LYS A CB  1 
ATOM   274 C CG  . LYS A 1 37  ? -6.778  4.367   -3.773  1.00 12.63  ? 31  LYS A CG  1 
ATOM   275 C CD  . LYS A 1 37  ? -8.088  4.997   -4.259  1.00 13.31  ? 31  LYS A CD  1 
ATOM   276 C CE  . LYS A 1 37  ? -8.101  6.532   -4.225  1.00 22.53  ? 31  LYS A CE  1 
ATOM   277 N NZ  . LYS A 1 37  ? -9.292  7.123   -4.911  1.00 15.38  ? 31  LYS A NZ  1 
ATOM   278 N N   . PHE A 1 38  ? -4.305  3.187   -1.891  1.00 7.56   ? 32  PHE A N   1 
ATOM   279 C CA  . PHE A 1 38  ? -3.942  3.483   -0.505  1.00 7.65   ? 32  PHE A CA  1 
ATOM   280 C C   . PHE A 1 38  ? -4.241  4.954   -0.254  1.00 11.96  ? 32  PHE A C   1 
ATOM   281 O O   . PHE A 1 38  ? -3.723  5.827   -0.955  1.00 11.94  ? 32  PHE A O   1 
ATOM   282 C CB  . PHE A 1 38  ? -2.415  3.260   -0.283  1.00 10.12  ? 32  PHE A CB  1 
ATOM   283 C CG  . PHE A 1 38  ? -1.946  1.833   -0.524  1.00 11.07  ? 32  PHE A CG  1 
ATOM   284 C CD1 . PHE A 1 38  ? -1.634  1.423   -1.823  1.00 12.93  ? 32  PHE A CD1 1 
ATOM   285 C CD2 . PHE A 1 38  ? -1.855  0.916   0.533   1.00 14.61  ? 32  PHE A CD2 1 
ATOM   286 C CE1 . PHE A 1 38  ? -1.187  0.120   -2.059  1.00 15.17  ? 32  PHE A CE1 1 
ATOM   287 C CE2 . PHE A 1 38  ? -1.461  -0.406  0.310   1.00 15.05  ? 32  PHE A CE2 1 
ATOM   288 C CZ  . PHE A 1 38  ? -1.113  -0.775  -0.991  1.00 14.06  ? 32  PHE A CZ  1 
ATOM   289 N N   . ARG A 1 39  ? -5.098  5.248   0.715   1.00 10.25  ? 33  ARG A N   1 
ATOM   290 C CA  . ARG A 1 39  ? -5.438  6.629   1.068   1.00 9.21   ? 33  ARG A CA  1 
ATOM   291 C C   . ARG A 1 39  ? -4.753  6.908   2.413   1.00 11.57  ? 33  ARG A C   1 
ATOM   292 O O   . ARG A 1 39  ? -5.094  6.321   3.467   1.00 12.91  ? 33  ARG A O   1 
ATOM   293 C CB  . ARG A 1 39  ? -6.946  6.804   1.224   1.00 9.16   ? 33  ARG A CB  1 
ATOM   294 C CG  . ARG A 1 39  ? -7.635  6.510   -0.101  1.00 10.83  ? 33  ARG A CG  1 
ATOM   295 C CD  . ARG A 1 39  ? -9.161  6.570   0.085   1.00 18.67  ? 33  ARG A CD  1 
ATOM   296 N NE  . ARG A 1 39  ? -9.732  7.882   0.360   1.00 20.78  ? 33  ARG A NE  1 
ATOM   297 C CZ  . ARG A 1 39  ? -10.470 8.171   1.442   1.00 34.87  ? 33  ARG A CZ  1 
ATOM   298 N NH1 . ARG A 1 39  ? -10.762 7.293   2.429   1.00 23.45  ? 33  ARG A NH1 1 
ATOM   299 N NH2 . ARG A 1 39  ? -10.946 9.407   1.558   1.00 24.33  ? 33  ARG A NH2 1 
ATOM   300 N N   . ILE A 1 40  ? -3.712  7.759   2.359   1.00 8.81   ? 34  ILE A N   1 
ATOM   301 C CA  . ILE A 1 40  ? -2.934  8.023   3.551   1.00 7.21   ? 34  ILE A CA  1 
ATOM   302 C C   . ILE A 1 40  ? -3.448  9.252   4.276   1.00 12.76  ? 34  ILE A C   1 
ATOM   303 O O   . ILE A 1 40  ? -3.548  10.325  3.674   1.00 12.94  ? 34  ILE A O   1 
ATOM   304 C CB  . ILE A 1 40  ? -1.475  8.233   3.152   1.00 10.42  ? 34  ILE A CB  1 
ATOM   305 C CG1 . ILE A 1 40  ? -0.969  7.047   2.346   1.00 12.95  ? 34  ILE A CG1 1 
ATOM   306 C CG2 . ILE A 1 40  ? -0.675  8.395   4.438   1.00 12.67  ? 34  ILE A CG2 1 
ATOM   307 C CD1 . ILE A 1 40  ? -1.158  5.729   3.092   1.00 18.40  ? 34  ILE A CD1 1 
ATOM   308 N N   . THR A 1 41  ? -3.735  9.117   5.568   1.00 11.36  ? 35  THR A N   1 
ATOM   309 C CA  . THR A 1 41  ? -4.248  10.252  6.288   1.00 10.88  ? 35  THR A CA  1 
ATOM   310 C C   . THR A 1 41  ? -3.223  10.725  7.298   1.00 13.99  ? 35  THR A C   1 
ATOM   311 O O   . THR A 1 41  ? -2.266  10.044  7.651   1.00 13.22  ? 35  THR A O   1 
ATOM   312 C CB  . THR A 1 41  ? -5.549  9.835   7.039   1.00 12.41  ? 35  THR A CB  1 
ATOM   313 O OG1 . THR A 1 41  ? -5.334  8.822   8.034   1.00 12.69  ? 35  THR A OG1 1 
ATOM   314 C CG2 . THR A 1 41  ? -6.595  9.345   6.057   1.00 13.09  ? 35  THR A CG2 1 
ATOM   315 N N   . GLN A 1 42  ? -3.444  11.944  7.758   1.00 14.52  ? 36  GLN A N   1 
ATOM   316 C CA  . GLN A 1 42  ? -2.548  12.467  8.782   1.00 18.01  ? 36  GLN A CA  1 
ATOM   317 C C   . GLN A 1 42  ? -3.354  13.451  9.562   1.00 28.75  ? 36  GLN A C   1 
ATOM   318 O O   . GLN A 1 42  ? -3.808  14.432  8.994   1.00 28.54  ? 36  GLN A O   1 
ATOM   319 C CB  . GLN A 1 42  ? -1.273  13.142  8.213   1.00 19.34  ? 36  GLN A CB  1 
ATOM   320 C CG  . GLN A 1 42  ? -0.180  13.414  9.263   1.00 28.92  ? 36  GLN A CG  1 
ATOM   321 C CD  . GLN A 1 42  ? 1.025   14.030  8.596   1.00 43.35  ? 36  GLN A CD  1 
ATOM   322 O OE1 . GLN A 1 42  ? 0.875   14.980  7.811   1.00 35.96  ? 36  GLN A OE1 1 
ATOM   323 N NE2 . GLN A 1 42  ? 2.203   13.468  8.873   1.00 41.67  ? 36  GLN A NE2 1 
ATOM   324 N N   . GLY A 1 43  ? -3.540  13.182  10.831  1.00 33.65  ? 37  GLY A N   1 
ATOM   325 C CA  . GLY A 1 43  ? -4.315  14.158  11.559  1.00 38.27  ? 37  GLY A CA  1 
ATOM   326 C C   . GLY A 1 43  ? -5.739  14.130  11.025  1.00 47.37  ? 37  GLY A C   1 
ATOM   327 O O   . GLY A 1 43  ? -6.411  15.178  10.802  1.00 46.08  ? 37  GLY A O   1 
ATOM   328 N N   . GLY A 1 44  ? -6.127  12.861  10.806  1.00 45.67  ? 38  GLY A N   1 
ATOM   329 C CA  . GLY A 1 44  ? -7.437  12.563  10.289  1.00 46.04  ? 38  GLY A CA  1 
ATOM   330 C C   . GLY A 1 44  ? -7.657  12.936  8.816   1.00 48.58  ? 38  GLY A C   1 
ATOM   331 O O   . GLY A 1 44  ? -8.414  12.179  8.179   1.00 52.82  ? 38  GLY A O   1 
ATOM   332 N N   . LYS A 1 45  ? -7.063  14.049  8.264   1.00 34.09  ? 39  LYS A N   1 
ATOM   333 C CA  . LYS A 1 45  ? -7.295  14.420  6.866   1.00 28.85  ? 39  LYS A CA  1 
ATOM   334 C C   . LYS A 1 45  ? -6.538  13.587  5.856   1.00 20.03  ? 39  LYS A C   1 
ATOM   335 O O   . LYS A 1 45  ? -5.444  13.129  6.164   1.00 16.86  ? 39  LYS A O   1 
ATOM   336 C CB  . LYS A 1 45  ? -7.102  15.882  6.489   1.00 30.63  ? 39  LYS A CB  1 
ATOM   337 C CG  . LYS A 1 45  ? -5.878  16.455  7.155   1.00 37.65  ? 39  LYS A CG  1 
ATOM   338 C CD  . LYS A 1 45  ? -5.437  17.818  6.653   1.00 36.65  ? 39  LYS A CD  1 
ATOM   339 C CE  . LYS A 1 45  ? -3.971  18.150  7.053   1.00 38.38  ? 39  LYS A CE  1 
ATOM   340 N NZ  . LYS A 1 45  ? -3.347  17.200  7.993   1.00 63.93  ? 39  LYS A NZ  1 
ATOM   341 N N   . VAL A 1 46  ? -7.135  13.451  4.669   1.00 15.42  ? 40  VAL A N   1 
ATOM   342 C CA  . VAL A 1 46  ? -6.516  12.721  3.591   1.00 15.46  ? 40  VAL A CA  1 
ATOM   343 C C   . VAL A 1 46  ? -5.403  13.577  2.998   1.00 24.04  ? 40  VAL A C   1 
ATOM   344 O O   . VAL A 1 46  ? -5.656  14.662  2.473   1.00 29.09  ? 40  VAL A O   1 
ATOM   345 C CB  . VAL A 1 46  ? -7.483  12.303  2.480   1.00 19.26  ? 40  VAL A CB  1 
ATOM   346 C CG1 . VAL A 1 46  ? -6.741  11.371  1.521   1.00 20.35  ? 40  VAL A CG1 1 
ATOM   347 C CG2 . VAL A 1 46  ? -8.598  11.478  3.107   1.00 20.26  ? 40  VAL A CG2 1 
ATOM   348 N N   . VAL A 1 47  ? -4.152  13.092  3.058   1.00 14.19  ? 41  VAL A N   1 
ATOM   349 C CA  . VAL A 1 47  ? -3.021  13.859  2.543   1.00 13.00  ? 41  VAL A CA  1 
ATOM   350 C C   . VAL A 1 47  ? -2.487  13.363  1.200   1.00 14.29  ? 41  VAL A C   1 
ATOM   351 O O   . VAL A 1 47  ? -1.976  14.167  0.453   1.00 13.67  ? 41  VAL A O   1 
ATOM   352 C CB  . VAL A 1 47  ? -1.924  14.097  3.599   1.00 16.82  ? 41  VAL A CB  1 
ATOM   353 C CG1 . VAL A 1 47  ? -2.494  14.791  4.828   1.00 17.34  ? 41  VAL A CG1 1 
ATOM   354 C CG2 . VAL A 1 47  ? -1.339  12.775  4.032   1.00 17.96  ? 41  VAL A CG2 1 
ATOM   355 N N   . LYS A 1 48  ? -2.546  12.042  0.924   1.00 11.99  ? 42  LYS A N   1 
ATOM   356 C CA  . LYS A 1 48  ? -2.032  11.522  -0.328  1.00 12.16  ? 42  LYS A CA  1 
ATOM   357 C C   . LYS A 1 48  ? -2.692  10.206  -0.723  1.00 13.35  ? 42  LYS A C   1 
ATOM   358 O O   . LYS A 1 48  ? -3.019  9.375   0.117   1.00 17.06  ? 42  LYS A O   1 
ATOM   359 C CB  . LYS A 1 48  ? -0.542  11.248  -0.132  1.00 17.45  ? 42  LYS A CB  1 
ATOM   360 C CG  . LYS A 1 48  ? 0.354   11.333  -1.358  1.00 21.67  ? 42  LYS A CG  1 
ATOM   361 C CD  . LYS A 1 48  ? 1.805   11.355  -0.898  1.00 26.26  ? 42  LYS A CD  1 
ATOM   362 C CE  . LYS A 1 48  ? 2.775   12.102  -1.780  1.00 30.85  ? 42  LYS A CE  1 
ATOM   363 N NZ  . LYS A 1 48  ? 4.046   12.362  -1.098  1.00 27.77  ? 42  LYS A NZ  1 
ATOM   364 N N   . ASN A 1 49  ? -2.867  10.012  -2.015  1.00 10.90  ? 43  ASN A N   1 
ATOM   365 C CA  . ASN A 1 49  ? -3.461  8.807   -2.523  1.00 11.84  ? 43  ASN A CA  1 
ATOM   366 C C   . ASN A 1 49  ? -2.492  8.173   -3.514  1.00 14.76  ? 43  ASN A C   1 
ATOM   367 O O   . ASN A 1 49  ? -1.909  8.841   -4.372  1.00 11.94  ? 43  ASN A O   1 
ATOM   368 C CB  A ASN A 1 49  ? -4.611  9.110   -3.508  0.50 13.53  ? 43  ASN A CB  1 
ATOM   369 C CB  B ASN A 1 49  ? -4.849  9.031   -3.131  0.50 14.25  ? 43  ASN A CB  1 
ATOM   370 C CG  A ASN A 1 49  ? -5.787  9.883   -2.987  0.50 27.43  ? 43  ASN A CG  1 
ATOM   371 C CG  B ASN A 1 49  ? -5.889  9.421   -2.102  0.50 26.38  ? 43  ASN A CG  1 
ATOM   372 O OD1 A ASN A 1 49  ? -6.380  9.491   -1.976  0.50 24.12  ? 43  ASN A OD1 1 
ATOM   373 O OD1 B ASN A 1 49  ? -5.677  9.362   -0.871  0.50 15.44  ? 43  ASN A OD1 1 
ATOM   374 N ND2 A ASN A 1 49  ? -6.128  10.954  -3.705  0.50 19.32  ? 43  ASN A ND2 1 
ATOM   375 N ND2 B ASN A 1 49  ? -7.029  9.859   -2.623  0.50 16.99  ? 43  ASN A ND2 1 
ATOM   376 N N   . TRP A 1 50  ? -2.387  6.849   -3.440  1.00 11.80  ? 44  TRP A N   1 
ATOM   377 C CA  . TRP A 1 50  ? -1.535  6.100   -4.350  1.00 11.08  ? 44  TRP A CA  1 
ATOM   378 C C   . TRP A 1 50  ? -2.325  4.942   -4.941  1.00 10.52  ? 44  TRP A C   1 
ATOM   379 O O   . TRP A 1 50  ? -3.169  4.319   -4.247  1.00 11.23  ? 44  TRP A O   1 
ATOM   380 C CB  . TRP A 1 50  ? -0.450  5.431   -3.475  1.00 10.33  ? 44  TRP A CB  1 
ATOM   381 C CG  . TRP A 1 50  ? 0.523   6.386   -2.822  1.00 11.50  ? 44  TRP A CG  1 
ATOM   382 C CD1 . TRP A 1 50  ? 0.424   6.941   -1.574  1.00 15.61  ? 44  TRP A CD1 1 
ATOM   383 C CD2 . TRP A 1 50  ? 1.754   6.868   -3.389  1.00 10.95  ? 44  TRP A CD2 1 
ATOM   384 N NE1 . TRP A 1 50  ? 1.535   7.730   -1.305  1.00 15.73  ? 44  TRP A NE1 1 
ATOM   385 C CE2 . TRP A 1 50  ? 2.370   7.690   -2.390  1.00 15.65  ? 44  TRP A CE2 1 
ATOM   386 C CE3 . TRP A 1 50  ? 2.379   6.645   -4.615  1.00 11.49  ? 44  TRP A CE3 1 
ATOM   387 C CZ2 . TRP A 1 50  ? 3.635   8.276   -2.584  1.00 15.38  ? 44  TRP A CZ2 1 
ATOM   388 C CZ3 . TRP A 1 50  ? 3.613   7.263   -4.822  1.00 13.36  ? 44  TRP A CZ3 1 
ATOM   389 C CH2 . TRP A 1 50  ? 4.217   8.048   -3.817  1.00 13.74  ? 44  TRP A CH2 1 
ATOM   390 N N   . VAL A 1 51  ? -2.054  4.644   -6.209  1.00 8.96   ? 45  VAL A N   1 
ATOM   391 C CA  . VAL A 1 51  ? -2.682  3.506   -6.818  1.00 10.07  ? 45  VAL A CA  1 
ATOM   392 C C   . VAL A 1 51  ? -1.560  2.545   -7.252  1.00 12.61  ? 45  VAL A C   1 
ATOM   393 O O   . VAL A 1 51  ? -0.617  2.936   -7.977  1.00 12.43  ? 45  VAL A O   1 
ATOM   394 C CB  . VAL A 1 51  ? -3.591  3.872   -8.000  1.00 14.44  ? 45  VAL A CB  1 
ATOM   395 C CG1 . VAL A 1 51  ? -4.051  2.618   -8.746  1.00 15.81  ? 45  VAL A CG1 1 
ATOM   396 C CG2 . VAL A 1 51  ? -4.815  4.666   -7.539  1.00 14.59  ? 45  VAL A CG2 1 
ATOM   397 N N   . MET A 1 52  ? -1.645  1.252   -6.793  1.00 9.01   ? 46  MET A N   1 
ATOM   398 C CA  . MET A 1 52  ? -0.682  0.199   -7.169  1.00 9.19   ? 46  MET A CA  1 
ATOM   399 C C   . MET A 1 52  ? -1.444  -0.784  -8.061  1.00 9.72   ? 46  MET A C   1 
ATOM   400 O O   . MET A 1 52  ? -2.294  -1.577  -7.629  1.00 9.64   ? 46  MET A O   1 
ATOM   401 C CB  . MET A 1 52  ? -0.130  -0.520  -5.954  1.00 11.67  ? 46  MET A CB  1 
ATOM   402 C CG  . MET A 1 52  ? 0.839   -1.645  -6.327  1.00 14.25  ? 46  MET A CG  1 
ATOM   403 S SD  . MET A 1 52  ? 1.611   -2.339  -4.822  1.00 17.57  ? 46  MET A SD  1 
ATOM   404 C CE  . MET A 1 52  ? 0.190   -3.159  -4.047  1.00 15.85  ? 46  MET A CE  1 
ATOM   405 N N   . ASP A 1 53  ? -1.180  -0.648  -9.342  1.00 9.14   ? 47  ASP A N   1 
ATOM   406 C CA  . ASP A 1 53  ? -1.781  -1.436  -10.394 1.00 9.72   ? 47  ASP A CA  1 
ATOM   407 C C   . ASP A 1 53  ? -0.900  -2.642  -10.705 1.00 10.58  ? 47  ASP A C   1 
ATOM   408 O O   . ASP A 1 53  ? 0.073   -2.496  -11.420 1.00 11.38  ? 47  ASP A O   1 
ATOM   409 C CB  . ASP A 1 53  ? -2.011  -0.572  -11.634 1.00 10.38  ? 47  ASP A CB  1 
ATOM   410 C CG  . ASP A 1 53  ? -2.640  -1.384  -12.743 1.00 17.66  ? 47  ASP A CG  1 
ATOM   411 O OD1 . ASP A 1 53  ? -2.745  -2.609  -12.801 1.00 13.57  ? 47  ASP A OD1 1 
ATOM   412 O OD2 . ASP A 1 53  ? -3.174  -0.619  -13.648 1.00 16.69  ? 47  ASP A OD2 1 
ATOM   413 N N   . LEU A 1 54  ? -1.222  -3.813  -10.189 1.00 9.24   ? 48  LEU A N   1 
ATOM   414 C CA  . LEU A 1 54  ? -0.424  -5.001  -10.434 1.00 9.79   ? 48  LEU A CA  1 
ATOM   415 C C   . LEU A 1 54  ? -0.825  -5.763  -11.677 1.00 14.30  ? 48  LEU A C   1 
ATOM   416 O O   . LEU A 1 54  ? -0.225  -6.786  -11.972 1.00 13.21  ? 48  LEU A O   1 
ATOM   417 C CB  . LEU A 1 54  ? -0.304  -5.918  -9.181  1.00 9.70   ? 48  LEU A CB  1 
ATOM   418 C CG  . LEU A 1 54  ? 0.446   -5.264  -8.007  1.00 13.97  ? 48  LEU A CG  1 
ATOM   419 C CD1 . LEU A 1 54  ? 0.491   -6.127  -6.748  1.00 13.28  ? 48  LEU A CD1 1 
ATOM   420 C CD2 . LEU A 1 54  ? 1.851   -4.819  -8.393  1.00 16.31  ? 48  LEU A CD2 1 
ATOM   421 N N   . LYS A 1 55  ? -1.843  -5.271  -12.367 1.00 12.07  ? 49  LYS A N   1 
ATOM   422 C CA  . LYS A 1 55  ? -2.247  -5.893  -13.611 1.00 11.40  ? 49  LYS A CA  1 
ATOM   423 C C   . LYS A 1 55  ? -1.308  -5.354  -14.681 1.00 17.67  ? 49  LYS A C   1 
ATOM   424 O O   . LYS A 1 55  ? -0.762  -6.125  -15.470 1.00 19.17  ? 49  LYS A O   1 
ATOM   425 C CB  . LYS A 1 55  ? -3.666  -5.534  -13.991 1.00 12.78  ? 49  LYS A CB  1 
ATOM   426 C CG  . LYS A 1 55  ? -4.617  -6.255  -13.083 1.00 14.49  ? 49  LYS A CG  1 
ATOM   427 C CD  . LYS A 1 55  ? -6.030  -6.135  -13.592 1.00 19.92  ? 49  LYS A CD  1 
ATOM   428 C CE  . LYS A 1 55  ? -7.016  -6.861  -12.698 1.00 26.98  ? 49  LYS A CE  1 
ATOM   429 N NZ  . LYS A 1 55  ? -8.386  -6.529  -13.097 1.00 44.57  ? 49  LYS A NZ  1 
ATOM   430 N N   . ASN A 1 56  ? -1.128  -4.027  -14.749 1.00 13.00  ? 50  ASN A N   1 
ATOM   431 C CA  . ASN A 1 56  ? -0.256  -3.366  -15.733 1.00 13.35  ? 50  ASN A CA  1 
ATOM   432 C C   . ASN A 1 56  ? 1.170   -3.121  -15.195 1.00 15.72  ? 50  ASN A C   1 
ATOM   433 O O   . ASN A 1 56  ? 2.083   -2.764  -15.944 1.00 17.03  ? 50  ASN A O   1 
ATOM   434 C CB  . ASN A 1 56  ? -0.853  -2.009  -16.128 1.00 16.45  ? 50  ASN A CB  1 
ATOM   435 C CG  . ASN A 1 56  ? -2.099  -2.260  -16.949 1.00 27.05  ? 50  ASN A CG  1 
ATOM   436 O OD1 . ASN A 1 56  ? -2.045  -2.978  -17.947 1.00 27.12  ? 50  ASN A OD1 1 
ATOM   437 N ND2 . ASN A 1 56  ? -3.241  -1.772  -16.500 1.00 21.29  ? 50  ASN A ND2 1 
ATOM   438 N N   . VAL A 1 57  ? 1.357   -3.275  -13.882 1.00 11.83  ? 51  VAL A N   1 
ATOM   439 C CA  . VAL A 1 57  ? 2.648   -3.095  -13.226 1.00 12.34  ? 51  VAL A CA  1 
ATOM   440 C C   . VAL A 1 57  ? 3.051   -1.619  -13.147 1.00 16.95  ? 51  VAL A C   1 
ATOM   441 O O   . VAL A 1 57  ? 3.968   -1.178  -13.823 1.00 14.78  ? 51  VAL A O   1 
ATOM   442 C CB  . VAL A 1 57  ? 3.785   -4.016  -13.696 1.00 14.99  ? 51  VAL A CB  1 
ATOM   443 C CG1 . VAL A 1 57  ? 4.920   -3.950  -12.688 1.00 15.90  ? 51  VAL A CG1 1 
ATOM   444 C CG2 . VAL A 1 57  ? 3.294   -5.455  -13.824 1.00 15.55  ? 51  VAL A CG2 1 
ATOM   445 N N   . LYS A 1 58  ? 2.341   -0.865  -12.306 1.00 12.70  ? 52  LYS A N   1 
ATOM   446 C CA  . LYS A 1 58  ? 2.578   0.546   -12.131 1.00 13.37  ? 52  LYS A CA  1 
ATOM   447 C C   . LYS A 1 58  ? 2.167   0.990   -10.738 1.00 15.63  ? 52  LYS A C   1 
ATOM   448 O O   . LYS A 1 58  ? 1.261   0.449   -10.119 1.00 14.21  ? 52  LYS A O   1 
ATOM   449 C CB  . LYS A 1 58  ? 1.942   1.324   -13.263 1.00 21.48  ? 52  LYS A CB  1 
ATOM   450 C CG  . LYS A 1 58  ? 0.552   1.814   -13.002 1.00 60.33  ? 52  LYS A CG  1 
ATOM   451 C CD  . LYS A 1 58  ? 0.049   2.650   -14.166 1.00 81.30  ? 52  LYS A CD  1 
ATOM   452 C CE  . LYS A 1 58  ? -1.317  3.257   -13.872 1.00 100.00 ? 52  LYS A CE  1 
ATOM   453 N NZ  . LYS A 1 58  ? -2.416  2.525   -14.509 1.00 100.00 ? 52  LYS A NZ  1 
ATOM   454 N N   . LEU A 1 59  ? 2.876   1.981   -10.237 1.00 12.93  ? 53  LEU A N   1 
ATOM   455 C CA  . LEU A 1 59  ? 2.601   2.552   -8.925  1.00 10.08  ? 53  LEU A CA  1 
ATOM   456 C C   . LEU A 1 59  ? 2.693   4.077   -9.088  1.00 14.52  ? 53  LEU A C   1 
ATOM   457 O O   . LEU A 1 59  ? 3.743   4.618   -9.454  1.00 14.15  ? 53  LEU A O   1 
ATOM   458 C CB  . LEU A 1 59  ? 3.641   2.091   -7.884  1.00 10.88  ? 53  LEU A CB  1 
ATOM   459 C CG  . LEU A 1 59  ? 3.435   2.897   -6.604  1.00 16.57  ? 53  LEU A CG  1 
ATOM   460 C CD1 . LEU A 1 59  ? 2.164   2.472   -5.879  1.00 16.24  ? 53  LEU A CD1 1 
ATOM   461 C CD2 . LEU A 1 59  ? 4.616   2.764   -5.674  1.00 25.59  ? 53  LEU A CD2 1 
ATOM   462 N N   . VAL A 1 60  ? 1.587   4.794   -8.897  1.00 12.06  ? 54  VAL A N   1 
ATOM   463 C CA  . VAL A 1 60  ? 1.606   6.241   -9.078  1.00 12.06  ? 54  VAL A CA  1 
ATOM   464 C C   . VAL A 1 60  ? 0.717   6.926   -8.056  1.00 14.87  ? 54  VAL A C   1 
ATOM   465 O O   . VAL A 1 60  ? -0.255  6.351   -7.524  1.00 12.60  ? 54  VAL A O   1 
ATOM   466 C CB  . VAL A 1 60  ? 1.156   6.695   -10.484 1.00 18.06  ? 54  VAL A CB  1 
ATOM   467 C CG1 . VAL A 1 60  ? 2.065   6.126   -11.569 1.00 18.87  ? 54  VAL A CG1 1 
ATOM   468 C CG2 . VAL A 1 60  ? -0.302  6.320   -10.770 1.00 18.39  ? 54  VAL A CG2 1 
ATOM   469 N N   . GLU A 1 61  ? 1.041   8.202   -7.811  1.00 11.07  ? 55  GLU A N   1 
ATOM   470 C CA  . GLU A 1 61  ? 0.226   9.013   -6.908  1.00 11.46  ? 55  GLU A CA  1 
ATOM   471 C C   . GLU A 1 61  ? -1.000  9.385   -7.743  1.00 14.94  ? 55  GLU A C   1 
ATOM   472 O O   . GLU A 1 61  ? -0.909  10.112  -8.710  1.00 15.52  ? 55  GLU A O   1 
ATOM   473 C CB  . GLU A 1 61  ? 1.033   10.256  -6.488  1.00 12.85  ? 55  GLU A CB  1 
ATOM   474 C CG  . GLU A 1 61  ? 0.197   11.120  -5.553  1.00 16.17  ? 55  GLU A CG  1 
ATOM   475 C CD  . GLU A 1 61  ? 0.884   12.422  -5.240  1.00 32.81  ? 55  GLU A CD  1 
ATOM   476 O OE1 . GLU A 1 61  ? 1.937   12.762  -5.752  1.00 19.17  ? 55  GLU A OE1 1 
ATOM   477 O OE2 . GLU A 1 61  ? 0.206   13.156  -4.389  1.00 29.18  ? 55  GLU A OE2 1 
ATOM   478 N N   . SER A 1 62  ? -2.178  8.863   -7.436  1.00 11.99  ? 56  SER A N   1 
ATOM   479 C CA  . SER A 1 62  ? -3.358  9.139   -8.251  1.00 12.63  ? 56  SER A CA  1 
ATOM   480 C C   . SER A 1 62  ? -4.653  8.799   -7.481  1.00 16.61  ? 56  SER A C   1 
ATOM   481 O O   . SER A 1 62  ? -4.639  8.042   -6.500  1.00 15.26  ? 56  SER A O   1 
ATOM   482 C CB  A SER A 1 62  ? -3.336  8.531   -9.651  0.50 17.64  ? 56  SER A CB  1 
ATOM   483 C CB  B SER A 1 62  ? -3.274  8.336   -9.530  0.50 19.88  ? 56  SER A CB  1 
ATOM   484 O OG  A SER A 1 62  ? -4.517  7.782   -9.913  0.50 17.33  ? 56  SER A OG  1 
ATOM   485 O OG  B SER A 1 62  ? -3.169  6.975   -9.168  0.50 30.33  ? 56  SER A OG  1 
ATOM   486 N N   . ASP A 1 63  ? -5.761  9.405   -7.892  1.00 13.77  ? 57  ASP A N   1 
ATOM   487 C CA  . ASP A 1 63  ? -7.030  9.218   -7.190  1.00 15.19  ? 57  ASP A CA  1 
ATOM   488 C C   . ASP A 1 63  ? -7.998  8.329   -7.957  1.00 19.73  ? 57  ASP A C   1 
ATOM   489 O O   . ASP A 1 63  ? -9.215  8.478   -7.863  1.00 20.61  ? 57  ASP A O   1 
ATOM   490 C CB  . ASP A 1 63  ? -7.696  10.600  -7.019  1.00 18.33  ? 57  ASP A CB  1 
ATOM   491 C CG  . ASP A 1 63  ? -8.890  10.631  -6.108  1.00 26.40  ? 57  ASP A CG  1 
ATOM   492 O OD1 . ASP A 1 63  ? -9.824  11.404  -6.335  1.00 26.47  ? 57  ASP A OD1 1 
ATOM   493 O OD2 . ASP A 1 63  ? -8.787  9.769   -5.112  1.00 19.06  ? 57  ASP A OD2 1 
ATOM   494 N N   . ASP A 1 64  ? -7.474  7.389   -8.705  1.00 15.53  ? 58  ASP A N   1 
ATOM   495 C CA  . ASP A 1 64  ? -8.345  6.504   -9.460  1.00 16.12  ? 58  ASP A CA  1 
ATOM   496 C C   . ASP A 1 64  ? -9.068  5.471   -8.592  1.00 17.25  ? 58  ASP A C   1 
ATOM   497 O O   . ASP A 1 64  ? -8.785  5.289   -7.404  1.00 18.61  ? 58  ASP A O   1 
ATOM   498 C CB  . ASP A 1 64  ? -7.534  5.685   -10.464 1.00 21.34  ? 58  ASP A CB  1 
ATOM   499 C CG  . ASP A 1 64  ? -6.879  6.522   -11.508 1.00 51.38  ? 58  ASP A CG  1 
ATOM   500 O OD1 . ASP A 1 64  ? -7.247  7.654   -11.762 1.00 56.85  ? 58  ASP A OD1 1 
ATOM   501 O OD2 . ASP A 1 64  ? -5.900  5.890   -12.108 1.00 62.83  ? 58  ASP A OD2 1 
ATOM   502 N N   . ALA A 1 65  ? -10.038 4.808   -9.214  1.00 12.66  ? 59  ALA A N   1 
ATOM   503 C CA  . ALA A 1 65  ? -10.817 3.743   -8.580  1.00 13.37  ? 59  ALA A CA  1 
ATOM   504 C C   . ALA A 1 65  ? -9.974  2.453   -8.520  1.00 16.11  ? 59  ALA A C   1 
ATOM   505 O O   . ALA A 1 65  ? -9.028  2.279   -9.292  1.00 17.95  ? 59  ALA A O   1 
ATOM   506 C CB  . ALA A 1 65  ? -12.091 3.503   -9.380  1.00 14.44  ? 59  ALA A CB  1 
ATOM   507 N N   . ALA A 1 66  ? -10.278 1.521   -7.604  1.00 11.90  ? 60  ALA A N   1 
ATOM   508 C CA  . ALA A 1 66  ? -9.466  0.305   -7.485  1.00 10.03  ? 60  ALA A CA  1 
ATOM   509 C C   . ALA A 1 66  ? -10.355 -0.858  -7.042  1.00 9.81   ? 60  ALA A C   1 
ATOM   510 O O   . ALA A 1 66  ? -11.536 -0.678  -6.708  1.00 10.64  ? 60  ALA A O   1 
ATOM   511 C CB  . ALA A 1 66  ? -8.374  0.497   -6.418  1.00 10.90  ? 60  ALA A CB  1 
ATOM   512 N N   . GLU A 1 67  ? -9.780  -2.063  -7.021  1.00 7.68   ? 61  GLU A N   1 
ATOM   513 C CA  . GLU A 1 67  ? -10.513 -3.251  -6.575  1.00 8.63   ? 61  GLU A CA  1 
ATOM   514 C C   . GLU A 1 67  ? -10.601 -3.344  -5.039  1.00 11.71  ? 61  GLU A C   1 
ATOM   515 O O   . GLU A 1 67  ? -11.562 -3.931  -4.505  1.00 11.32  ? 61  GLU A O   1 
ATOM   516 C CB  . GLU A 1 67  ? -9.832  -4.518  -7.101  1.00 9.78   ? 61  GLU A CB  1 
ATOM   517 C CG  . GLU A 1 67  ? -9.873  -4.529  -8.637  1.00 9.67   ? 61  GLU A CG  1 
ATOM   518 C CD  . GLU A 1 67  ? -9.155  -5.740  -9.197  1.00 25.36  ? 61  GLU A CD  1 
ATOM   519 O OE1 . GLU A 1 67  ? -7.990  -5.940  -9.081  1.00 18.23  ? 61  GLU A OE1 1 
ATOM   520 O OE2 . GLU A 1 67  ? -9.893  -6.592  -9.822  1.00 28.89  ? 61  GLU A OE2 1 
ATOM   521 N N   . ALA A 1 68  ? -9.608  -2.768  -4.319  1.00 9.05   ? 62  ALA A N   1 
ATOM   522 C CA  . ALA A 1 68  ? -9.610  -2.697  -2.859  1.00 8.82   ? 62  ALA A CA  1 
ATOM   523 C C   . ALA A 1 68  ? -8.972  -1.362  -2.497  1.00 11.33  ? 62  ALA A C   1 
ATOM   524 O O   . ALA A 1 68  ? -7.941  -0.990  -3.063  1.00 10.48  ? 62  ALA A O   1 
ATOM   525 C CB  . ALA A 1 68  ? -8.956  -3.899  -2.223  1.00 9.63   ? 62  ALA A CB  1 
ATOM   526 N N   . THR A 1 69  ? -9.544  -0.675  -1.490  1.00 10.24  ? 63  THR A N   1 
ATOM   527 C CA  . THR A 1 69  ? -9.051  0.632   -1.036  1.00 9.30   ? 63  THR A CA  1 
ATOM   528 C C   . THR A 1 69  ? -8.766  0.543   0.439   1.00 11.09  ? 63  THR A C   1 
ATOM   529 O O   . THR A 1 69  ? -9.672  0.205   1.236   1.00 12.10  ? 63  THR A O   1 
ATOM   530 C CB  . THR A 1 69  ? -10.068 1.788   -1.325  1.00 9.27   ? 63  THR A CB  1 
ATOM   531 O OG1 . THR A 1 69  ? -10.411 1.766   -2.720  1.00 10.40  ? 63  THR A OG1 1 
ATOM   532 C CG2 . THR A 1 69  ? -9.442  3.142   -0.923  1.00 10.59  ? 63  THR A CG2 1 
ATOM   533 N N   . LEU A 1 70  ? -7.504  0.873   0.773   1.00 8.12   ? 64  LEU A N   1 
ATOM   534 C CA  . LEU A 1 70  ? -7.063  0.834   2.155   1.00 8.17   ? 64  LEU A CA  1 
ATOM   535 C C   . LEU A 1 70  ? -6.842  2.249   2.632   1.00 13.74  ? 64  LEU A C   1 
ATOM   536 O O   . LEU A 1 70  ? -6.076  2.994   2.042   1.00 13.30  ? 64  LEU A O   1 
ATOM   537 C CB  . LEU A 1 70  ? -5.734  0.050   2.243   1.00 8.55   ? 64  LEU A CB  1 
ATOM   538 C CG  . LEU A 1 70  ? -5.756  -1.401  1.723   1.00 10.37  ? 64  LEU A CG  1 
ATOM   539 C CD1 . LEU A 1 70  ? -5.529  -1.479  0.221   1.00 10.74  ? 64  LEU A CD1 1 
ATOM   540 C CD2 . LEU A 1 70  ? -4.591  -2.164  2.330   1.00 15.06  ? 64  LEU A CD2 1 
ATOM   541 N N   . THR A 1 71  ? -7.472  2.606   3.747   1.00 10.85  ? 65  THR A N   1 
ATOM   542 C CA  . THR A 1 71  ? -7.355  3.950   4.351   1.00 9.26   ? 65  THR A CA  1 
ATOM   543 C C   . THR A 1 71  ? -6.704  3.853   5.738   1.00 11.14  ? 65  THR A C   1 
ATOM   544 O O   . THR A 1 71  ? -7.183  3.060   6.579   1.00 10.65  ? 65  THR A O   1 
ATOM   545 C CB  . THR A 1 71  ? -8.768  4.592   4.449   1.00 11.38  ? 65  THR A CB  1 
ATOM   546 O OG1 . THR A 1 71  ? -9.323  4.646   3.135   1.00 12.60  ? 65  THR A OG1 1 
ATOM   547 C CG2 . THR A 1 71  ? -8.664  6.001   5.044   1.00 14.49  ? 65  THR A CG2 1 
ATOM   548 N N   . MET A 1 72  ? -5.591  4.586   5.962   1.00 8.91   ? 66  MET A N   1 
ATOM   549 C CA  . MET A 1 72  ? -4.932  4.522   7.275   1.00 7.69   ? 66  MET A CA  1 
ATOM   550 C C   . MET A 1 72  ? -3.997  5.689   7.444   1.00 12.37  ? 66  MET A C   1 
ATOM   551 O O   . MET A 1 72  ? -3.569  6.324   6.451   1.00 11.61  ? 66  MET A O   1 
ATOM   552 C CB  . MET A 1 72  ? -4.072  3.244   7.403   1.00 10.30  ? 66  MET A CB  1 
ATOM   553 C CG  . MET A 1 72  ? -2.857  3.256   6.490   1.00 13.61  ? 66  MET A CG  1 
ATOM   554 S SD  . MET A 1 72  ? -2.219  1.566   6.238   1.00 18.46  ? 66  MET A SD  1 
ATOM   555 C CE  . MET A 1 72  ? -3.057  1.245   4.675   1.00 16.85  ? 66  MET A CE  1 
ATOM   556 N N   . GLU A 1 73  ? -3.648  5.913   8.711   1.00 10.01  ? 67  GLU A N   1 
ATOM   557 C CA  . GLU A 1 73  ? -2.718  6.997   8.996   1.00 10.89  ? 67  GLU A CA  1 
ATOM   558 C C   . GLU A 1 73  ? -1.327  6.705   8.472   1.00 13.49  ? 67  GLU A C   1 
ATOM   559 O O   . GLU A 1 73  ? -0.874  5.560   8.363   1.00 13.84  ? 67  GLU A O   1 
ATOM   560 C CB  . GLU A 1 73  ? -2.517  7.116   10.514  1.00 12.31  ? 67  GLU A CB  1 
ATOM   561 C CG  . GLU A 1 73  ? -3.750  7.755   11.153  1.00 19.31  ? 67  GLU A CG  1 
ATOM   562 C CD  . GLU A 1 73  ? -3.657  9.252   11.060  1.00 30.14  ? 67  GLU A CD  1 
ATOM   563 O OE1 . GLU A 1 73  ? -2.715  9.896   11.470  1.00 26.23  ? 67  GLU A OE1 1 
ATOM   564 O OE2 . GLU A 1 73  ? -4.662  9.794   10.445  1.00 23.51  ? 67  GLU A OE2 1 
ATOM   565 N N   . ASP A 1 74  ? -0.612  7.770   8.163   1.00 10.39  ? 68  ASP A N   1 
ATOM   566 C CA  . ASP A 1 74  ? 0.773   7.633   7.718   1.00 10.53  ? 68  ASP A CA  1 
ATOM   567 C C   . ASP A 1 74  ? 1.612   6.700   8.599   1.00 14.77  ? 68  ASP A C   1 
ATOM   568 O O   . ASP A 1 74  ? 2.336   5.837   8.100   1.00 14.74  ? 68  ASP A O   1 
ATOM   569 C CB  . ASP A 1 74  ? 1.381   9.034   7.718   1.00 11.94  ? 68  ASP A CB  1 
ATOM   570 C CG  . ASP A 1 74  ? 2.790   9.040   7.155   1.00 19.20  ? 68  ASP A CG  1 
ATOM   571 O OD1 . ASP A 1 74  ? 3.093   8.519   6.091   1.00 18.17  ? 68  ASP A OD1 1 
ATOM   572 O OD2 . ASP A 1 74  ? 3.637   9.668   7.929   1.00 19.28  ? 68  ASP A OD2 1 
ATOM   573 N N   . ASP A 1 75  ? 1.548   6.857   9.933   1.00 12.72  ? 69  ASP A N   1 
ATOM   574 C CA  . ASP A 1 75  ? 2.345   6.014   10.803  1.00 12.86  ? 69  ASP A CA  1 
ATOM   575 C C   . ASP A 1 75  ? 1.990   4.555   10.693  1.00 14.41  ? 69  ASP A C   1 
ATOM   576 O O   . ASP A 1 75  ? 2.851   3.707   10.858  1.00 14.06  ? 69  ASP A O   1 
ATOM   577 C CB  . ASP A 1 75  ? 2.013   6.387   12.243  1.00 16.77  ? 69  ASP A CB  1 
ATOM   578 C CG  . ASP A 1 75  ? 2.619   7.697   12.694  1.00 49.83  ? 69  ASP A CG  1 
ATOM   579 O OD1 . ASP A 1 75  ? 3.541   8.242   12.109  1.00 54.55  ? 69  ASP A OD1 1 
ATOM   580 O OD2 . ASP A 1 75  ? 2.065   8.181   13.793  1.00 63.43  ? 69  ASP A OD2 1 
ATOM   581 N N   . ILE A 1 76  ? 0.700   4.277   10.426  1.00 12.15  ? 70  ILE A N   1 
ATOM   582 C CA  . ILE A 1 76  ? 0.253   2.889   10.300  1.00 12.07  ? 70  ILE A CA  1 
ATOM   583 C C   . ILE A 1 76  ? 0.783   2.276   9.020   1.00 14.15  ? 70  ILE A C   1 
ATOM   584 O O   . ILE A 1 76  ? 1.303   1.157   8.984   1.00 13.99  ? 70  ILE A O   1 
ATOM   585 C CB  . ILE A 1 76  ? -1.272  2.758   10.405  1.00 13.57  ? 70  ILE A CB  1 
ATOM   586 C CG1 . ILE A 1 76  ? -1.802  3.230   11.765  1.00 14.77  ? 70  ILE A CG1 1 
ATOM   587 C CG2 . ILE A 1 76  ? -1.696  1.314   10.130  1.00 14.22  ? 70  ILE A CG2 1 
ATOM   588 C CD1 . ILE A 1 76  ? -1.097  2.591   12.944  1.00 20.70  ? 70  ILE A CD1 1 
ATOM   589 N N   . MET A 1 77  ? 0.653   3.016   7.943   1.00 11.29  ? 71  MET A N   1 
ATOM   590 C CA  . MET A 1 77  ? 1.207   2.532   6.670   1.00 10.94  ? 71  MET A CA  1 
ATOM   591 C C   . MET A 1 77  ? 2.716   2.260   6.835   1.00 14.72  ? 71  MET A C   1 
ATOM   592 O O   . MET A 1 77  ? 3.223   1.244   6.338   1.00 14.00  ? 71  MET A O   1 
ATOM   593 C CB  . MET A 1 77  ? 0.988   3.527   5.512   1.00 12.14  ? 71  MET A CB  1 
ATOM   594 C CG  . MET A 1 77  ? 1.573   3.072   4.172   1.00 14.54  ? 71  MET A CG  1 
ATOM   595 S SD  . MET A 1 77  ? 0.628   1.675   3.507   1.00 16.83  ? 71  MET A SD  1 
ATOM   596 C CE  . MET A 1 77  ? 1.878   0.647   2.739   1.00 16.28  ? 71  MET A CE  1 
ATOM   597 N N   . PHE A 1 78  ? 3.435   3.154   7.537   1.00 10.40  ? 72  PHE A N   1 
ATOM   598 C CA  . PHE A 1 78  ? 4.857   2.946   7.725   1.00 10.93  ? 72  PHE A CA  1 
ATOM   599 C C   . PHE A 1 78  ? 5.134   1.628   8.478   1.00 13.84  ? 72  PHE A C   1 
ATOM   600 O O   . PHE A 1 78  ? 5.987   0.787   8.131   1.00 13.07  ? 72  PHE A O   1 
ATOM   601 C CB  . PHE A 1 78  ? 5.422   4.149   8.510   1.00 12.02  ? 72  PHE A CB  1 
ATOM   602 C CG  . PHE A 1 78  ? 6.904   4.012   8.616   1.00 14.80  ? 72  PHE A CG  1 
ATOM   603 C CD1 . PHE A 1 78  ? 7.707   4.215   7.500   1.00 19.35  ? 72  PHE A CD1 1 
ATOM   604 C CD2 . PHE A 1 78  ? 7.481   3.609   9.820   1.00 19.11  ? 72  PHE A CD2 1 
ATOM   605 C CE1 . PHE A 1 78  ? 9.090   4.051   7.612   1.00 22.01  ? 72  PHE A CE1 1 
ATOM   606 C CE2 . PHE A 1 78  ? 8.857   3.427   9.940   1.00 21.84  ? 72  PHE A CE2 1 
ATOM   607 C CZ  . PHE A 1 78  ? 9.659   3.668   8.828   1.00 18.97  ? 72  PHE A CZ  1 
ATOM   608 N N   . ALA A 1 79  ? 4.379   1.450   9.565   1.00 12.33  ? 73  ALA A N   1 
ATOM   609 C CA  . ALA A 1 79  ? 4.518   0.264   10.385  1.00 13.06  ? 73  ALA A CA  1 
ATOM   610 C C   . ALA A 1 79  ? 4.220   -1.039  9.651   1.00 15.92  ? 73  ALA A C   1 
ATOM   611 O O   . ALA A 1 79  ? 4.919   -2.050  9.844   1.00 15.16  ? 73  ALA A O   1 
ATOM   612 C CB  . ALA A 1 79  ? 3.667   0.312   11.649  1.00 13.37  ? 73  ALA A CB  1 
ATOM   613 N N   . ILE A 1 80  ? 3.164   -1.048  8.845   1.00 12.20  ? 74  ILE A N   1 
ATOM   614 C CA  . ILE A 1 80  ? 2.870   -2.286  8.164   1.00 12.81  ? 74  ILE A CA  1 
ATOM   615 C C   . ILE A 1 80  ? 3.896   -2.527  7.067   1.00 16.28  ? 74  ILE A C   1 
ATOM   616 O O   . ILE A 1 80  ? 4.404   -3.639  6.890   1.00 14.65  ? 74  ILE A O   1 
ATOM   617 C CB  . ILE A 1 80  ? 1.495   -2.182  7.525   1.00 16.16  ? 74  ILE A CB  1 
ATOM   618 C CG1 . ILE A 1 80  ? 0.412   -2.131  8.588   1.00 16.15  ? 74  ILE A CG1 1 
ATOM   619 C CG2 . ILE A 1 80  ? 1.248   -3.312  6.535   1.00 18.30  ? 74  ILE A CG2 1 
ATOM   620 C CD1 . ILE A 1 80  ? -0.935  -1.823  7.915   1.00 15.77  ? 74  ILE A CD1 1 
ATOM   621 N N   . GLY A 1 81  ? 4.211   -1.468  6.320   1.00 13.92  ? 75  GLY A N   1 
ATOM   622 C CA  . GLY A 1 81  ? 5.144   -1.597  5.224   1.00 14.12  ? 75  GLY A CA  1 
ATOM   623 C C   . GLY A 1 81  ? 6.566   -1.996  5.613   1.00 19.60  ? 75  GLY A C   1 
ATOM   624 O O   . GLY A 1 81  ? 7.316   -2.499  4.767   1.00 21.45  ? 75  GLY A O   1 
ATOM   625 N N   . THR A 1 82  ? 6.973   -1.745  6.864   1.00 14.97  ? 76  THR A N   1 
ATOM   626 C CA  . THR A 1 82  ? 8.294   -2.086  7.335   1.00 15.56  ? 76  THR A CA  1 
ATOM   627 C C   . THR A 1 82  ? 8.267   -3.428  8.036   1.00 19.81  ? 76  THR A C   1 
ATOM   628 O O   . THR A 1 82  ? 9.275   -3.901  8.536   1.00 22.27  ? 76  THR A O   1 
ATOM   629 C CB  . THR A 1 82  ? 8.864   -0.999  8.238   1.00 19.94  ? 76  THR A CB  1 
ATOM   630 O OG1 . THR A 1 82  ? 8.042   -0.827  9.358   1.00 19.41  ? 76  THR A OG1 1 
ATOM   631 C CG2 . THR A 1 82  ? 9.046   0.308   7.482   1.00 19.02  ? 76  THR A CG2 1 
ATOM   632 N N   . GLY A 1 83  ? 7.084   -4.013  8.097   1.00 17.30  ? 77  GLY A N   1 
ATOM   633 C CA  . GLY A 1 83  ? 6.873   -5.324  8.674   1.00 16.86  ? 77  GLY A CA  1 
ATOM   634 C C   . GLY A 1 83  ? 6.759   -5.336  10.171  1.00 20.51  ? 77  GLY A C   1 
ATOM   635 O O   . GLY A 1 83  ? 6.793   -6.391  10.782  1.00 21.77  ? 77  GLY A O   1 
ATOM   636 N N   . ALA A 1 84  ? 6.630   -4.181  10.770  1.00 14.86  ? 78  ALA A N   1 
ATOM   637 C CA  . ALA A 1 84  ? 6.538   -4.152  12.215  1.00 15.99  ? 78  ALA A CA  1 
ATOM   638 C C   . ALA A 1 84  ? 5.133   -4.452  12.755  1.00 21.77  ? 78  ALA A C   1 
ATOM   639 O O   . ALA A 1 84  ? 4.945   -4.961  13.875  1.00 24.98  ? 78  ALA A O   1 
ATOM   640 C CB  . ALA A 1 84  ? 7.061   -2.802  12.706  1.00 16.67  ? 78  ALA A CB  1 
ATOM   641 N N   . LEU A 1 85  ? 4.093   -4.139  11.986  1.00 15.72  ? 79  LEU A N   1 
ATOM   642 C CA  . LEU A 1 85  ? 2.713   -4.341  12.404  1.00 13.69  ? 79  LEU A CA  1 
ATOM   643 C C   . LEU A 1 85  ? 2.000   -5.251  11.424  1.00 15.49  ? 79  LEU A C   1 
ATOM   644 O O   . LEU A 1 85  ? 1.950   -4.970  10.244  1.00 15.74  ? 79  LEU A O   1 
ATOM   645 C CB  . LEU A 1 85  ? 2.056   -2.934  12.409  1.00 13.67  ? 79  LEU A CB  1 
ATOM   646 C CG  . LEU A 1 85  ? 0.557   -2.927  12.738  1.00 18.60  ? 79  LEU A CG  1 
ATOM   647 C CD1 . LEU A 1 85  ? 0.289   -3.513  14.140  1.00 18.47  ? 79  LEU A CD1 1 
ATOM   648 C CD2 . LEU A 1 85  ? 0.061   -1.477  12.637  1.00 16.32  ? 79  LEU A CD2 1 
ATOM   649 N N   . PRO A 1 86  ? 1.429   -6.364  11.889  1.00 15.77  ? 80  PRO A N   1 
ATOM   650 C CA  . PRO A 1 86  ? 0.715   -7.219  10.955  1.00 14.30  ? 80  PRO A CA  1 
ATOM   651 C C   . PRO A 1 86  ? -0.565  -6.541  10.514  1.00 16.21  ? 80  PRO A C   1 
ATOM   652 O O   . PRO A 1 86  ? -1.278  -5.899  11.293  1.00 15.75  ? 80  PRO A O   1 
ATOM   653 C CB  . PRO A 1 86  ? 0.350   -8.489  11.736  1.00 16.38  ? 80  PRO A CB  1 
ATOM   654 C CG  . PRO A 1 86  ? 1.247   -8.498  12.963  1.00 19.09  ? 80  PRO A CG  1 
ATOM   655 C CD  . PRO A 1 86  ? 1.685   -7.053  13.206  1.00 15.40  ? 80  PRO A CD  1 
ATOM   656 N N   . ALA A 1 87  ? -0.877  -6.690  9.240   1.00 15.13  ? 81  ALA A N   1 
ATOM   657 C CA  . ALA A 1 87  ? -2.103  -6.090  8.729   1.00 16.14  ? 81  ALA A CA  1 
ATOM   658 C C   . ALA A 1 87  ? -3.392  -6.502  9.456   1.00 16.82  ? 81  ALA A C   1 
ATOM   659 O O   . ALA A 1 87  ? -4.316  -5.699  9.704   1.00 17.56  ? 81  ALA A O   1 
ATOM   660 C CB  . ALA A 1 87  ? -2.232  -6.363  7.223   1.00 17.40  ? 81  ALA A CB  1 
ATOM   661 N N   . LYS A 1 88  ? -3.531  -7.793  9.733   1.00 12.86  ? 82  LYS A N   1 
ATOM   662 C CA  . LYS A 1 88  ? -4.732  -8.231  10.429  1.00 13.50  ? 82  LYS A CA  1 
ATOM   663 C C   . LYS A 1 88  ? -4.866  -7.629  11.849  1.00 16.54  ? 82  LYS A C   1 
ATOM   664 O O   . LYS A 1 88  ? -5.965  -7.366  12.310  1.00 18.19  ? 82  LYS A O   1 
ATOM   665 C CB  . LYS A 1 88  ? -4.748  -9.723  10.472  1.00 16.58  ? 82  LYS A CB  1 
ATOM   666 C CG  . LYS A 1 88  ? -4.966  -10.224 9.056   1.00 19.08  ? 82  LYS A CG  1 
ATOM   667 C CD  . LYS A 1 88  ? -5.574  -11.607 9.113   1.00 29.05  ? 82  LYS A CD  1 
ATOM   668 C CE  . LYS A 1 88  ? -5.537  -12.343 7.788   1.00 30.21  ? 82  LYS A CE  1 
ATOM   669 N NZ  . LYS A 1 88  ? -4.272  -13.056 7.594   1.00 32.65  ? 82  LYS A NZ  1 
ATOM   670 N N   . GLU A 1 89  ? -3.763  -7.386  12.538  1.00 14.38  ? 83  GLU A N   1 
ATOM   671 C CA  . GLU A 1 89  ? -3.792  -6.744  13.832  1.00 15.28  ? 83  GLU A CA  1 
ATOM   672 C C   . GLU A 1 89  ? -4.206  -5.267  13.660  1.00 17.52  ? 83  GLU A C   1 
ATOM   673 O O   . GLU A 1 89  ? -5.011  -4.767  14.446  1.00 16.65  ? 83  GLU A O   1 
ATOM   674 C CB  . GLU A 1 89  ? -2.399  -6.892  14.456  1.00 17.92  ? 83  GLU A CB  1 
ATOM   675 C CG  . GLU A 1 89  ? -2.205  -6.138  15.776  1.00 37.67  ? 83  GLU A CG  1 
ATOM   676 C CD  . GLU A 1 89  ? -0.920  -6.545  16.464  1.00 58.79  ? 83  GLU A CD  1 
ATOM   677 O OE1 . GLU A 1 89  ? -0.418  -7.628  16.256  1.00 28.29  ? 83  GLU A OE1 1 
ATOM   678 O OE2 . GLU A 1 89  ? -0.382  -5.627  17.263  1.00 47.36  ? 83  GLU A OE2 1 
ATOM   679 N N   . ALA A 1 90  ? -3.692  -4.569  12.613  1.00 14.23  ? 84  ALA A N   1 
ATOM   680 C CA  . ALA A 1 90  ? -4.097  -3.190  12.359  1.00 13.97  ? 84  ALA A CA  1 
ATOM   681 C C   . ALA A 1 90  ? -5.617  -3.125  12.179  1.00 17.08  ? 84  ALA A C   1 
ATOM   682 O O   . ALA A 1 90  ? -6.290  -2.212  12.708  1.00 17.22  ? 84  ALA A O   1 
ATOM   683 C CB  . ALA A 1 90  ? -3.458  -2.700  11.078  1.00 14.52  ? 84  ALA A CB  1 
ATOM   684 N N   . MET A 1 91  ? -6.166  -4.121  11.446  1.00 13.57  ? 85  MET A N   1 
ATOM   685 C CA  . MET A 1 91  ? -7.605  -4.160  11.228  1.00 15.49  ? 85  MET A CA  1 
ATOM   686 C C   . MET A 1 91  ? -8.394  -4.443  12.506  1.00 21.17  ? 85  MET A C   1 
ATOM   687 O O   . MET A 1 91  ? -9.439  -3.831  12.747  1.00 20.30  ? 85  MET A O   1 
ATOM   688 C CB  . MET A 1 91  ? -7.985  -5.228  10.195  1.00 17.24  ? 85  MET A CB  1 
ATOM   689 C CG  . MET A 1 91  ? -7.497  -4.814  8.815   1.00 19.32  ? 85  MET A CG  1 
ATOM   690 S SD  . MET A 1 91  ? -7.836  -6.093  7.552   1.00 23.83  ? 85  MET A SD  1 
ATOM   691 C CE  . MET A 1 91  ? -9.572  -5.763  7.245   1.00 21.54  ? 85  MET A CE  1 
ATOM   692 N N   . ALA A 1 92  ? -7.893  -5.373  13.321  1.00 17.16  ? 86  ALA A N   1 
ATOM   693 C CA  . ALA A 1 92  ? -8.570  -5.685  14.549  1.00 17.07  ? 86  ALA A CA  1 
ATOM   694 C C   . ALA A 1 92  ? -8.569  -4.494  15.524  1.00 21.53  ? 86  ALA A C   1 
ATOM   695 O O   . ALA A 1 92  ? -9.512  -4.271  16.269  1.00 23.14  ? 86  ALA A O   1 
ATOM   696 C CB  . ALA A 1 92  ? -7.894  -6.920  15.103  1.00 16.85  ? 86  ALA A CB  1 
ATOM   697 N N   . GLN A 1 93  ? -7.524  -3.677  15.547  1.00 15.97  ? 87  GLN A N   1 
ATOM   698 C CA  . GLN A 1 93  ? -7.424  -2.538  16.441  1.00 16.15  ? 87  GLN A CA  1 
ATOM   699 C C   . GLN A 1 93  ? -7.988  -1.251  15.882  1.00 19.66  ? 87  GLN A C   1 
ATOM   700 O O   . GLN A 1 93  ? -7.725  -0.171  16.410  1.00 19.92  ? 87  GLN A O   1 
ATOM   701 C CB  . GLN A 1 93  ? -5.966  -2.345  16.833  1.00 17.19  ? 87  GLN A CB  1 
ATOM   702 C CG  . GLN A 1 93  ? -5.514  -3.591  17.614  1.00 18.50  ? 87  GLN A CG  1 
ATOM   703 C CD  . GLN A 1 93  ? -4.033  -3.621  17.905  1.00 27.96  ? 87  GLN A CD  1 
ATOM   704 O OE1 . GLN A 1 93  ? -3.503  -4.637  18.374  1.00 30.30  ? 87  GLN A OE1 1 
ATOM   705 N NE2 . GLN A 1 93  ? -3.321  -2.540  17.621  1.00 28.98  ? 87  GLN A NE2 1 
ATOM   706 N N   . ASP A 1 94  ? -8.711  -1.403  14.783  1.00 18.26  ? 88  ASP A N   1 
ATOM   707 C CA  . ASP A 1 94  ? -9.330  -0.282  14.106  1.00 21.71  ? 88  ASP A CA  1 
ATOM   708 C C   . ASP A 1 94  ? -8.341  0.789   13.620  1.00 23.25  ? 88  ASP A C   1 
ATOM   709 O O   . ASP A 1 94  ? -8.694  1.971   13.617  1.00 23.99  ? 88  ASP A O   1 
ATOM   710 C CB  . ASP A 1 94  ? -10.516 0.311   14.931  1.00 25.28  ? 88  ASP A CB  1 
ATOM   711 C CG  . ASP A 1 94  ? -11.681 -0.638  15.071  1.00 54.96  ? 88  ASP A CG  1 
ATOM   712 O OD1 . ASP A 1 94  ? -12.068 -1.367  14.154  1.00 61.67  ? 88  ASP A OD1 1 
ATOM   713 O OD2 . ASP A 1 94  ? -12.232 -0.598  16.270  1.00 67.25  ? 88  ASP A OD2 1 
ATOM   714 N N   . LYS A 1 95  ? -7.130  0.392   13.188  1.00 15.52  ? 89  LYS A N   1 
ATOM   715 C CA  . LYS A 1 95  ? -6.118  1.350   12.686  1.00 14.94  ? 89  LYS A CA  1 
ATOM   716 C C   . LYS A 1 95  ? -6.062  1.421   11.142  1.00 17.42  ? 89  LYS A C   1 
ATOM   717 O O   . LYS A 1 95  ? -5.311  2.206   10.558  1.00 15.81  ? 89  LYS A O   1 
ATOM   718 C CB  . LYS A 1 95  ? -4.718  0.949   13.131  1.00 17.76  ? 89  LYS A CB  1 
ATOM   719 C CG  . LYS A 1 95  ? -4.592  0.604   14.614  1.00 26.46  ? 89  LYS A CG  1 
ATOM   720 C CD  . LYS A 1 95  ? -4.265  1.843   15.391  1.00 32.17  ? 89  LYS A CD  1 
ATOM   721 C CE  . LYS A 1 95  ? -4.429  1.686   16.892  1.00 52.46  ? 89  LYS A CE  1 
ATOM   722 N NZ  . LYS A 1 95  ? -4.768  2.984   17.504  1.00 59.51  ? 89  LYS A NZ  1 
ATOM   723 N N   . MET A 1 96  ? -6.848  0.551   10.505  1.00 14.90  ? 90  MET A N   1 
ATOM   724 C CA  . MET A 1 96  ? -6.921  0.463   9.057   1.00 16.83  ? 90  MET A CA  1 
ATOM   725 C C   . MET A 1 96  ? -8.344  0.101   8.619   1.00 20.90  ? 90  MET A C   1 
ATOM   726 O O   . MET A 1 96  ? -8.950  -0.821  9.191   1.00 22.09  ? 90  MET A O   1 
ATOM   727 C CB  . MET A 1 96  ? -5.912  -0.606  8.554   1.00 19.43  ? 90  MET A CB  1 
ATOM   728 C CG  . MET A 1 96  ? -6.012  -0.809  7.050   1.00 25.72  ? 90  MET A CG  1 
ATOM   729 S SD  . MET A 1 96  ? -4.670  -1.843  6.423   1.00 31.97  ? 90  MET A SD  1 
ATOM   730 C CE  . MET A 1 96  ? -5.313  -3.499  6.754   1.00 27.35  ? 90  MET A CE  1 
ATOM   731 N N   . GLU A 1 97  ? -8.836  0.797   7.580   1.00 14.28  ? 91  GLU A N   1 
ATOM   732 C CA  . GLU A 1 97  ? -10.139 0.522   7.006   1.00 14.97  ? 91  GLU A CA  1 
ATOM   733 C C   . GLU A 1 97  ? -9.965  0.056   5.549   1.00 16.09  ? 91  GLU A C   1 
ATOM   734 O O   . GLU A 1 97  ? -9.148  0.618   4.825   1.00 14.72  ? 91  GLU A O   1 
ATOM   735 C CB  . GLU A 1 97  ? -11.031 1.764   6.953   1.00 17.83  ? 91  GLU A CB  1 
ATOM   736 C CG  . GLU A 1 97  ? -11.697 2.173   8.270   1.00 40.41  ? 91  GLU A CG  1 
ATOM   737 C CD  . GLU A 1 97  ? -12.470 3.438   7.990   1.00 100.00 ? 91  GLU A CD  1 
ATOM   738 O OE1 . GLU A 1 97  ? -12.500 3.975   6.876   1.00 100.00 ? 91  GLU A OE1 1 
ATOM   739 O OE2 . GLU A 1 97  ? -13.084 3.900   9.062   1.00 100.00 ? 91  GLU A OE2 1 
ATOM   740 N N   . VAL A 1 98  ? -10.729 -0.957  5.125   1.00 10.81  ? 92  VAL A N   1 
ATOM   741 C CA  . VAL A 1 98  ? -10.633 -1.452  3.763   1.00 9.27   ? 92  VAL A CA  1 
ATOM   742 C C   . VAL A 1 98  ? -12.022 -1.528  3.099   1.00 13.79  ? 92  VAL A C   1 
ATOM   743 O O   . VAL A 1 98  ? -12.981 -2.046  3.703   1.00 13.63  ? 92  VAL A O   1 
ATOM   744 C CB  . VAL A 1 98  ? -9.974  -2.848  3.729   1.00 13.21  ? 92  VAL A CB  1 
ATOM   745 C CG1 . VAL A 1 98  ? -9.697  -3.280  2.266   1.00 12.86  ? 92  VAL A CG1 1 
ATOM   746 C CG2 . VAL A 1 98  ? -8.699  -2.867  4.582   1.00 13.82  ? 92  VAL A CG2 1 
ATOM   747 N N   . ASP A 1 99  ? -12.155 -1.003  1.875   1.00 11.98  ? 93  ASP A N   1 
ATOM   748 C CA  . ASP A 1 99  ? -13.403 -1.078  1.124   1.00 11.71  ? 93  ASP A CA  1 
ATOM   749 C C   . ASP A 1 99  ? -13.108 -1.933  -0.092  1.00 13.67  ? 93  ASP A C   1 
ATOM   750 O O   . ASP A 1 99  ? -11.939 -2.078  -0.468  1.00 11.90  ? 93  ASP A O   1 
ATOM   751 C CB  . ASP A 1 99  ? -13.920 0.260   0.567   1.00 12.70  ? 93  ASP A CB  1 
ATOM   752 C CG  . ASP A 1 99  ? -14.437 1.180   1.612   1.00 24.75  ? 93  ASP A CG  1 
ATOM   753 O OD1 . ASP A 1 99  ? -14.028 2.315   1.739   1.00 35.89  ? 93  ASP A OD1 1 
ATOM   754 O OD2 . ASP A 1 99  ? -15.325 0.665   2.384   1.00 15.19  ? 93  ASP A OD2 1 
ATOM   755 N N   . GLY A 1 100 ? -14.153 -2.477  -0.703  1.00 10.94  ? 94  GLY A N   1 
ATOM   756 C CA  . GLY A 1 100 ? -14.015 -3.265  -1.934  1.00 9.41   ? 94  GLY A CA  1 
ATOM   757 C C   . GLY A 1 100 ? -13.908 -4.762  -1.685  1.00 11.24  ? 94  GLY A C   1 
ATOM   758 O O   . GLY A 1 100 ? -14.588 -5.310  -0.817  1.00 11.05  ? 94  GLY A O   1 
ATOM   759 N N   . GLN A 1 101 ? -13.045 -5.419  -2.452  1.00 9.30   ? 95  GLN A N   1 
ATOM   760 C CA  . GLN A 1 101 ? -12.837 -6.887  -2.309  1.00 10.36  ? 95  GLN A CA  1 
ATOM   761 C C   . GLN A 1 101 ? -11.722 -7.100  -1.314  1.00 12.46  ? 95  GLN A C   1 
ATOM   762 O O   . GLN A 1 101 ? -10.539 -7.190  -1.622  1.00 12.51  ? 95  GLN A O   1 
ATOM   763 C CB  . GLN A 1 101 ? -12.549 -7.491  -3.699  1.00 12.33  ? 95  GLN A CB  1 
ATOM   764 C CG  . GLN A 1 101 ? -13.752 -7.199  -4.633  1.00 13.51  ? 95  GLN A CG  1 
ATOM   765 C CD  . GLN A 1 101 ? -13.443 -7.364  -6.124  1.00 23.41  ? 95  GLN A CD  1 
ATOM   766 O OE1 . GLN A 1 101 ? -13.386 -6.419  -6.973  1.00 23.87  ? 95  GLN A OE1 1 
ATOM   767 N NE2 . GLN A 1 101 ? -13.256 -8.629  -6.446  1.00 22.10  ? 95  GLN A NE2 1 
ATOM   768 N N   . VAL A 1 102 ? -12.105 -7.073  -0.058  1.00 10.75  ? 96  VAL A N   1 
ATOM   769 C CA  . VAL A 1 102 ? -11.156 -7.074  1.036   1.00 11.53  ? 96  VAL A CA  1 
ATOM   770 C C   . VAL A 1 102 ? -10.066 -8.125  1.020   1.00 13.01  ? 96  VAL A C   1 
ATOM   771 O O   . VAL A 1 102 ? -8.890  -7.822  1.272   1.00 12.62  ? 96  VAL A O   1 
ATOM   772 C CB  . VAL A 1 102 ? -11.837 -7.020  2.399   1.00 14.90  ? 96  VAL A CB  1 
ATOM   773 C CG1 . VAL A 1 102 ? -10.816 -6.976  3.548   1.00 15.21  ? 96  VAL A CG1 1 
ATOM   774 C CG2 . VAL A 1 102 ? -12.711 -5.767  2.428   1.00 15.43  ? 96  VAL A CG2 1 
ATOM   775 N N   . GLU A 1 103 ? -10.486 -9.354  0.772   1.00 11.49  ? 97  GLU A N   1 
ATOM   776 C CA  . GLU A 1 103 ? -9.567  -10.481 0.793   1.00 12.47  ? 97  GLU A CA  1 
ATOM   777 C C   . GLU A 1 103 ? -8.372  -10.328 -0.138  1.00 13.56  ? 97  GLU A C   1 
ATOM   778 O O   . GLU A 1 103 ? -7.343  -10.951 0.112   1.00 14.44  ? 97  GLU A O   1 
ATOM   779 C CB  . GLU A 1 103 ? -10.345 -11.756 0.488   1.00 14.94  ? 97  GLU A CB  1 
ATOM   780 C CG  . GLU A 1 103 ? -11.356 -12.056 1.618   1.00 30.15  ? 97  GLU A CG  1 
ATOM   781 C CD  . GLU A 1 103 ? -12.714 -11.418 1.418   1.00 49.02  ? 97  GLU A CD  1 
ATOM   782 O OE1 . GLU A 1 103 ? -12.951 -10.457 0.679   1.00 24.27  ? 97  GLU A OE1 1 
ATOM   783 O OE2 . GLU A 1 103 ? -13.622 -12.023 2.137   1.00 34.69  ? 97  GLU A OE2 1 
ATOM   784 N N   . LEU A 1 104 ? -8.500  -9.536  -1.217  1.00 9.46   ? 98  LEU A N   1 
ATOM   785 C CA  . LEU A 1 104 ? -7.366  -9.338  -2.106  1.00 10.56  ? 98  LEU A CA  1 
ATOM   786 C C   . LEU A 1 104 ? -6.146  -8.739  -1.384  1.00 11.37  ? 98  LEU A C   1 
ATOM   787 O O   . LEU A 1 104 ? -5.006  -8.934  -1.805  1.00 9.74   ? 98  LEU A O   1 
ATOM   788 C CB  . LEU A 1 104 ? -7.687  -8.376  -3.254  1.00 10.62  ? 98  LEU A CB  1 
ATOM   789 C CG  . LEU A 1 104 ? -8.863  -8.831  -4.105  1.00 13.40  ? 98  LEU A CG  1 
ATOM   790 C CD1 . LEU A 1 104 ? -9.074  -7.809  -5.229  1.00 13.27  ? 98  LEU A CD1 1 
ATOM   791 C CD2 . LEU A 1 104 ? -8.526  -10.199 -4.670  1.00 14.13  ? 98  LEU A CD2 1 
ATOM   792 N N   . ILE A 1 105 ? -6.338  -8.007  -0.266  1.00 10.73  ? 99  ILE A N   1 
ATOM   793 C CA  . ILE A 1 105 ? -5.206  -7.408  0.422   1.00 11.19  ? 99  ILE A CA  1 
ATOM   794 C C   . ILE A 1 105 ? -4.318  -8.438  1.076   1.00 12.50  ? 99  ILE A C   1 
ATOM   795 O O   . ILE A 1 105 ? -3.110  -8.235  1.170   1.00 11.30  ? 99  ILE A O   1 
ATOM   796 C CB  . ILE A 1 105 ? -5.557  -6.264  1.363   1.00 14.80  ? 99  ILE A CB  1 
ATOM   797 C CG1 . ILE A 1 105 ? -6.154  -6.782  2.675   1.00 13.95  ? 99  ILE A CG1 1 
ATOM   798 C CG2 . ILE A 1 105 ? -6.470  -5.260  0.640   1.00 13.14  ? 99  ILE A CG2 1 
ATOM   799 C CD1 . ILE A 1 105 ? -6.069  -5.800  3.855   1.00 17.33  ? 99  ILE A CD1 1 
ATOM   800 N N   . PHE A 1 106 ? -4.915  -9.567  1.480   1.00 11.26  ? 100 PHE A N   1 
ATOM   801 C CA  . PHE A 1 106 ? -4.115  -10.585 2.122   1.00 11.58  ? 100 PHE A CA  1 
ATOM   802 C C   . PHE A 1 106 ? -3.089  -11.214 1.214   1.00 14.06  ? 100 PHE A C   1 
ATOM   803 O O   . PHE A 1 106 ? -2.082  -11.758 1.678   1.00 14.15  ? 100 PHE A O   1 
ATOM   804 C CB  . PHE A 1 106 ? -4.973  -11.641 2.793   1.00 13.25  ? 100 PHE A CB  1 
ATOM   805 C CG  . PHE A 1 106 ? -5.965  -11.004 3.730   1.00 14.84  ? 100 PHE A CG  1 
ATOM   806 C CD1 . PHE A 1 106 ? -7.320  -11.284 3.587   1.00 17.02  ? 100 PHE A CD1 1 
ATOM   807 C CD2 . PHE A 1 106 ? -5.533  -10.142 4.740   1.00 17.43  ? 100 PHE A CD2 1 
ATOM   808 C CE1 . PHE A 1 106 ? -8.251  -10.737 4.467   1.00 19.08  ? 100 PHE A CE1 1 
ATOM   809 C CE2 . PHE A 1 106 ? -6.455  -9.560  5.614   1.00 20.91  ? 100 PHE A CE2 1 
ATOM   810 C CZ  . PHE A 1 106 ? -7.811  -9.871  5.467   1.00 19.60  ? 100 PHE A CZ  1 
ATOM   811 N N   . LEU A 1 107 ? -3.331  -11.132 -0.093  1.00 10.58  ? 101 LEU A N   1 
ATOM   812 C CA  . LEU A 1 107 ? -2.405  -11.657 -1.059  1.00 10.66  ? 101 LEU A CA  1 
ATOM   813 C C   . LEU A 1 107 ? -1.067  -10.922 -1.039  1.00 15.47  ? 101 LEU A C   1 
ATOM   814 O O   . LEU A 1 107 ? -0.063  -11.461 -1.505  1.00 15.41  ? 101 LEU A O   1 
ATOM   815 C CB  . LEU A 1 107 ? -2.995  -11.521 -2.475  1.00 10.75  ? 101 LEU A CB  1 
ATOM   816 C CG  . LEU A 1 107 ? -4.334  -12.242 -2.647  1.00 13.75  ? 101 LEU A CG  1 
ATOM   817 C CD1 . LEU A 1 107 ? -4.799  -11.997 -4.067  1.00 15.92  ? 101 LEU A CD1 1 
ATOM   818 C CD2 . LEU A 1 107 ? -4.146  -13.745 -2.423  1.00 19.37  ? 101 LEU A CD2 1 
ATOM   819 N N   . LEU A 1 108 ? -1.028  -9.678  -0.528  1.00 12.02  ? 102 LEU A N   1 
ATOM   820 C CA  . LEU A 1 108 ? 0.210   -8.932  -0.502  1.00 11.04  ? 102 LEU A CA  1 
ATOM   821 C C   . LEU A 1 108 ? 1.123   -9.207  0.681   1.00 14.19  ? 102 LEU A C   1 
ATOM   822 O O   . LEU A 1 108 ? 2.298   -8.816  0.656   1.00 13.69  ? 102 LEU A O   1 
ATOM   823 C CB  . LEU A 1 108 ? -0.140  -7.434  -0.427  1.00 10.97  ? 102 LEU A CB  1 
ATOM   824 C CG  . LEU A 1 108 ? -1.013  -6.921  -1.571  1.00 14.56  ? 102 LEU A CG  1 
ATOM   825 C CD1 . LEU A 1 108 ? -1.344  -5.459  -1.300  1.00 14.59  ? 102 LEU A CD1 1 
ATOM   826 C CD2 . LEU A 1 108 ? -0.266  -7.016  -2.887  1.00 14.07  ? 102 LEU A CD2 1 
ATOM   827 N N   . GLU A 1 109 ? 0.586   -9.857  1.704   1.00 12.42  ? 103 GLU A N   1 
ATOM   828 C CA  . GLU A 1 109 ? 1.390   -10.071 2.919   1.00 13.39  ? 103 GLU A CA  1 
ATOM   829 C C   . GLU A 1 109 ? 2.735   -10.801 2.749   1.00 16.18  ? 103 GLU A C   1 
ATOM   830 O O   . GLU A 1 109 ? 3.742   -10.406 3.308   1.00 15.64  ? 103 GLU A O   1 
ATOM   831 C CB  . GLU A 1 109 ? 0.647   -10.738 4.103   1.00 16.28  ? 103 GLU A CB  1 
ATOM   832 C CG  . GLU A 1 109 ? -0.546  -9.937  4.637   1.00 35.75  ? 103 GLU A CG  1 
ATOM   833 C CD  . GLU A 1 109 ? -1.095  -10.501 5.929   1.00 62.70  ? 103 GLU A CD  1 
ATOM   834 O OE1 . GLU A 1 109 ? -2.254  -10.853 6.041   1.00 64.17  ? 103 GLU A OE1 1 
ATOM   835 O OE2 . GLU A 1 109 ? -0.213  -10.555 6.911   1.00 42.91  ? 103 GLU A OE2 1 
ATOM   836 N N   . PRO A 1 110 ? 2.769   -11.873 1.998   1.00 15.25  ? 104 PRO A N   1 
ATOM   837 C CA  . PRO A 1 110 ? 4.022   -12.617 1.822   1.00 13.94  ? 104 PRO A CA  1 
ATOM   838 C C   . PRO A 1 110 ? 5.053   -11.878 0.989   1.00 16.31  ? 104 PRO A C   1 
ATOM   839 O O   . PRO A 1 110 ? 6.133   -12.431 0.737   1.00 15.62  ? 104 PRO A O   1 
ATOM   840 C CB  . PRO A 1 110 ? 3.643   -13.905 1.073   1.00 16.06  ? 104 PRO A CB  1 
ATOM   841 C CG  . PRO A 1 110 ? 2.116   -13.901 0.940   1.00 20.58  ? 104 PRO A CG  1 
ATOM   842 C CD  . PRO A 1 110 ? 1.630   -12.482 1.261   1.00 14.90  ? 104 PRO A CD  1 
ATOM   843 N N   . PHE A 1 111 ? 4.735   -10.632 0.561   1.00 10.53  ? 105 PHE A N   1 
ATOM   844 C CA  . PHE A 1 111 ? 5.687   -9.863  -0.222  1.00 11.26  ? 105 PHE A CA  1 
ATOM   845 C C   . PHE A 1 111 ? 6.324   -8.735  0.539   1.00 13.53  ? 105 PHE A C   1 
ATOM   846 O O   . PHE A 1 111 ? 7.318   -8.133  0.081   1.00 14.02  ? 105 PHE A O   1 
ATOM   847 C CB  . PHE A 1 111 ? 5.132   -9.346  -1.570  1.00 13.48  ? 105 PHE A CB  1 
ATOM   848 C CG  . PHE A 1 111 ? 4.703   -10.472 -2.444  1.00 15.49  ? 105 PHE A CG  1 
ATOM   849 C CD1 . PHE A 1 111 ? 3.376   -10.905 -2.415  1.00 18.49  ? 105 PHE A CD1 1 
ATOM   850 C CD2 . PHE A 1 111 ? 5.626   -11.144 -3.252  1.00 19.74  ? 105 PHE A CD2 1 
ATOM   851 C CE1 . PHE A 1 111 ? 2.927   -11.977 -3.190  1.00 20.13  ? 105 PHE A CE1 1 
ATOM   852 C CE2 . PHE A 1 111 ? 5.188   -12.216 -4.038  1.00 22.57  ? 105 PHE A CE2 1 
ATOM   853 C CZ  . PHE A 1 111 ? 3.852   -12.638 -4.000  1.00 21.44  ? 105 PHE A CZ  1 
ATOM   854 N N   . ILE A 1 112 ? 5.754   -8.436  1.703   1.00 11.84  ? 106 ILE A N   1 
ATOM   855 C CA  . ILE A 1 112 ? 6.308   -7.384  2.542   1.00 13.76  ? 106 ILE A CA  1 
ATOM   856 C C   . ILE A 1 112 ? 7.817   -7.554  2.832   1.00 17.15  ? 106 ILE A C   1 
ATOM   857 O O   . ILE A 1 112 ? 8.602   -6.584  2.763   1.00 15.18  ? 106 ILE A O   1 
ATOM   858 C CB  . ILE A 1 112 ? 5.491   -7.182  3.835   1.00 16.27  ? 106 ILE A CB  1 
ATOM   859 C CG1 . ILE A 1 112 ? 4.076   -6.692  3.468   1.00 16.72  ? 106 ILE A CG1 1 
ATOM   860 C CG2 . ILE A 1 112 ? 6.189   -6.204  4.753   1.00 14.85  ? 106 ILE A CG2 1 
ATOM   861 C CD1 . ILE A 1 112 ? 3.104   -6.732  4.651   1.00 17.21  ? 106 ILE A CD1 1 
ATOM   862 N N   . ALA A 1 113 ? 8.224   -8.797  3.152   1.00 15.36  ? 107 ALA A N   1 
ATOM   863 C CA  . ALA A 1 113 ? 9.630   -9.107  3.477   1.00 17.74  ? 107 ALA A CA  1 
ATOM   864 C C   . ALA A 1 113 ? 10.606  -8.836  2.337   1.00 19.39  ? 107 ALA A C   1 
ATOM   865 O O   . ALA A 1 113 ? 11.818  -8.704  2.592   1.00 19.04  ? 107 ALA A O   1 
ATOM   866 C CB  . ALA A 1 113 ? 9.768   -10.584 3.854   1.00 19.26  ? 107 ALA A CB  1 
ATOM   867 N N   . SER A 1 114 ? 10.074  -8.766  1.097   1.00 15.31  ? 108 SER A N   1 
ATOM   868 C CA  . SER A 1 114 ? 10.915  -8.545  -0.080  1.00 14.47  ? 108 SER A CA  1 
ATOM   869 C C   . SER A 1 114 ? 11.264  -7.068  -0.277  1.00 18.82  ? 108 SER A C   1 
ATOM   870 O O   . SER A 1 114 ? 12.082  -6.725  -1.132  1.00 17.66  ? 108 SER A O   1 
ATOM   871 C CB  . SER A 1 114 ? 10.333  -9.163  -1.344  1.00 12.88  ? 108 SER A CB  1 
ATOM   872 O OG  . SER A 1 114 ? 9.191   -8.411  -1.715  1.00 17.13  ? 108 SER A OG  1 
ATOM   873 N N   . LEU A 1 115 ? 10.648  -6.158  0.502   1.00 15.36  ? 109 LEU A N   1 
ATOM   874 C CA  . LEU A 1 115 ? 10.982  -4.741  0.359   1.00 14.08  ? 109 LEU A CA  1 
ATOM   875 C C   . LEU A 1 115 ? 12.363  -4.473  0.941   1.00 21.16  ? 109 LEU A C   1 
ATOM   876 O O   . LEU A 1 115 ? 12.738  -4.970  1.974   1.00 21.87  ? 109 LEU A O   1 
ATOM   877 C CB  . LEU A 1 115 ? 9.914   -3.831  0.984   1.00 14.25  ? 109 LEU A CB  1 
ATOM   878 C CG  . LEU A 1 115 ? 8.543   -3.983  0.334   1.00 17.64  ? 109 LEU A CG  1 
ATOM   879 C CD1 . LEU A 1 115 ? 7.600   -2.955  0.956   1.00 18.92  ? 109 LEU A CD1 1 
ATOM   880 C CD2 . LEU A 1 115 ? 8.589   -3.839  -1.199  1.00 14.04  ? 109 LEU A CD2 1 
ATOM   881 N N   . LYS A 1 116 ? 13.192  -3.745  0.231   1.00 21.28  ? 110 LYS A N   1 
ATOM   882 C CA  . LYS A 1 116 ? 14.503  -3.569  0.779   1.00 31.23  ? 110 LYS A CA  1 
ATOM   883 C C   . LYS A 1 116 ? 14.636  -2.187  1.419   1.00 44.09  ? 110 LYS A C   1 
ATOM   884 O O   . LYS A 1 116 ? 15.056  -1.280  0.676   1.00 36.95  ? 110 LYS A O   1 
ATOM   885 C CB  . LYS A 1 116 ? 15.566  -3.784  -0.276  1.00 34.76  ? 110 LYS A CB  1 
ATOM   886 C CG  . LYS A 1 116 ? 15.820  -5.268  -0.482  1.00 65.96  ? 110 LYS A CG  1 
ATOM   887 C CD  . LYS A 1 116 ? 17.302  -5.603  -0.625  1.00 82.34  ? 110 LYS A CD  1 
ATOM   888 C CE  . LYS A 1 116 ? 17.558  -6.886  -1.404  1.00 69.66  ? 110 LYS A CE  1 
ATOM   889 N NZ  . LYS A 1 116 ? 16.606  -7.103  -2.505  1.00 46.84  ? 110 LYS A NZ  1 
ATOM   890 O OXT . LYS A 1 116 ? 14.300  -2.164  2.671   1.00 63.01  ? 110 LYS A OXT 1 
HETATM 891 C C1  . PLM B 2 .   ? 3.775   -10.509 -8.688  1.00 20.39  ? 200 PLM A C1  1 
HETATM 892 O O1  . PLM B 2 .   ? 2.839   -10.908 -9.423  1.00 16.63  ? 200 PLM A O1  1 
HETATM 893 O O2  . PLM B 2 .   ? 4.914   -10.990 -8.941  1.00 21.17  ? 200 PLM A O2  1 
HETATM 894 C C2  . PLM B 2 .   ? 3.439   -9.524  -7.676  1.00 27.23  ? 200 PLM A C2  1 
HETATM 895 C C3  . PLM B 2 .   ? 4.624   -9.130  -6.849  1.00 20.55  ? 200 PLM A C3  1 
HETATM 896 C C4  . PLM B 2 .   ? 4.209   -8.026  -5.876  1.00 25.31  ? 200 PLM A C4  1 
HETATM 897 C C5  . PLM B 2 .   ? 5.171   -7.060  -5.215  1.00 25.91  ? 200 PLM A C5  1 
HETATM 898 C C6  . PLM B 2 .   ? 4.437   -5.925  -4.505  1.00 24.07  ? 200 PLM A C6  1 
HETATM 899 C C7  . PLM B 2 .   ? 4.638   -6.173  -3.043  1.00 27.98  ? 200 PLM A C7  1 
HETATM 900 C C8  . PLM B 2 .   ? 4.166   -4.991  -2.226  1.00 26.15  ? 200 PLM A C8  1 
HETATM 901 C C9  . PLM B 2 .   ? 3.873   -5.538  -0.862  1.00 30.29  ? 200 PLM A C9  1 
HETATM 902 C CA  . PLM B 2 .   ? 3.870   -4.358  0.077   1.00 27.59  ? 200 PLM A CA  1 
HETATM 903 C CB  . PLM B 2 .   ? 2.424   -3.975  0.310   1.00 25.02  ? 200 PLM A CB  1 
HETATM 904 C CC  . PLM B 2 .   ? 2.367   -3.239  1.627   1.00 25.59  ? 200 PLM A CC  1 
HETATM 905 C CD  . PLM B 2 .   ? 0.914   -3.129  2.078   1.00 37.05  ? 200 PLM A CD  1 
HETATM 906 C CE  . PLM B 2 .   ? 0.274   -4.506  2.207   1.00 27.52  ? 200 PLM A CE  1 
HETATM 907 C CF  . PLM B 2 .   ? -0.901  -4.373  3.160   1.00 25.42  ? 200 PLM A CF  1 
HETATM 908 C CG  . PLM B 2 .   ? -1.584  -5.724  3.351   1.00 29.63  ? 200 PLM A CG  1 
HETATM 909 O O   . HOH C 3 .   ? 6.412   -10.787 3.910   1.00 13.81  ? 400 HOH A O   1 
HETATM 910 O O   . HOH C 3 .   ? 2.854   8.574   1.215   1.00 16.93  ? 401 HOH A O   1 
HETATM 911 O O   . HOH C 3 .   ? -12.399 -0.300  -3.938  1.00 16.83  ? 402 HOH A O   1 
HETATM 912 O O   . HOH C 3 .   ? -5.075  4.691   10.861  1.00 17.03  ? 403 HOH A O   1 
HETATM 913 O O   . HOH C 3 .   ? -1.524  -9.965  9.235   1.00 20.75  ? 404 HOH A O   1 
HETATM 914 O O   . HOH C 3 .   ? 13.932  -4.489  -7.481  1.00 16.19  ? 405 HOH A O   1 
HETATM 915 O O   . HOH C 3 .   ? -10.941 2.499   2.684   1.00 16.02  ? 406 HOH A O   1 
HETATM 916 O O   . HOH C 3 .   ? 8.199   8.446   -2.640  1.00 30.23  ? 407 HOH A O   1 
HETATM 917 O O   . HOH C 3 .   ? -7.378  7.173   8.661   1.00 22.93  ? 408 HOH A O   1 
HETATM 918 O O   . HOH C 3 .   ? 5.175   13.398  8.302   1.00 30.44  ? 409 HOH A O   1 
HETATM 919 O O   . HOH C 3 .   ? 9.153   -11.893 -3.309  1.00 22.66  ? 410 HOH A O   1 
HETATM 920 O O   . HOH C 3 .   ? -8.217  -8.880  11.822  1.00 26.35  ? 411 HOH A O   1 
HETATM 921 O O   . HOH C 3 .   ? 7.643   -10.858 -8.078  1.00 18.45  ? 412 HOH A O   1 
HETATM 922 O O   . HOH C 3 .   ? 3.470   -5.973  8.235   1.00 18.10  ? 413 HOH A O   1 
HETATM 923 O O   . HOH C 3 .   ? 16.041  -2.970  -8.760  1.00 24.38  ? 414 HOH A O   1 
HETATM 924 O O   . HOH C 3 .   ? 0.263   -14.122 -1.853  1.00 33.24  ? 415 HOH A O   1 
HETATM 925 O O   . HOH C 3 .   ? -9.566  10.121  -1.339  1.00 34.76  ? 416 HOH A O   1 
HETATM 926 O O   . HOH C 3 .   ? -2.273  12.597  -3.653  1.00 14.76  ? 418 HOH A O   1 
HETATM 927 O O   . HOH C 3 .   ? 9.431   -4.395  4.711   1.00 24.75  ? 419 HOH A O   1 
HETATM 928 O O   . HOH C 3 .   ? -10.950 12.326  -8.734  1.00 22.80  ? 420 HOH A O   1 
HETATM 929 O O   . HOH C 3 .   ? -14.753 -8.401  1.171   1.00 18.38  ? 421 HOH A O   1 
HETATM 930 O O   . HOH C 3 .   ? 6.537   -12.184 -10.691 1.00 24.47  ? 422 HOH A O   1 
HETATM 931 O O   . HOH C 3 .   ? 11.066  -14.221 -16.841 1.00 24.76  ? 423 HOH A O   1 
HETATM 932 O O   . HOH C 3 .   ? 12.516  -2.430  -2.538  1.00 20.08  ? 424 HOH A O   1 
HETATM 933 O O   . HOH C 3 .   ? 4.771   -1.606  -16.547 1.00 34.36  ? 425 HOH A O   1 
HETATM 934 O O   . HOH C 3 .   ? -1.267  -13.485 8.255   1.00 37.29  ? 426 HOH A O   1 
HETATM 935 O O   . HOH C 3 .   ? 7.353   5.557   -5.868  1.00 22.98  ? 429 HOH A O   1 
HETATM 936 O O   . HOH C 3 .   ? 8.770   -4.072  -13.944 1.00 40.19  ? 430 HOH A O   1 
HETATM 937 O O   . HOH C 3 .   ? -15.385 4.441   3.081   1.00 34.09  ? 431 HOH A O   1 
HETATM 938 O O   . HOH C 3 .   ? -0.808  -9.001  -15.945 1.00 39.61  ? 432 HOH A O   1 
HETATM 939 O O   . HOH C 3 .   ? 0.239   9.432   11.041  1.00 28.37  ? 434 HOH A O   1 
HETATM 940 O O   . HOH C 3 .   ? 9.343   1.266   -10.536 1.00 21.07  ? 438 HOH A O   1 
HETATM 941 O O   . HOH C 3 .   ? 4.521   10.784  13.714  1.00 54.00  ? 440 HOH A O   1 
HETATM 942 O O   . HOH C 3 .   ? -10.422 5.550   -12.044 1.00 43.10  ? 442 HOH A O   1 
HETATM 943 O O   . HOH C 3 .   ? 0.778   -17.717 -7.750  1.00 40.68  ? 443 HOH A O   1 
HETATM 944 O O   . HOH C 3 .   ? -14.864 -11.481 4.353   1.00 29.99  ? 446 HOH A O   1 
HETATM 945 O O   . HOH C 3 .   ? 2.124   15.891  -2.485  1.00 41.26  ? 448 HOH A O   1 
HETATM 946 O O   . HOH C 3 .   ? 11.744  -11.346 -4.216  1.00 32.26  ? 449 HOH A O   1 
HETATM 947 O O   . HOH C 3 .   ? 10.054  1.158   -12.810 1.00 36.18  ? 450 HOH A O   1 
HETATM 948 O O   . HOH C 3 .   ? -12.351 -2.167  7.385   1.00 34.49  ? 452 HOH A O   1 
HETATM 949 O O   . HOH C 3 .   ? -3.901  -12.539 -9.040  1.00 26.81  ? 459 HOH A O   1 
HETATM 950 O O   . HOH C 3 .   ? 5.208   4.135   12.682  1.00 34.02  ? 460 HOH A O   1 
HETATM 951 O O   . HOH C 3 .   ? 0.935   -7.908  7.686   1.00 34.04  ? 462 HOH A O   1 
HETATM 952 O O   . HOH C 3 .   ? 2.956   -8.771  -16.085 1.00 51.26  ? 464 HOH A O   1 
HETATM 953 O O   . HOH C 3 .   ? 12.866  -4.820  -3.299  1.00 24.42  ? 465 HOH A O   1 
HETATM 954 O O   . HOH C 3 .   ? -12.598 -6.857  -9.572  1.00 29.69  ? 466 HOH A O   1 
HETATM 955 O O   . HOH C 3 .   ? -3.882  11.528  -5.549  1.00 36.22  ? 467 HOH A O   1 
HETATM 956 O O   . HOH C 3 .   ? 10.317  7.507   7.056   1.00 57.24  ? 468 HOH A O   1 
HETATM 957 O O   . HOH C 3 .   ? -6.547  -10.679 -12.121 1.00 33.19  ? 470 HOH A O   1 
HETATM 958 O O   . HOH C 3 .   ? 2.614   -7.132  17.009  1.00 52.66  ? 472 HOH A O   1 
HETATM 959 O O   . HOH C 3 .   ? 14.670  -5.272  -4.876  1.00 37.82  ? 473 HOH A O   1 
HETATM 960 O O   . HOH C 3 .   ? 2.999   13.728  -7.675  1.00 35.62  ? 474 HOH A O   1 
HETATM 961 O O   . HOH C 3 .   ? 8.997   -12.002 0.238   1.00 28.31  ? 478 HOH A O   1 
HETATM 962 O O   . HOH C 3 .   ? -8.428  4.467   8.751   1.00 30.07  ? 483 HOH A O   1 
HETATM 963 O O   . HOH C 3 .   ? 3.185   -11.247 -17.542 1.00 38.31  ? 484 HOH A O   1 
HETATM 964 O O   . HOH C 3 .   ? 4.365   10.680  9.931   1.00 45.10  ? 486 HOH A O   1 
HETATM 965 O O   . HOH C 3 .   ? -12.679 2.776   4.405   1.00 54.02  ? 488 HOH A O   1 
HETATM 966 O O   . HOH C 3 .   ? 11.865  3.747   -6.487  1.00 16.15  ? 489 HOH A O   1 
HETATM 967 O O   . HOH C 3 .   ? 11.599  2.393   -9.137  1.00 16.12  ? 490 HOH A O   1 
HETATM 968 O O   . HOH C 3 .   ? 11.293  8.809   -1.300  1.00 39.63  ? 501 HOH A O   1 
HETATM 969 O O   . HOH C 3 .   ? 11.775  -7.594  -14.015 1.00 38.25  ? 503 HOH A O   1 
HETATM 970 O O   . HOH C 3 .   ? 2.397   -15.006 -15.592 1.00 33.91  ? 504 HOH A O   1 
HETATM 971 O O   . HOH C 3 .   ? 3.720   14.641  -4.573  1.00 33.20  ? 507 HOH A O   1 
HETATM 972 O O   . HOH C 3 .   ? -0.948  13.569  -8.411  1.00 32.18  ? 508 HOH A O   1 
HETATM 973 O O   . HOH C 3 .   ? 17.633  -4.439  -4.018  1.00 48.12  ? 513 HOH A O   1 
HETATM 974 O O   . HOH C 3 .   ? 9.030   -8.241  7.430   1.00 40.22  ? 701 HOH A O   1 
HETATM 975 O O   . HOH C 3 .   ? -4.716  5.489   13.643  1.00 44.77  ? 702 HOH A O   1 
HETATM 976 O O   . HOH C 3 .   ? 7.427   8.184   -4.790  1.00 21.49  ? 704 HOH A O   1 
HETATM 977 O O   . HOH C 3 .   ? 4.990   -8.078  7.848   1.00 47.23  ? 708 HOH A O   1 
HETATM 978 O O   . HOH C 3 .   ? -3.868  -9.157  -15.342 1.00 40.50  ? 709 HOH A O   1 
HETATM 979 O O   . HOH C 3 .   ? 7.100   -18.206 -20.254 1.00 53.14  ? 711 HOH A O   1 
HETATM 980 O O   . HOH C 3 .   ? -10.598 -10.754 -12.748 1.00 39.84  ? 712 HOH A O   1 
HETATM 981 O O   . HOH C 3 .   ? 3.770   -3.612  16.368  1.00 45.44  ? 900 HOH A O   1 
HETATM 982 O O   . HOH C 3 .   ? 6.699   -9.451  5.796   1.00 58.83  ? 901 HOH A O   1 
HETATM 983 O O   . HOH C 3 .   ? 10.297  -6.373  6.639   1.00 48.11  ? 902 HOH A O   1 
HETATM 984 O O   . HOH C 3 .   ? -0.955  -12.013 11.250  1.00 48.06  ? 903 HOH A O   1 
HETATM 985 O O   . HOH C 3 .   ? -5.689  17.379  3.116   1.00 40.29  ? 904 HOH A O   1 
HETATM 986 O O   . HOH C 3 .   ? 3.923   14.943  -0.324  1.00 57.61  ? 911 HOH A O   1 
HETATM 987 O O   . HOH C 3 .   ? 13.273  5.710   7.777   1.00 49.05  ? 912 HOH A O   1 
HETATM 988 O O   . HOH C 3 .   ? 5.600   -13.155 -20.634 1.00 61.27  ? 913 HOH A O   1 
HETATM 989 O O   . HOH C 3 .   ? -9.810  -9.062  -11.358 1.00 51.52  ? 914 HOH A O   1 
HETATM 990 O O   . HOH C 3 .   ? -6.082  -2.314  -14.894 1.00 76.36  ? 915 HOH A O   1 
HETATM 991 O O   . HOH C 3 .   ? 0.237   -3.933  -19.481 1.00 46.87  ? 916 HOH A O   1 
HETATM 992 O O   . HOH C 3 .   ? -7.494  2.310   -12.068 1.00 66.19  ? 917 HOH A O   1 
HETATM 993 O O   . HOH C 3 .   ? -13.513 -3.725  5.806   1.00 42.46  ? 918 HOH A O   1 
HETATM 994 O O   . HOH C 3 .   ? -1.120  -9.909  15.558  1.00 55.09  ? 919 HOH A O   1 
HETATM 995 O O   . HOH C 3 .   ? 14.754  -0.752  -1.571  1.00 54.02  ? 920 HOH A O   1 
HETATM 996 O O   . HOH C 3 .   ? -8.772  -11.816 -11.366 1.00 57.54  ? 921 HOH A O   1 
# 
